data_5AOR
#
_entry.id   5AOR
#
_cell.length_a   154.373
_cell.length_b   154.373
_cell.length_c   198.194
_cell.angle_alpha   90.00
_cell.angle_beta   90.00
_cell.angle_gamma   90.00
#
_symmetry.space_group_name_H-M   'P 43 21 2'
#
loop_
_entity.id
_entity.type
_entity.pdbx_description
1 polymer 'DOSAGE COMPENSATION REGULATOR'
2 polymer "5'-R(*UP*UP*UP*UP*UP*UP*UP*UP*UP*UP*UP)-3'"
3 non-polymer "ADENOSINE-5'-DIPHOSPHATE"
4 non-polymer 'MAGNESIUM ION'
5 non-polymer 'TETRAFLUOROALUMINATE ION'
6 non-polymer GLYCEROL
7 water water
#
loop_
_entity_poly.entity_id
_entity_poly.type
_entity_poly.pdbx_seq_one_letter_code
_entity_poly.pdbx_strand_id
1 'polypeptide(L)'
;MDIKSFLYQFCAKSQIEPKFDIRQTGPKNRQRFLCEVRVEPNTYIGVGNSTNKKDAEKNACRDFVNYLVRVGKLNTNDVP
ADAGASGGGPRTGLEGAGMAGGSGQQKRVFDGQSGPQDLGEAYRPLNHDGGDGGNRYSVIDRIQEQRDMNEAEAFDVNAA
IHGNWTIENAKERLNIYKQTNNIRDDYKYTPVGPEHARSFLAELSIYVPALNRTVTARESGSNKKSASKSCALSLVRQLF
HLNVIEPFSGTLKKKKDEQLKPYPVKLSPNLINKIDEVIKGLDLPVVNPRNIKIELDGPPIPLIVNLSRIDSSQQDGEKR
QESSVIPWAPPQANWNTWHACNIDEGELATTSIDDLSMDYERSLRDRRQNDNEYRQFLEFREKLPIAAMRSEILTAINDN
PVVIIRGNTGCGKTTQIAQYILDDYICSGQGGYANIYVTQPRRISAISVAERVARERCEQLGDTVGYSVRFESVFPRPYG
AILFCTVGVLLRKLEAGLRGVSHIIVDEIHERDVNSDFLLVILRDMVDTYPDLHVILMSATIDTTKFSKYFGICPVLEVP
GRAFPVQQFFLEDIIQMTDFVPSAESRRKRKEVEDEEQLLSEDKDEAEINYNKVCEDKYSQKTRNAMAMLSESDVSFELL
EALLMHIKSKNIPGAILVFLPGWNLIFALMKFLQNTNIFGDTSQYQILPCHSQIPRDEQRKVFEPVPEGVTKIILSTNIA
ETSITIDDIVFVIDICKARMKLFTSHNNLTSYATVWASKTNLEQRKGRAGRVRPGFCFTLCSRARFQALEDNLTPEMFRT
PLHEMALTIKLLRLGSIHHFLSKALEPPPVDAVIEAEVLLREMRCLDANDELTPLGRLLARLPIEPRLGKMMVLGAVFGC
ADLMAIMASYSSTFSEVFSLDIGQRRLANHQKALSGTKCSDHVAMIVASQMWRREKQRGEHMEARFCDWKGLQMSTMNVI
WDAKQQLLDLLQQAGFPEECMISHEVDERIDGDDPVLDVSLALLCLGLYPNICVHKEKRKVLTTESKAALLHKTSVNCSN
LAVTFPYPFFVFGEKIRTRAVSCKQLSMVSPLQVILFGSRKIDLAANNIVRVDNWLNFDIEPELAAKIGALKPALEDLIT
VACDNPSDILRLEEPYAQLVKVVKDLCVKSAGDFGLQRESGILPHQSRQFSDGGGPPKRGRFETGRFTNSSFGRRGNGRT
FGGGYGNNGGGYGNNGGGYGNIGGGYGNNAGGYGNNGGYGNNGGGYRNNGGGYGNNGGGYGNKRGGFGDSFESNRGSGGG
FRNGDQGGRWGNF
;
A,B
2 'polyribonucleotide' UUUUUUUUUUU C,D
#
# COMPACT_ATOMS: atom_id res chain seq x y z
N LEU A 119 -9.20 35.87 23.90
CA LEU A 119 -10.16 35.46 22.83
C LEU A 119 -9.49 34.47 21.86
N GLY A 120 -10.28 33.98 20.89
CA GLY A 120 -9.83 32.96 19.94
C GLY A 120 -10.30 31.60 20.37
N GLU A 121 -10.85 30.82 19.44
CA GLU A 121 -11.50 29.55 19.75
C GLU A 121 -10.52 28.49 20.26
N ALA A 122 -9.34 28.41 19.61
CA ALA A 122 -8.26 27.52 20.03
C ALA A 122 -7.86 27.71 21.50
N TYR A 123 -7.89 28.96 21.99
CA TYR A 123 -7.47 29.33 23.35
C TYR A 123 -8.59 29.63 24.35
N ARG A 124 -9.87 29.47 23.99
CA ARG A 124 -10.97 29.67 24.95
C ARG A 124 -10.87 28.67 26.13
N PRO A 125 -10.75 29.17 27.40
CA PRO A 125 -10.71 28.27 28.56
C PRO A 125 -12.11 27.80 28.99
N LEU A 126 -12.16 26.81 29.88
CA LEU A 126 -13.38 26.45 30.64
C LEU A 126 -13.77 27.56 31.64
N GLU A 145 -17.03 -47.14 -41.87
CA GLU A 145 -16.35 -46.15 -41.07
C GLU A 145 -17.30 -45.62 -39.98
N GLN A 146 -16.76 -45.32 -38.79
CA GLN A 146 -17.51 -44.66 -37.71
C GLN A 146 -18.81 -45.38 -37.26
N ARG A 147 -19.00 -46.64 -37.67
CA ARG A 147 -20.16 -47.45 -37.23
C ARG A 147 -20.15 -47.65 -35.73
N ASP A 148 -18.93 -47.80 -35.21
CA ASP A 148 -18.68 -47.92 -33.77
C ASP A 148 -19.23 -46.75 -32.96
N MET A 149 -19.06 -45.53 -33.47
CA MET A 149 -19.55 -44.30 -32.78
C MET A 149 -21.04 -44.30 -32.42
N ASN A 150 -21.89 -44.49 -33.42
CA ASN A 150 -23.34 -44.54 -33.17
C ASN A 150 -23.73 -45.66 -32.24
N GLU A 151 -23.06 -46.80 -32.40
CA GLU A 151 -23.27 -47.95 -31.52
C GLU A 151 -22.81 -47.66 -30.07
N ALA A 152 -21.69 -46.99 -29.91
CA ALA A 152 -21.23 -46.57 -28.61
C ALA A 152 -22.21 -45.56 -28.02
N GLU A 153 -22.72 -44.64 -28.84
CA GLU A 153 -23.70 -43.65 -28.38
C GLU A 153 -25.08 -44.20 -28.10
N ALA A 154 -25.45 -45.31 -28.73
CA ALA A 154 -26.77 -45.90 -28.51
C ALA A 154 -26.82 -46.73 -27.23
N PHE A 155 -25.66 -47.12 -26.72
CA PHE A 155 -25.53 -47.87 -25.46
C PHE A 155 -26.34 -47.20 -24.36
N ASP A 156 -27.05 -48.00 -23.59
CA ASP A 156 -27.95 -47.50 -22.58
C ASP A 156 -27.80 -48.33 -21.31
N VAL A 157 -27.24 -47.72 -20.27
CA VAL A 157 -26.94 -48.42 -19.01
C VAL A 157 -28.06 -48.47 -17.98
N ASN A 158 -29.12 -47.68 -18.13
CA ASN A 158 -30.01 -47.48 -17.00
C ASN A 158 -31.49 -47.44 -17.32
N ALA A 159 -31.91 -48.11 -18.40
CA ALA A 159 -33.32 -48.15 -18.73
C ALA A 159 -34.17 -48.74 -17.61
N ALA A 160 -33.62 -49.70 -16.86
CA ALA A 160 -34.43 -50.43 -15.87
C ALA A 160 -34.95 -49.54 -14.74
N ILE A 161 -34.29 -48.42 -14.48
CA ILE A 161 -34.78 -47.47 -13.49
C ILE A 161 -35.69 -46.39 -14.09
N HIS A 162 -35.83 -46.38 -15.41
CA HIS A 162 -36.67 -45.37 -16.10
C HIS A 162 -37.74 -46.06 -16.93
N GLY A 163 -38.44 -47.02 -16.33
CA GLY A 163 -39.60 -47.61 -16.96
C GLY A 163 -39.29 -48.46 -18.17
N ASN A 164 -38.07 -48.94 -18.28
CA ASN A 164 -37.58 -49.61 -19.48
C ASN A 164 -37.61 -48.79 -20.79
N TRP A 165 -37.59 -47.47 -20.66
CA TRP A 165 -37.49 -46.59 -21.79
C TRP A 165 -36.01 -46.44 -22.12
N THR A 166 -35.70 -46.73 -23.37
CA THR A 166 -34.35 -46.84 -23.83
C THR A 166 -34.20 -46.17 -25.20
N ILE A 167 -32.96 -46.05 -25.66
CA ILE A 167 -32.66 -45.39 -26.93
C ILE A 167 -33.47 -45.93 -28.09
N GLU A 168 -33.56 -47.24 -28.23
CA GLU A 168 -34.20 -47.75 -29.40
C GLU A 168 -35.73 -47.66 -29.39
N ASN A 169 -36.38 -47.41 -28.25
CA ASN A 169 -37.84 -47.32 -28.22
C ASN A 169 -38.39 -45.92 -27.94
N ALA A 170 -37.52 -44.97 -27.57
CA ALA A 170 -38.02 -43.69 -27.08
C ALA A 170 -38.66 -42.86 -28.21
N LYS A 171 -37.96 -42.75 -29.34
CA LYS A 171 -38.50 -42.00 -30.48
C LYS A 171 -39.84 -42.47 -30.97
N GLU A 172 -39.98 -43.79 -31.13
CA GLU A 172 -41.27 -44.32 -31.52
C GLU A 172 -42.35 -43.96 -30.50
N ARG A 173 -42.06 -44.07 -29.20
CA ARG A 173 -43.08 -43.78 -28.20
C ARG A 173 -43.49 -42.33 -28.28
N LEU A 174 -42.49 -41.47 -28.46
CA LEU A 174 -42.68 -40.05 -28.54
C LEU A 174 -43.49 -39.69 -29.79
N ASN A 175 -43.21 -40.34 -30.92
CA ASN A 175 -44.01 -40.21 -32.14
C ASN A 175 -45.49 -40.56 -31.90
N ILE A 176 -45.74 -41.65 -31.17
CA ILE A 176 -47.10 -42.04 -30.78
C ILE A 176 -47.72 -40.95 -29.88
N TYR A 177 -46.95 -40.42 -28.95
CA TYR A 177 -47.44 -39.36 -28.06
C TYR A 177 -47.81 -38.12 -28.88
N LYS A 178 -46.91 -37.69 -29.75
CA LYS A 178 -47.12 -36.51 -30.59
C LYS A 178 -48.36 -36.63 -31.50
N GLN A 179 -48.65 -37.84 -32.02
CA GLN A 179 -49.86 -38.10 -32.83
C GLN A 179 -51.18 -38.06 -32.02
N THR A 180 -51.14 -38.59 -30.80
CA THR A 180 -52.29 -38.62 -29.89
C THR A 180 -52.66 -37.21 -29.41
N ASN A 181 -51.65 -36.40 -29.15
CA ASN A 181 -51.84 -35.11 -28.51
C ASN A 181 -51.63 -33.92 -29.43
N ASN A 182 -51.65 -34.17 -30.75
CA ASN A 182 -51.50 -33.14 -31.79
C ASN A 182 -50.38 -32.12 -31.51
N ILE A 183 -49.21 -32.64 -31.12
CA ILE A 183 -48.00 -31.84 -30.87
C ILE A 183 -47.22 -31.67 -32.17
N ARG A 184 -47.15 -30.44 -32.65
CA ARG A 184 -46.51 -30.12 -33.93
C ARG A 184 -45.02 -29.80 -33.78
N ASP A 185 -44.57 -29.51 -32.56
CA ASP A 185 -43.16 -29.16 -32.34
C ASP A 185 -42.23 -30.24 -32.87
N ASP A 186 -41.12 -29.83 -33.49
CA ASP A 186 -40.05 -30.74 -33.94
C ASP A 186 -38.73 -30.39 -33.22
N TYR A 187 -37.72 -31.24 -33.42
CA TYR A 187 -36.40 -31.05 -32.77
C TYR A 187 -35.81 -29.75 -33.28
N LYS A 188 -35.26 -28.97 -32.36
CA LYS A 188 -34.45 -27.82 -32.72
C LYS A 188 -32.98 -28.25 -32.59
N TYR A 189 -32.25 -28.22 -33.70
CA TYR A 189 -30.83 -28.56 -33.76
C TYR A 189 -29.90 -27.37 -33.69
N THR A 190 -28.83 -27.51 -32.90
CA THR A 190 -27.76 -26.51 -32.83
C THR A 190 -26.43 -27.17 -33.18
N PRO A 191 -25.76 -26.69 -34.23
CA PRO A 191 -24.36 -27.09 -34.50
C PRO A 191 -23.41 -26.69 -33.38
N VAL A 192 -22.46 -27.57 -33.08
CA VAL A 192 -21.54 -27.38 -32.01
C VAL A 192 -20.18 -27.65 -32.62
N GLY A 193 -19.19 -26.88 -32.18
CA GLY A 193 -17.79 -27.17 -32.47
C GLY A 193 -17.26 -26.57 -33.75
N PRO A 194 -15.95 -26.70 -33.98
CA PRO A 194 -15.40 -26.29 -35.28
C PRO A 194 -15.85 -27.26 -36.38
N GLU A 195 -15.69 -26.86 -37.64
CA GLU A 195 -16.10 -27.71 -38.78
C GLU A 195 -15.41 -29.10 -38.82
N HIS A 196 -14.20 -29.19 -38.30
CA HIS A 196 -13.45 -30.46 -38.22
C HIS A 196 -13.81 -31.31 -37.00
N ALA A 197 -14.68 -30.83 -36.11
CA ALA A 197 -15.17 -31.62 -34.98
C ALA A 197 -16.61 -31.18 -34.67
N ARG A 198 -17.47 -31.36 -35.67
CA ARG A 198 -18.85 -30.89 -35.64
C ARG A 198 -19.72 -31.89 -34.88
N SER A 199 -20.47 -31.42 -33.88
CA SER A 199 -21.48 -32.26 -33.24
C SER A 199 -22.76 -31.46 -33.16
N PHE A 200 -23.78 -32.00 -32.50
CA PHE A 200 -25.11 -31.32 -32.43
C PHE A 200 -25.78 -31.40 -31.06
N LEU A 201 -26.49 -30.32 -30.72
CA LEU A 201 -27.49 -30.36 -29.65
C LEU A 201 -28.85 -30.56 -30.32
N ALA A 202 -29.73 -31.27 -29.62
CA ALA A 202 -31.12 -31.42 -30.03
C ALA A 202 -32.00 -31.09 -28.85
N GLU A 203 -33.00 -30.26 -29.09
CA GLU A 203 -33.86 -29.74 -28.05
C GLU A 203 -35.29 -29.99 -28.46
N LEU A 204 -36.15 -30.33 -27.48
CA LEU A 204 -37.58 -30.47 -27.73
C LEU A 204 -38.37 -30.20 -26.45
N SER A 205 -39.40 -29.37 -26.58
CA SER A 205 -40.27 -28.98 -25.47
C SER A 205 -41.69 -29.41 -25.78
N ILE A 206 -42.36 -29.94 -24.77
CA ILE A 206 -43.73 -30.37 -24.92
C ILE A 206 -44.53 -29.87 -23.74
N TYR A 207 -45.58 -29.10 -24.06
CA TYR A 207 -46.55 -28.67 -23.08
C TYR A 207 -47.50 -29.82 -22.82
N VAL A 208 -47.68 -30.16 -21.55
CA VAL A 208 -48.58 -31.21 -21.10
C VAL A 208 -49.76 -30.55 -20.39
N PRO A 209 -50.94 -30.45 -21.04
CA PRO A 209 -52.13 -29.84 -20.41
C PRO A 209 -52.49 -30.43 -19.05
N ALA A 210 -52.55 -31.75 -18.98
CA ALA A 210 -52.81 -32.48 -17.73
C ALA A 210 -51.98 -32.01 -16.49
N LEU A 211 -50.73 -31.57 -16.70
CA LEU A 211 -49.85 -31.10 -15.62
C LEU A 211 -49.69 -29.59 -15.58
N ASN A 212 -50.26 -28.90 -16.57
CA ASN A 212 -49.97 -27.49 -16.84
C ASN A 212 -48.47 -27.22 -16.69
N ARG A 213 -47.70 -27.85 -17.56
CA ARG A 213 -46.25 -27.84 -17.42
C ARG A 213 -45.62 -28.17 -18.75
N THR A 214 -44.49 -27.51 -19.00
CA THR A 214 -43.70 -27.76 -20.19
C THR A 214 -42.57 -28.66 -19.76
N VAL A 215 -42.43 -29.80 -20.44
CA VAL A 215 -41.32 -30.71 -20.21
C VAL A 215 -40.36 -30.50 -21.38
N THR A 216 -39.10 -30.27 -21.06
CA THR A 216 -38.06 -30.00 -22.04
C THR A 216 -36.92 -30.99 -21.89
N ALA A 217 -36.37 -31.37 -23.04
CA ALA A 217 -35.17 -32.14 -23.09
C ALA A 217 -34.20 -31.43 -24.03
N ARG A 218 -32.92 -31.54 -23.70
CA ARG A 218 -31.81 -30.93 -24.41
C ARG A 218 -30.62 -31.91 -24.25
N GLU A 219 -30.16 -32.48 -25.36
CA GLU A 219 -29.08 -33.47 -25.32
C GLU A 219 -28.19 -33.26 -26.52
N SER A 220 -27.01 -33.85 -26.47
CA SER A 220 -26.06 -33.78 -27.56
C SER A 220 -25.76 -35.14 -28.15
N GLY A 221 -25.13 -35.14 -29.31
CA GLY A 221 -24.67 -36.37 -29.94
C GLY A 221 -23.76 -35.99 -31.07
N SER A 222 -23.03 -36.99 -31.59
CA SER A 222 -22.06 -36.76 -32.67
C SER A 222 -22.75 -36.28 -33.94
N ASN A 223 -23.98 -36.73 -34.18
CA ASN A 223 -24.79 -36.30 -35.31
C ASN A 223 -26.23 -36.07 -34.86
N LYS A 224 -27.07 -35.58 -35.77
CA LYS A 224 -28.49 -35.31 -35.47
C LYS A 224 -29.29 -36.51 -35.05
N LYS A 225 -28.96 -37.64 -35.63
CA LYS A 225 -29.63 -38.88 -35.28
C LYS A 225 -29.38 -39.25 -33.79
N SER A 226 -28.13 -39.29 -33.34
CA SER A 226 -27.85 -39.62 -31.94
C SER A 226 -28.38 -38.54 -30.99
N ALA A 227 -28.25 -37.27 -31.37
CA ALA A 227 -28.69 -36.19 -30.50
C ALA A 227 -30.19 -36.24 -30.31
N SER A 228 -30.92 -36.50 -31.39
CA SER A 228 -32.38 -36.53 -31.34
C SER A 228 -32.87 -37.78 -30.60
N LYS A 229 -32.19 -38.92 -30.76
CA LYS A 229 -32.50 -40.11 -29.95
C LYS A 229 -32.31 -39.87 -28.45
N SER A 230 -31.18 -39.26 -28.06
CA SER A 230 -30.93 -38.97 -26.65
C SER A 230 -31.94 -37.96 -26.14
N CYS A 231 -32.27 -36.96 -26.96
CA CYS A 231 -33.26 -35.96 -26.58
C CYS A 231 -34.61 -36.61 -26.32
N ALA A 232 -35.04 -37.42 -27.28
CA ALA A 232 -36.31 -38.16 -27.14
C ALA A 232 -36.30 -39.07 -25.92
N LEU A 233 -35.16 -39.72 -25.63
CA LEU A 233 -35.07 -40.56 -24.46
C LEU A 233 -35.30 -39.80 -23.16
N SER A 234 -34.61 -38.68 -22.99
CA SER A 234 -34.82 -37.82 -21.83
C SER A 234 -36.28 -37.40 -21.67
N LEU A 235 -36.90 -36.97 -22.77
CA LEU A 235 -38.25 -36.45 -22.72
C LEU A 235 -39.26 -37.55 -22.34
N VAL A 236 -39.13 -38.73 -22.97
CA VAL A 236 -39.95 -39.88 -22.66
C VAL A 236 -39.77 -40.34 -21.21
N ARG A 237 -38.52 -40.36 -20.73
CA ARG A 237 -38.25 -40.75 -19.34
C ARG A 237 -38.85 -39.79 -18.30
N GLN A 238 -38.77 -38.50 -18.59
CA GLN A 238 -39.39 -37.51 -17.74
C GLN A 238 -40.88 -37.70 -17.69
N LEU A 239 -41.48 -37.86 -18.87
CA LEU A 239 -42.91 -38.15 -18.97
C LEU A 239 -43.32 -39.42 -18.23
N PHE A 240 -42.47 -40.45 -18.28
CA PHE A 240 -42.72 -41.67 -17.52
C PHE A 240 -42.76 -41.37 -16.02
N HIS A 241 -41.74 -40.67 -15.52
CA HIS A 241 -41.68 -40.39 -14.06
C HIS A 241 -42.75 -39.44 -13.56
N LEU A 242 -43.26 -38.57 -14.45
CA LEU A 242 -44.38 -37.70 -14.13
C LEU A 242 -45.75 -38.40 -14.36
N ASN A 243 -45.74 -39.71 -14.64
CA ASN A 243 -46.96 -40.49 -14.89
C ASN A 243 -47.83 -40.03 -16.06
N VAL A 244 -47.24 -39.38 -17.05
CA VAL A 244 -47.93 -39.05 -18.30
C VAL A 244 -47.88 -40.24 -19.28
N ILE A 245 -46.81 -41.03 -19.24
CA ILE A 245 -46.75 -42.22 -20.07
C ILE A 245 -46.40 -43.44 -19.23
N GLU A 246 -46.87 -44.57 -19.72
CA GLU A 246 -46.72 -45.86 -19.10
C GLU A 246 -45.28 -46.37 -19.09
N PRO A 247 -44.96 -47.32 -18.20
CA PRO A 247 -43.74 -48.11 -18.41
C PRO A 247 -43.73 -48.85 -19.77
N PHE A 248 -42.56 -49.04 -20.37
CA PHE A 248 -42.46 -49.93 -21.51
C PHE A 248 -42.69 -51.37 -21.05
N SER A 249 -43.51 -52.12 -21.78
CA SER A 249 -44.02 -53.42 -21.29
C SER A 249 -43.26 -54.62 -21.79
N GLY A 250 -42.37 -54.41 -22.77
CA GLY A 250 -41.56 -55.44 -23.37
C GLY A 250 -40.23 -55.68 -22.75
N THR A 251 -39.59 -56.73 -23.21
CA THR A 251 -38.30 -57.14 -22.65
C THR A 251 -37.24 -56.38 -23.37
N LEU A 252 -36.21 -55.95 -22.66
CA LEU A 252 -35.10 -55.32 -23.31
C LEU A 252 -34.05 -56.35 -23.75
N LYS A 253 -33.37 -56.01 -24.85
CA LYS A 253 -32.47 -56.87 -25.63
C LYS A 253 -31.07 -56.95 -24.96
N LYS A 254 -30.69 -58.15 -24.50
CA LYS A 254 -29.40 -58.35 -23.79
C LYS A 254 -28.43 -59.17 -24.64
N ASP A 257 -24.15 -60.39 -30.15
CA ASP A 257 -23.79 -61.32 -29.09
C ASP A 257 -22.27 -61.45 -29.13
N GLU A 258 -21.72 -62.53 -29.69
CA GLU A 258 -20.31 -62.88 -29.56
C GLU A 258 -19.50 -62.73 -28.24
N GLN A 259 -19.88 -63.46 -27.22
CA GLN A 259 -19.19 -63.42 -25.92
C GLN A 259 -17.68 -63.37 -26.08
N LEU A 260 -17.02 -62.64 -25.19
CA LEU A 260 -15.56 -62.57 -25.22
C LEU A 260 -14.94 -63.85 -24.68
N LYS A 261 -13.76 -64.19 -25.21
CA LYS A 261 -13.05 -65.40 -24.80
C LYS A 261 -12.79 -65.41 -23.27
N PRO A 262 -12.96 -66.57 -22.62
CA PRO A 262 -12.73 -66.61 -21.17
C PRO A 262 -11.25 -66.40 -20.81
N TYR A 263 -10.98 -65.61 -19.78
CA TYR A 263 -9.64 -65.31 -19.36
C TYR A 263 -9.28 -66.24 -18.19
N PRO A 264 -8.18 -67.01 -18.32
CA PRO A 264 -7.82 -67.96 -17.25
C PRO A 264 -7.32 -67.32 -15.92
N VAL A 265 -7.81 -67.83 -14.80
CA VAL A 265 -7.37 -67.33 -13.48
C VAL A 265 -7.20 -68.52 -12.53
N LYS A 266 -6.05 -68.55 -11.87
CA LYS A 266 -5.71 -69.63 -10.97
C LYS A 266 -4.98 -69.09 -9.78
N LEU A 267 -5.29 -69.63 -8.59
CA LEU A 267 -4.73 -69.18 -7.29
C LEU A 267 -3.96 -70.30 -6.64
N SER A 268 -3.01 -69.96 -5.77
CA SER A 268 -2.25 -70.98 -5.02
C SER A 268 -3.14 -71.62 -3.94
N PRO A 269 -2.85 -72.90 -3.59
CA PRO A 269 -3.61 -73.56 -2.49
C PRO A 269 -3.56 -72.76 -1.19
N ASN A 270 -2.39 -72.22 -0.93
CA ASN A 270 -2.15 -71.34 0.19
C ASN A 270 -3.14 -70.16 0.25
N LEU A 271 -3.30 -69.48 -0.88
CA LEU A 271 -4.21 -68.33 -0.95
C LEU A 271 -5.66 -68.76 -0.76
N ILE A 272 -6.03 -69.88 -1.38
CA ILE A 272 -7.37 -70.42 -1.26
C ILE A 272 -7.71 -70.78 0.20
N ASN A 273 -6.76 -71.37 0.92
CA ASN A 273 -6.90 -71.64 2.36
C ASN A 273 -7.19 -70.39 3.15
N LYS A 274 -6.45 -69.32 2.88
CA LYS A 274 -6.70 -68.04 3.55
C LYS A 274 -8.11 -67.55 3.30
N ILE A 275 -8.62 -67.75 2.07
CA ILE A 275 -9.98 -67.31 1.75
C ILE A 275 -10.94 -68.11 2.63
N ASP A 276 -10.76 -69.43 2.67
CA ASP A 276 -11.64 -70.31 3.51
C ASP A 276 -11.66 -69.88 4.98
N GLU A 277 -10.48 -69.60 5.55
CA GLU A 277 -10.35 -69.09 6.93
C GLU A 277 -11.13 -67.79 7.13
N VAL A 278 -11.07 -66.88 6.16
CA VAL A 278 -11.80 -65.61 6.29
C VAL A 278 -13.31 -65.82 6.22
N ILE A 279 -13.76 -66.61 5.25
CA ILE A 279 -15.18 -66.97 5.15
C ILE A 279 -15.70 -67.56 6.47
N LYS A 280 -14.96 -68.52 7.02
CA LYS A 280 -15.32 -69.13 8.32
C LYS A 280 -15.34 -68.09 9.44
N GLY A 281 -14.24 -67.33 9.56
CA GLY A 281 -14.11 -66.28 10.57
C GLY A 281 -15.22 -65.25 10.59
N LEU A 282 -15.75 -64.88 9.42
CA LEU A 282 -16.85 -63.91 9.31
C LEU A 282 -18.21 -64.55 9.10
N ASP A 283 -18.26 -65.88 9.12
CA ASP A 283 -19.50 -66.61 9.02
C ASP A 283 -20.27 -66.19 7.75
N LEU A 284 -19.55 -66.14 6.62
CA LEU A 284 -20.11 -65.53 5.40
C LEU A 284 -20.91 -66.56 4.63
N PRO A 285 -22.07 -66.16 4.13
CA PRO A 285 -22.79 -67.03 3.20
C PRO A 285 -22.07 -67.09 1.84
N VAL A 286 -21.92 -68.31 1.34
CA VAL A 286 -21.23 -68.58 0.08
C VAL A 286 -22.18 -69.40 -0.82
N VAL A 287 -22.33 -68.99 -2.08
CA VAL A 287 -23.11 -69.78 -3.04
C VAL A 287 -22.33 -71.04 -3.39
N ASN A 288 -23.01 -72.17 -3.43
CA ASN A 288 -22.40 -73.46 -3.78
C ASN A 288 -22.82 -73.86 -5.20
N PRO A 289 -21.96 -73.65 -6.20
CA PRO A 289 -22.33 -73.93 -7.59
C PRO A 289 -22.43 -75.43 -7.97
N ARG A 290 -22.04 -76.37 -7.09
CA ARG A 290 -22.43 -77.78 -7.23
C ARG A 290 -23.95 -77.91 -7.39
N ASN A 291 -24.67 -77.16 -6.56
CA ASN A 291 -26.15 -77.12 -6.59
C ASN A 291 -26.72 -76.07 -7.58
N ILE A 292 -25.97 -75.80 -8.65
CA ILE A 292 -26.40 -74.96 -9.77
C ILE A 292 -26.50 -75.92 -10.98
N LYS A 293 -27.75 -76.24 -11.34
CA LYS A 293 -28.03 -77.31 -12.28
C LYS A 293 -27.80 -76.87 -13.74
N ILE A 294 -28.70 -76.02 -14.24
CA ILE A 294 -28.78 -75.69 -15.68
C ILE A 294 -27.52 -74.92 -16.15
N GLU A 295 -26.73 -75.59 -16.99
CA GLU A 295 -25.63 -74.99 -17.75
C GLU A 295 -25.91 -75.38 -19.24
N LEU A 296 -27.14 -75.15 -19.72
CA LEU A 296 -27.56 -75.51 -21.11
C LEU A 296 -27.72 -74.15 -21.81
N ASP A 297 -28.90 -73.57 -21.66
CA ASP A 297 -29.37 -72.47 -22.48
C ASP A 297 -30.44 -71.75 -21.67
N GLY A 298 -29.95 -71.17 -20.59
CA GLY A 298 -30.72 -70.37 -19.68
C GLY A 298 -29.81 -69.26 -19.24
N PRO A 299 -30.31 -68.42 -18.34
CA PRO A 299 -29.53 -67.29 -17.90
C PRO A 299 -28.43 -67.69 -16.90
N PRO A 300 -27.36 -66.91 -16.83
CA PRO A 300 -26.37 -67.18 -15.79
C PRO A 300 -26.96 -67.11 -14.36
N ILE A 301 -26.36 -67.84 -13.43
CA ILE A 301 -26.84 -67.92 -12.04
C ILE A 301 -25.93 -67.10 -11.14
N PRO A 302 -26.51 -66.26 -10.24
CA PRO A 302 -25.61 -65.45 -9.38
C PRO A 302 -24.73 -66.28 -8.44
N LEU A 303 -23.50 -65.82 -8.22
CA LEU A 303 -22.59 -66.46 -7.27
C LEU A 303 -22.34 -65.58 -6.07
N ILE A 304 -23.06 -64.44 -5.96
CA ILE A 304 -22.99 -63.53 -4.80
C ILE A 304 -24.36 -63.45 -4.17
N VAL A 305 -24.39 -63.46 -2.83
CA VAL A 305 -25.55 -63.14 -2.01
C VAL A 305 -25.27 -61.76 -1.45
N ASN A 306 -25.85 -60.72 -2.01
CA ASN A 306 -25.51 -59.35 -1.54
C ASN A 306 -26.45 -58.93 -0.41
N LEU A 307 -26.04 -59.33 0.79
CA LEU A 307 -26.75 -59.04 2.03
C LEU A 307 -25.73 -58.44 3.04
N SER A 308 -26.17 -57.46 3.83
CA SER A 308 -25.31 -56.82 4.86
C SER A 308 -25.37 -57.56 6.22
N ARG A 309 -24.89 -56.92 7.29
CA ARG A 309 -25.04 -57.46 8.65
C ARG A 309 -24.98 -56.39 9.79
N ILE A 310 -25.68 -55.26 9.58
CA ILE A 310 -25.77 -54.12 10.55
C ILE A 310 -24.41 -53.73 11.17
N GLU A 322 -37.22 -34.92 11.80
CA GLU A 322 -36.64 -33.58 11.81
C GLU A 322 -35.73 -33.34 10.59
N SER A 323 -36.07 -32.33 9.77
CA SER A 323 -35.24 -31.86 8.65
C SER A 323 -35.12 -30.32 8.69
N SER A 324 -33.97 -29.86 9.21
CA SER A 324 -33.75 -28.49 9.69
C SER A 324 -33.66 -27.35 8.66
N VAL A 325 -33.41 -26.18 9.20
CA VAL A 325 -33.02 -24.98 8.45
C VAL A 325 -31.57 -24.70 8.81
N ILE A 326 -30.83 -24.00 7.93
CA ILE A 326 -29.43 -23.65 8.24
C ILE A 326 -29.43 -22.70 9.44
N PRO A 327 -28.62 -22.97 10.48
CA PRO A 327 -28.56 -22.03 11.63
C PRO A 327 -28.09 -20.62 11.25
N TRP A 328 -28.66 -19.62 11.93
CA TRP A 328 -28.27 -18.21 11.81
C TRP A 328 -28.50 -17.54 13.17
N ALA A 329 -27.79 -16.46 13.43
CA ALA A 329 -28.03 -15.65 14.63
C ALA A 329 -27.44 -14.28 14.39
N PRO A 330 -27.90 -13.29 15.16
CA PRO A 330 -27.23 -11.97 15.04
C PRO A 330 -25.81 -12.03 15.63
N PRO A 331 -25.06 -10.92 15.56
CA PRO A 331 -23.68 -10.93 16.08
C PRO A 331 -23.63 -11.22 17.58
N GLN A 332 -22.60 -11.92 18.02
CA GLN A 332 -22.48 -12.29 19.44
C GLN A 332 -21.00 -12.11 19.89
N ALA A 333 -20.82 -11.76 21.17
CA ALA A 333 -19.49 -11.67 21.75
C ALA A 333 -18.82 -13.05 21.73
N ASN A 334 -17.50 -13.05 21.67
CA ASN A 334 -16.67 -14.25 21.75
C ASN A 334 -16.96 -15.27 20.64
N TRP A 335 -17.35 -14.77 19.46
CA TRP A 335 -17.65 -15.64 18.32
C TRP A 335 -16.93 -15.13 17.07
N ASN A 336 -16.21 -16.02 16.40
CA ASN A 336 -15.65 -15.74 15.09
C ASN A 336 -16.60 -16.27 14.02
N THR A 337 -17.23 -15.34 13.31
CA THR A 337 -18.23 -15.66 12.27
C THR A 337 -17.63 -16.51 11.14
N TRP A 338 -16.45 -16.11 10.71
CA TRP A 338 -15.81 -16.72 9.55
C TRP A 338 -15.42 -18.18 9.80
N HIS A 339 -15.00 -18.49 11.03
CA HIS A 339 -14.64 -19.86 11.39
C HIS A 339 -15.73 -20.60 12.15
N ALA A 340 -16.79 -19.90 12.54
CA ALA A 340 -17.90 -20.52 13.29
C ALA A 340 -17.42 -21.25 14.56
N CYS A 341 -16.69 -20.53 15.40
CA CYS A 341 -16.20 -21.09 16.66
C CYS A 341 -16.12 -20.00 17.66
N ASN A 342 -16.09 -20.41 18.92
CA ASN A 342 -15.94 -19.47 20.01
C ASN A 342 -14.49 -19.01 19.99
N ILE A 343 -14.22 -17.79 20.42
CA ILE A 343 -12.87 -17.23 20.36
C ILE A 343 -12.02 -17.72 21.59
N ASP A 344 -12.49 -17.43 22.81
CA ASP A 344 -11.88 -17.91 24.07
C ASP A 344 -10.46 -17.40 24.49
N GLU A 345 -9.74 -16.77 23.56
CA GLU A 345 -8.37 -16.30 23.80
C GLU A 345 -8.28 -14.79 23.86
N GLY A 346 -7.41 -14.29 24.73
CA GLY A 346 -6.98 -12.91 24.75
C GLY A 346 -7.98 -11.91 25.29
N GLU A 347 -8.56 -11.14 24.35
CA GLU A 347 -9.34 -9.96 24.71
C GLU A 347 -10.57 -9.71 23.82
N LEU A 348 -11.36 -10.76 23.60
CA LEU A 348 -12.83 -10.68 23.75
C LEU A 348 -13.07 -11.46 25.05
N ALA A 349 -12.59 -10.83 26.12
CA ALA A 349 -12.69 -11.28 27.50
C ALA A 349 -13.35 -10.13 28.27
N THR A 350 -12.72 -8.96 28.23
CA THR A 350 -13.29 -7.70 28.74
C THR A 350 -13.85 -6.77 27.61
N THR A 351 -13.90 -7.27 26.37
CA THR A 351 -14.17 -6.44 25.16
C THR A 351 -15.50 -6.83 24.49
N SER A 352 -16.48 -5.95 24.59
CA SER A 352 -17.80 -6.19 24.04
C SER A 352 -17.82 -5.71 22.57
N ILE A 353 -18.91 -6.00 21.88
CA ILE A 353 -19.10 -5.59 20.49
C ILE A 353 -19.23 -4.06 20.40
N ASP A 354 -19.87 -3.45 21.39
CA ASP A 354 -19.98 -1.97 21.45
C ASP A 354 -18.60 -1.29 21.56
N ASP A 355 -17.69 -1.83 22.39
CA ASP A 355 -16.37 -1.26 22.56
C ASP A 355 -15.59 -1.33 21.26
N LEU A 356 -15.67 -2.48 20.61
CA LEU A 356 -15.12 -2.66 19.28
C LEU A 356 -15.63 -1.62 18.31
N SER A 357 -16.95 -1.45 18.30
CA SER A 357 -17.60 -0.51 17.38
C SER A 357 -17.04 0.89 17.58
N MET A 358 -16.92 1.30 18.85
CA MET A 358 -16.30 2.59 19.30
C MET A 358 -14.89 2.77 18.74
N ASP A 359 -14.08 1.72 18.85
CA ASP A 359 -12.72 1.76 18.30
C ASP A 359 -12.73 1.93 16.77
N TYR A 360 -13.60 1.21 16.07
CA TYR A 360 -13.64 1.29 14.59
C TYR A 360 -14.10 2.65 14.11
N GLU A 361 -15.09 3.21 14.79
CA GLU A 361 -15.59 4.53 14.40
C GLU A 361 -14.51 5.63 14.60
N ARG A 362 -13.84 5.61 15.75
CA ARG A 362 -12.76 6.57 16.02
C ARG A 362 -11.66 6.43 14.98
N SER A 363 -11.28 5.21 14.69
CA SER A 363 -10.21 4.95 13.75
C SER A 363 -10.58 5.41 12.34
N LEU A 364 -11.82 5.12 11.91
CA LEU A 364 -12.23 5.47 10.55
C LEU A 364 -12.32 6.98 10.41
N ARG A 365 -12.93 7.61 11.43
CA ARG A 365 -13.15 9.06 11.44
C ARG A 365 -11.80 9.80 11.50
N ASP A 366 -10.84 9.22 12.22
CA ASP A 366 -9.47 9.75 12.26
C ASP A 366 -8.87 9.68 10.85
N ARG A 367 -8.93 8.51 10.23
CA ARG A 367 -8.39 8.36 8.88
C ARG A 367 -9.05 9.28 7.87
N ARG A 368 -10.37 9.47 7.98
CA ARG A 368 -11.13 10.32 7.06
C ARG A 368 -10.57 11.74 7.06
N GLN A 369 -10.11 12.22 8.20
CA GLN A 369 -9.51 13.56 8.30
C GLN A 369 -8.03 13.63 7.98
N ASN A 370 -7.29 12.63 8.41
CA ASN A 370 -5.84 12.73 8.54
C ASN A 370 -5.04 11.93 7.50
N ASP A 371 -5.67 10.96 6.82
CA ASP A 371 -4.95 10.07 5.93
C ASP A 371 -5.21 10.55 4.50
N ASN A 372 -4.18 11.14 3.89
CA ASN A 372 -4.33 11.78 2.60
C ASN A 372 -4.64 10.78 1.47
N GLU A 373 -3.99 9.62 1.51
CA GLU A 373 -4.21 8.59 0.54
C GLU A 373 -5.66 8.10 0.64
N TYR A 374 -6.15 7.91 1.85
CA TYR A 374 -7.52 7.48 2.09
C TYR A 374 -8.50 8.53 1.63
N ARG A 375 -8.21 9.79 1.95
CA ARG A 375 -9.00 10.93 1.45
C ARG A 375 -9.11 10.95 -0.07
N GLN A 376 -7.99 10.74 -0.74
CA GLN A 376 -8.01 10.68 -2.20
C GLN A 376 -8.90 9.56 -2.72
N PHE A 377 -8.83 8.40 -2.09
CA PHE A 377 -9.63 7.26 -2.49
C PHE A 377 -11.10 7.53 -2.31
N LEU A 378 -11.47 8.21 -1.20
CA LEU A 378 -12.86 8.63 -1.00
C LEU A 378 -13.32 9.58 -2.12
N GLU A 379 -12.46 10.52 -2.49
CA GLU A 379 -12.75 11.43 -3.60
C GLU A 379 -12.97 10.69 -4.90
N PHE A 380 -12.11 9.70 -5.17
CA PHE A 380 -12.27 8.87 -6.36
C PHE A 380 -13.59 8.11 -6.30
N ARG A 381 -13.86 7.50 -5.16
CA ARG A 381 -15.04 6.62 -4.99
C ARG A 381 -16.40 7.34 -5.19
N GLU A 382 -16.46 8.58 -4.71
CA GLU A 382 -17.62 9.46 -4.86
C GLU A 382 -18.01 9.73 -6.31
N LYS A 383 -17.06 9.62 -7.24
CA LYS A 383 -17.29 9.84 -8.65
C LYS A 383 -17.79 8.60 -9.42
N LEU A 384 -17.81 7.42 -8.81
CA LEU A 384 -18.31 6.23 -9.50
C LEU A 384 -19.80 6.35 -9.74
N PRO A 385 -20.30 5.82 -10.87
CA PRO A 385 -21.73 5.92 -11.12
C PRO A 385 -22.64 5.48 -9.96
N ILE A 386 -22.27 4.41 -9.26
CA ILE A 386 -23.15 3.88 -8.19
C ILE A 386 -23.25 4.81 -6.96
N ALA A 387 -22.32 5.74 -6.80
CA ALA A 387 -22.36 6.64 -5.65
C ALA A 387 -23.62 7.49 -5.61
N ALA A 388 -24.16 7.79 -6.78
CA ALA A 388 -25.36 8.57 -6.89
C ALA A 388 -26.53 7.86 -6.21
N MET A 389 -26.42 6.54 -5.97
CA MET A 389 -27.51 5.80 -5.34
C MET A 389 -27.21 5.16 -3.99
N ARG A 390 -26.17 5.64 -3.34
CA ARG A 390 -25.68 5.01 -2.10
C ARG A 390 -26.76 4.94 -1.05
N SER A 391 -27.37 6.08 -0.78
CA SER A 391 -28.39 6.22 0.24
C SER A 391 -29.63 5.37 -0.08
N GLU A 392 -30.10 5.45 -1.32
CA GLU A 392 -31.26 4.69 -1.74
C GLU A 392 -30.94 3.18 -1.61
N ILE A 393 -29.76 2.76 -2.07
CA ILE A 393 -29.39 1.35 -1.97
C ILE A 393 -29.35 0.91 -0.50
N LEU A 394 -28.70 1.69 0.37
CA LEU A 394 -28.63 1.35 1.80
C LEU A 394 -30.00 1.27 2.47
N THR A 395 -30.89 2.19 2.14
CA THR A 395 -32.25 2.15 2.66
C THR A 395 -32.99 0.90 2.22
N ALA A 396 -32.92 0.59 0.93
CA ALA A 396 -33.56 -0.62 0.41
C ALA A 396 -33.01 -1.89 1.13
N ILE A 397 -31.70 -1.97 1.28
CA ILE A 397 -31.08 -3.15 1.91
C ILE A 397 -31.58 -3.21 3.33
N ASN A 398 -31.54 -2.08 4.03
CA ASN A 398 -31.90 -2.05 5.44
C ASN A 398 -33.35 -2.49 5.73
N ASP A 399 -34.26 -2.13 4.86
CA ASP A 399 -35.68 -2.35 5.08
C ASP A 399 -36.23 -3.63 4.44
N ASN A 400 -35.42 -4.36 3.66
CA ASN A 400 -35.89 -5.56 2.97
C ASN A 400 -34.94 -6.74 3.16
N PRO A 401 -35.49 -7.93 3.34
CA PRO A 401 -34.58 -9.09 3.52
C PRO A 401 -33.83 -9.44 2.22
N VAL A 402 -34.43 -9.14 1.06
CA VAL A 402 -33.82 -9.41 -0.25
C VAL A 402 -33.94 -8.22 -1.15
N VAL A 403 -32.84 -7.86 -1.79
CA VAL A 403 -32.79 -6.77 -2.77
C VAL A 403 -32.02 -7.21 -4.03
N ILE A 404 -32.44 -6.72 -5.19
CA ILE A 404 -31.69 -6.91 -6.45
C ILE A 404 -31.09 -5.56 -6.91
N ILE A 405 -29.81 -5.57 -7.26
CA ILE A 405 -29.11 -4.39 -7.79
C ILE A 405 -28.73 -4.72 -9.23
N ARG A 406 -29.25 -3.95 -10.16
CA ARG A 406 -28.93 -4.06 -11.57
C ARG A 406 -28.18 -2.79 -11.92
N GLY A 407 -26.92 -2.92 -12.31
CA GLY A 407 -26.09 -1.79 -12.71
C GLY A 407 -25.06 -2.18 -13.75
N ASN A 408 -24.67 -1.23 -14.60
CA ASN A 408 -23.85 -1.55 -15.74
C ASN A 408 -22.48 -2.05 -15.32
N THR A 409 -21.82 -2.71 -16.26
CA THR A 409 -20.47 -3.20 -16.06
C THR A 409 -19.60 -2.03 -15.67
N GLY A 410 -18.90 -2.18 -14.58
CA GLY A 410 -18.00 -1.16 -14.08
C GLY A 410 -18.55 -0.07 -13.23
N CYS A 411 -19.85 -0.10 -12.95
CA CYS A 411 -20.50 1.02 -12.29
C CYS A 411 -20.15 1.09 -10.80
N GLY A 412 -19.67 -0.02 -10.21
CA GLY A 412 -19.23 -0.05 -8.81
C GLY A 412 -19.94 -1.00 -7.85
N LYS A 413 -20.64 -2.00 -8.38
CA LYS A 413 -21.46 -2.87 -7.54
C LYS A 413 -20.61 -3.62 -6.48
N THR A 414 -19.53 -4.26 -6.93
CA THR A 414 -18.77 -5.16 -6.08
C THR A 414 -17.78 -4.49 -5.15
N THR A 415 -17.08 -3.50 -5.69
CA THR A 415 -16.16 -2.71 -4.90
C THR A 415 -16.85 -1.81 -3.88
N GLN A 416 -18.03 -1.31 -4.22
CA GLN A 416 -18.67 -0.29 -3.37
C GLN A 416 -19.73 -0.75 -2.38
N ILE A 417 -20.64 -1.63 -2.78
CA ILE A 417 -21.84 -1.86 -1.95
C ILE A 417 -21.45 -2.42 -0.56
N ALA A 418 -20.52 -3.38 -0.56
CA ALA A 418 -20.06 -3.96 0.69
C ALA A 418 -19.47 -2.89 1.59
N GLN A 419 -18.70 -1.97 1.00
CA GLN A 419 -18.14 -0.86 1.77
C GLN A 419 -19.23 0.08 2.29
N TYR A 420 -20.22 0.40 1.45
CA TYR A 420 -21.31 1.26 1.87
C TYR A 420 -21.99 0.69 3.11
N ILE A 421 -22.28 -0.59 3.09
CA ILE A 421 -22.96 -1.24 4.21
C ILE A 421 -22.04 -1.16 5.45
N LEU A 422 -20.81 -1.62 5.31
CA LEU A 422 -19.88 -1.66 6.45
C LEU A 422 -19.61 -0.28 7.02
N ASP A 423 -19.40 0.68 6.14
CA ASP A 423 -19.11 2.05 6.60
C ASP A 423 -20.32 2.71 7.24
N ASP A 424 -21.50 2.34 6.79
CA ASP A 424 -22.73 2.86 7.42
C ASP A 424 -22.84 2.34 8.88
N TYR A 425 -22.54 1.07 9.09
CA TYR A 425 -22.47 0.54 10.47
C TYR A 425 -21.35 1.23 11.28
N ILE A 426 -20.16 1.32 10.71
CA ILE A 426 -19.04 1.91 11.44
C ILE A 426 -19.32 3.36 11.87
N CYS A 427 -19.72 4.19 10.90
CA CYS A 427 -19.95 5.60 11.17
C CYS A 427 -21.06 5.85 12.15
N SER A 428 -21.99 4.91 12.32
CA SER A 428 -23.05 5.10 13.28
C SER A 428 -22.74 4.44 14.66
N GLY A 429 -21.49 4.09 14.90
CA GLY A 429 -21.11 3.44 16.17
C GLY A 429 -21.56 2.00 16.30
N GLN A 430 -21.78 1.30 15.17
CA GLN A 430 -22.26 -0.09 15.23
C GLN A 430 -21.43 -1.01 14.35
N GLY A 431 -20.18 -0.63 14.11
CA GLY A 431 -19.30 -1.36 13.17
C GLY A 431 -19.09 -2.83 13.49
N GLY A 432 -19.10 -3.17 14.77
CA GLY A 432 -18.97 -4.57 15.18
C GLY A 432 -20.16 -5.48 14.92
N TYR A 433 -21.31 -4.90 14.57
CA TYR A 433 -22.55 -5.66 14.26
C TYR A 433 -22.72 -5.98 12.77
N ALA A 434 -21.69 -5.69 11.96
CA ALA A 434 -21.69 -5.99 10.53
C ALA A 434 -20.67 -7.08 10.19
N ASN A 435 -21.09 -8.01 9.33
CA ASN A 435 -20.20 -9.00 8.71
C ASN A 435 -20.82 -9.40 7.38
N ILE A 436 -20.07 -9.15 6.32
CA ILE A 436 -20.58 -9.28 4.97
C ILE A 436 -19.78 -10.33 4.20
N TYR A 437 -20.49 -11.34 3.74
CA TYR A 437 -19.99 -12.24 2.68
C TYR A 437 -20.31 -11.67 1.30
N VAL A 438 -19.37 -11.79 0.37
CA VAL A 438 -19.60 -11.44 -1.03
C VAL A 438 -19.12 -12.61 -1.89
N THR A 439 -20.06 -13.31 -2.52
CA THR A 439 -19.71 -14.45 -3.37
C THR A 439 -19.42 -13.97 -4.78
N GLN A 440 -18.45 -14.62 -5.43
CA GLN A 440 -18.17 -14.46 -6.88
C GLN A 440 -18.14 -15.87 -7.49
N PRO A 441 -18.50 -16.01 -8.77
CA PRO A 441 -18.39 -17.33 -9.39
C PRO A 441 -16.94 -17.84 -9.55
N ARG A 442 -15.96 -16.96 -9.74
CA ARG A 442 -14.58 -17.36 -9.98
C ARG A 442 -13.56 -16.93 -8.92
N ARG A 443 -12.51 -17.74 -8.82
CA ARG A 443 -11.47 -17.57 -7.81
C ARG A 443 -10.71 -16.25 -8.02
N ILE A 444 -10.33 -16.01 -9.27
CA ILE A 444 -9.62 -14.82 -9.67
C ILE A 444 -10.42 -13.54 -9.35
N SER A 445 -11.74 -13.58 -9.48
CA SER A 445 -12.61 -12.46 -9.10
C SER A 445 -12.59 -12.20 -7.62
N ALA A 446 -12.81 -13.25 -6.83
CA ALA A 446 -12.81 -13.09 -5.36
C ALA A 446 -11.51 -12.47 -4.87
N ILE A 447 -10.38 -12.97 -5.36
CA ILE A 447 -9.06 -12.52 -4.90
C ILE A 447 -8.80 -11.07 -5.35
N SER A 448 -8.91 -10.86 -6.66
CA SER A 448 -8.64 -9.59 -7.31
C SER A 448 -9.49 -8.43 -6.74
N VAL A 449 -10.78 -8.67 -6.59
CA VAL A 449 -11.66 -7.60 -6.08
C VAL A 449 -11.42 -7.35 -4.59
N ALA A 450 -11.18 -8.43 -3.83
CA ALA A 450 -10.76 -8.26 -2.42
C ALA A 450 -9.50 -7.38 -2.30
N GLU A 451 -8.51 -7.65 -3.15
CA GLU A 451 -7.28 -6.83 -3.14
C GLU A 451 -7.58 -5.35 -3.43
N ARG A 452 -8.41 -5.12 -4.45
CA ARG A 452 -8.84 -3.75 -4.75
C ARG A 452 -9.55 -3.07 -3.55
N VAL A 453 -10.48 -3.77 -2.91
CA VAL A 453 -11.27 -3.15 -1.83
C VAL A 453 -10.34 -2.82 -0.62
N ALA A 454 -9.39 -3.71 -0.32
CA ALA A 454 -8.35 -3.42 0.70
C ALA A 454 -7.58 -2.15 0.36
N ARG A 455 -7.16 -2.04 -0.90
CA ARG A 455 -6.50 -0.82 -1.35
C ARG A 455 -7.39 0.44 -1.26
N GLU A 456 -8.68 0.35 -1.61
CA GLU A 456 -9.59 1.52 -1.48
C GLU A 456 -9.72 1.97 -0.03
N ARG A 457 -9.56 1.04 0.91
CA ARG A 457 -9.60 1.35 2.32
C ARG A 457 -8.23 1.67 2.91
N CYS A 458 -7.20 1.71 2.06
CA CYS A 458 -5.79 1.87 2.48
C CYS A 458 -5.38 0.90 3.59
N GLU A 459 -5.76 -0.37 3.42
CA GLU A 459 -5.38 -1.45 4.33
C GLU A 459 -4.72 -2.59 3.55
N GLN A 460 -4.06 -3.45 4.31
CA GLN A 460 -3.59 -4.78 3.92
C GLN A 460 -4.77 -5.73 4.02
N LEU A 461 -4.87 -6.72 3.13
CA LEU A 461 -5.81 -7.82 3.33
C LEU A 461 -5.56 -8.39 4.71
N GLY A 462 -6.61 -8.79 5.40
CA GLY A 462 -6.50 -9.35 6.73
C GLY A 462 -7.10 -8.51 7.82
N ASP A 463 -7.36 -7.24 7.54
CA ASP A 463 -7.95 -6.32 8.52
C ASP A 463 -9.47 -6.29 8.33
N THR A 464 -10.03 -5.30 7.62
CA THR A 464 -11.46 -5.30 7.36
C THR A 464 -11.83 -6.18 6.19
N VAL A 465 -10.90 -6.37 5.24
CA VAL A 465 -11.19 -7.13 4.02
C VAL A 465 -10.38 -8.42 3.93
N GLY A 466 -11.06 -9.48 3.55
CA GLY A 466 -10.41 -10.74 3.28
C GLY A 466 -10.98 -11.49 2.09
N TYR A 467 -10.32 -12.60 1.75
CA TYR A 467 -10.85 -13.54 0.78
C TYR A 467 -10.67 -14.98 1.22
N SER A 468 -11.50 -15.86 0.64
CA SER A 468 -11.35 -17.29 0.78
C SER A 468 -11.77 -18.02 -0.48
N VAL A 469 -10.80 -18.71 -1.08
CA VAL A 469 -11.02 -19.61 -2.19
C VAL A 469 -10.33 -20.91 -1.84
N ARG A 470 -10.60 -21.94 -2.61
CA ARG A 470 -10.04 -23.23 -2.27
C ARG A 470 -8.50 -23.12 -2.23
N PHE A 471 -7.88 -23.64 -1.18
CA PHE A 471 -6.41 -23.66 -1.04
C PHE A 471 -5.77 -22.32 -0.70
N GLU A 472 -6.54 -21.24 -0.63
CA GLU A 472 -5.96 -19.94 -0.40
C GLU A 472 -6.96 -18.99 0.29
N SER A 473 -6.66 -18.61 1.53
CA SER A 473 -7.48 -17.64 2.28
C SER A 473 -6.62 -16.61 2.99
N VAL A 474 -7.08 -15.37 3.01
CA VAL A 474 -6.62 -14.38 3.97
C VAL A 474 -7.89 -13.90 4.68
N PHE A 475 -8.07 -14.35 5.91
CA PHE A 475 -9.27 -14.04 6.68
C PHE A 475 -9.15 -12.66 7.32
N PRO A 476 -10.25 -11.89 7.31
CA PRO A 476 -10.27 -10.60 7.97
C PRO A 476 -10.54 -10.76 9.44
N ARG A 477 -10.53 -9.64 10.15
CA ARG A 477 -10.90 -9.61 11.55
C ARG A 477 -12.31 -10.16 11.78
N PRO A 478 -12.59 -10.64 13.01
CA PRO A 478 -13.88 -11.33 13.20
C PRO A 478 -15.15 -10.46 13.22
N TYR A 479 -15.06 -9.15 13.51
CA TYR A 479 -16.24 -8.27 13.55
C TYR A 479 -16.02 -7.08 12.61
N GLY A 480 -17.06 -6.66 11.90
CA GLY A 480 -16.97 -5.45 11.06
C GLY A 480 -16.10 -5.66 9.85
N ALA A 481 -16.38 -6.75 9.12
CA ALA A 481 -15.49 -7.16 8.06
C ALA A 481 -16.23 -7.68 6.84
N ILE A 482 -15.49 -7.77 5.74
CA ILE A 482 -15.98 -8.23 4.45
C ILE A 482 -15.12 -9.39 3.98
N LEU A 483 -15.74 -10.52 3.65
CA LEU A 483 -15.06 -11.71 3.13
C LEU A 483 -15.56 -12.04 1.74
N PHE A 484 -14.66 -11.90 0.75
CA PHE A 484 -14.93 -12.28 -0.65
C PHE A 484 -14.63 -13.76 -0.82
N CYS A 485 -15.53 -14.51 -1.44
CA CYS A 485 -15.29 -15.93 -1.62
C CYS A 485 -15.97 -16.43 -2.88
N THR A 486 -15.59 -17.63 -3.29
CA THR A 486 -16.35 -18.34 -4.32
C THR A 486 -17.63 -18.90 -3.71
N VAL A 487 -18.62 -19.13 -4.56
CA VAL A 487 -19.91 -19.61 -4.12
C VAL A 487 -19.70 -20.95 -3.37
N GLY A 488 -18.89 -21.83 -3.95
CA GLY A 488 -18.59 -23.14 -3.35
C GLY A 488 -18.08 -23.05 -1.94
N VAL A 489 -17.23 -22.06 -1.66
CA VAL A 489 -16.75 -21.86 -0.28
C VAL A 489 -17.92 -21.54 0.64
N LEU A 490 -18.81 -20.63 0.24
CA LEU A 490 -19.94 -20.31 1.10
C LEU A 490 -20.83 -21.54 1.34
N LEU A 491 -21.10 -22.31 0.30
CA LEU A 491 -21.88 -23.56 0.46
C LEU A 491 -21.23 -24.50 1.50
N ARG A 492 -19.90 -24.66 1.47
CA ARG A 492 -19.20 -25.46 2.49
C ARG A 492 -19.27 -24.88 3.88
N LYS A 493 -19.32 -23.56 4.01
CA LYS A 493 -19.47 -22.90 5.32
C LYS A 493 -20.86 -23.12 5.91
N LEU A 494 -21.87 -23.39 5.07
CA LEU A 494 -23.24 -23.61 5.54
C LEU A 494 -23.38 -24.74 6.54
N GLU A 495 -22.47 -25.69 6.49
CA GLU A 495 -22.46 -26.84 7.39
C GLU A 495 -22.39 -26.36 8.85
N ALA A 496 -21.56 -25.35 9.10
CA ALA A 496 -21.37 -24.83 10.45
C ALA A 496 -22.36 -23.73 10.82
N GLY A 497 -23.32 -23.42 9.95
CA GLY A 497 -24.26 -22.32 10.17
C GLY A 497 -23.64 -21.00 9.79
N LEU A 498 -24.47 -19.95 9.76
CA LEU A 498 -24.03 -18.60 9.40
C LEU A 498 -24.28 -17.61 10.55
N ARG A 499 -24.06 -18.07 11.78
CA ARG A 499 -24.20 -17.19 12.94
C ARG A 499 -23.26 -16.01 12.79
N GLY A 500 -23.76 -14.80 13.02
CA GLY A 500 -22.95 -13.59 12.95
C GLY A 500 -22.75 -12.93 11.59
N VAL A 501 -23.30 -13.49 10.51
CA VAL A 501 -23.27 -12.86 9.22
C VAL A 501 -24.45 -11.90 9.19
N SER A 502 -24.21 -10.63 8.91
CA SER A 502 -25.34 -9.68 8.76
C SER A 502 -25.86 -9.56 7.32
N HIS A 503 -24.97 -9.66 6.36
CA HIS A 503 -25.30 -9.46 4.94
C HIS A 503 -24.61 -10.49 4.05
N ILE A 504 -25.35 -11.00 3.05
CA ILE A 504 -24.78 -11.87 2.02
C ILE A 504 -25.07 -11.24 0.67
N ILE A 505 -24.00 -10.91 -0.05
CA ILE A 505 -24.09 -10.34 -1.38
C ILE A 505 -23.73 -11.47 -2.35
N VAL A 506 -24.69 -11.84 -3.18
CA VAL A 506 -24.49 -12.86 -4.21
C VAL A 506 -24.29 -12.14 -5.53
N ASP A 507 -23.03 -12.12 -5.97
CA ASP A 507 -22.63 -11.31 -7.09
C ASP A 507 -22.61 -12.17 -8.37
N GLU A 508 -22.82 -11.51 -9.51
CA GLU A 508 -22.85 -12.16 -10.82
C GLU A 508 -23.85 -13.28 -10.83
N ILE A 509 -25.04 -12.97 -10.31
CA ILE A 509 -26.09 -13.94 -10.07
C ILE A 509 -26.70 -14.50 -11.35
N HIS A 510 -26.45 -13.85 -12.48
CA HIS A 510 -26.86 -14.37 -13.79
C HIS A 510 -26.09 -15.63 -14.24
N GLU A 511 -25.00 -16.02 -13.58
CA GLU A 511 -24.19 -17.10 -14.13
C GLU A 511 -24.94 -18.40 -14.37
N ARG A 512 -25.84 -18.79 -13.47
CA ARG A 512 -26.62 -20.05 -13.56
C ARG A 512 -25.78 -21.35 -13.51
N ASP A 513 -24.60 -21.29 -12.91
CA ASP A 513 -23.91 -22.52 -12.54
C ASP A 513 -24.70 -23.16 -11.41
N VAL A 514 -24.46 -24.45 -11.20
CA VAL A 514 -25.26 -25.23 -10.30
C VAL A 514 -25.11 -24.77 -8.84
N ASN A 515 -23.90 -24.38 -8.46
CA ASN A 515 -23.67 -23.84 -7.11
C ASN A 515 -24.47 -22.58 -6.80
N SER A 516 -24.48 -21.61 -7.72
CA SER A 516 -25.25 -20.36 -7.55
C SER A 516 -26.74 -20.66 -7.41
N ASP A 517 -27.31 -21.46 -8.31
CA ASP A 517 -28.73 -21.79 -8.24
C ASP A 517 -29.03 -22.51 -6.93
N PHE A 518 -28.12 -23.38 -6.50
CA PHE A 518 -28.31 -24.11 -5.26
C PHE A 518 -28.34 -23.14 -4.06
N LEU A 519 -27.37 -22.21 -4.04
CA LEU A 519 -27.32 -21.17 -3.02
C LEU A 519 -28.59 -20.32 -2.98
N LEU A 520 -29.14 -19.95 -4.14
CA LEU A 520 -30.41 -19.19 -4.16
C LEU A 520 -31.54 -19.91 -3.42
N VAL A 521 -31.68 -21.22 -3.63
CA VAL A 521 -32.74 -21.97 -2.96
C VAL A 521 -32.59 -21.85 -1.45
N ILE A 522 -31.36 -22.03 -0.99
CA ILE A 522 -31.05 -22.02 0.44
C ILE A 522 -31.37 -20.64 1.02
N LEU A 523 -30.90 -19.60 0.35
CA LEU A 523 -30.99 -18.23 0.88
C LEU A 523 -32.45 -17.75 0.90
N ARG A 524 -33.24 -18.11 -0.11
CA ARG A 524 -34.66 -17.81 -0.06
C ARG A 524 -35.34 -18.44 1.14
N ASP A 525 -34.99 -19.68 1.47
CA ASP A 525 -35.54 -20.30 2.70
C ASP A 525 -35.01 -19.61 3.97
N MET A 526 -33.73 -19.26 3.97
CA MET A 526 -33.14 -18.61 5.15
C MET A 526 -33.76 -17.28 5.49
N VAL A 527 -34.06 -16.44 4.49
CA VAL A 527 -34.68 -15.13 4.79
C VAL A 527 -36.12 -15.28 5.27
N ASP A 528 -36.80 -16.31 4.81
CA ASP A 528 -38.11 -16.62 5.32
C ASP A 528 -38.05 -17.01 6.80
N THR A 529 -37.06 -17.82 7.20
CA THR A 529 -36.87 -18.20 8.59
C THR A 529 -36.25 -17.10 9.43
N TYR A 530 -35.34 -16.32 8.86
CA TYR A 530 -34.62 -15.29 9.59
C TYR A 530 -34.81 -13.98 8.89
N PRO A 531 -35.91 -13.28 9.21
CA PRO A 531 -36.20 -12.06 8.48
C PRO A 531 -35.25 -10.89 8.79
N ASP A 532 -34.39 -11.00 9.80
CA ASP A 532 -33.31 -10.02 10.01
C ASP A 532 -32.06 -10.18 9.14
N LEU A 533 -31.92 -11.32 8.46
CA LEU A 533 -30.81 -11.51 7.54
C LEU A 533 -31.05 -10.64 6.31
N HIS A 534 -29.98 -10.12 5.71
CA HIS A 534 -30.07 -9.39 4.46
C HIS A 534 -29.33 -10.12 3.34
N VAL A 535 -30.00 -10.26 2.20
CA VAL A 535 -29.42 -10.84 1.00
C VAL A 535 -29.50 -9.81 -0.14
N ILE A 536 -28.38 -9.61 -0.83
CA ILE A 536 -28.30 -8.66 -1.94
C ILE A 536 -27.82 -9.41 -3.20
N LEU A 537 -28.63 -9.40 -4.25
CA LEU A 537 -28.29 -10.05 -5.50
C LEU A 537 -27.86 -8.96 -6.49
N MET A 538 -26.75 -9.17 -7.20
CA MET A 538 -26.21 -8.13 -8.09
C MET A 538 -25.77 -8.71 -9.42
N SER A 539 -26.04 -7.94 -10.50
CA SER A 539 -25.51 -8.22 -11.85
C SER A 539 -25.77 -7.06 -12.79
N ALA A 540 -24.91 -6.91 -13.80
CA ALA A 540 -25.17 -6.01 -14.95
C ALA A 540 -26.17 -6.57 -15.96
N THR A 541 -26.46 -7.87 -15.90
CA THR A 541 -26.87 -8.61 -17.06
C THR A 541 -27.87 -9.71 -16.61
N ILE A 542 -29.08 -9.30 -16.19
CA ILE A 542 -30.07 -10.23 -15.59
C ILE A 542 -31.48 -9.86 -15.98
N ASP A 543 -32.34 -10.86 -15.95
CA ASP A 543 -33.79 -10.68 -16.07
C ASP A 543 -34.30 -10.42 -14.65
N THR A 544 -34.42 -9.15 -14.31
CA THR A 544 -34.80 -8.75 -12.95
C THR A 544 -36.19 -9.26 -12.54
N THR A 545 -37.10 -9.34 -13.51
CA THR A 545 -38.45 -9.83 -13.26
C THR A 545 -38.45 -11.29 -12.80
N LYS A 546 -37.66 -12.12 -13.45
CA LYS A 546 -37.55 -13.54 -13.08
C LYS A 546 -36.97 -13.74 -11.67
N PHE A 547 -35.92 -13.00 -11.35
CA PHE A 547 -35.32 -13.11 -10.01
C PHE A 547 -36.22 -12.49 -8.94
N SER A 548 -36.82 -11.35 -9.24
CA SER A 548 -37.77 -10.71 -8.32
C SER A 548 -38.95 -11.62 -7.99
N LYS A 549 -39.56 -12.19 -9.03
CA LYS A 549 -40.62 -13.19 -8.85
C LYS A 549 -40.18 -14.38 -8.02
N TYR A 550 -39.00 -14.94 -8.32
CA TYR A 550 -38.54 -16.09 -7.54
C TYR A 550 -38.54 -15.77 -6.02
N PHE A 551 -38.14 -14.55 -5.67
CA PHE A 551 -38.04 -14.12 -4.26
C PHE A 551 -39.33 -13.50 -3.71
N GLY A 552 -40.44 -13.66 -4.41
CA GLY A 552 -41.77 -13.21 -3.96
C GLY A 552 -42.04 -11.75 -4.27
N ILE A 553 -41.34 -11.20 -5.26
CA ILE A 553 -41.28 -9.75 -5.58
C ILE A 553 -40.46 -9.03 -4.51
N CYS A 554 -39.25 -8.59 -4.85
CA CYS A 554 -38.43 -7.79 -3.97
C CYS A 554 -38.04 -6.52 -4.72
N PRO A 555 -37.50 -5.53 -4.00
CA PRO A 555 -36.98 -4.35 -4.68
C PRO A 555 -35.92 -4.66 -5.74
N VAL A 556 -36.03 -3.94 -6.85
CA VAL A 556 -35.02 -3.93 -7.90
C VAL A 556 -34.48 -2.53 -8.01
N LEU A 557 -33.20 -2.33 -7.72
CA LEU A 557 -32.58 -1.01 -7.89
C LEU A 557 -31.77 -0.93 -9.18
N GLU A 558 -32.16 0.00 -10.05
CA GLU A 558 -31.52 0.26 -11.33
C GLU A 558 -30.50 1.37 -11.19
N VAL A 559 -29.23 1.03 -11.38
CA VAL A 559 -28.19 2.03 -11.30
C VAL A 559 -27.91 2.52 -12.71
N PRO A 560 -28.15 3.82 -13.00
CA PRO A 560 -27.76 4.28 -14.32
C PRO A 560 -26.26 4.64 -14.43
N GLY A 561 -25.74 4.65 -15.66
CA GLY A 561 -24.44 5.21 -15.99
C GLY A 561 -23.34 4.17 -16.10
N ARG A 562 -22.22 4.60 -16.64
CA ARG A 562 -21.02 3.79 -16.60
C ARG A 562 -19.81 4.66 -16.38
N ALA A 563 -18.68 4.02 -16.03
CA ALA A 563 -17.44 4.80 -15.78
C ALA A 563 -16.96 5.51 -17.06
N PHE A 564 -16.86 4.78 -18.17
CA PHE A 564 -16.37 5.34 -19.45
C PHE A 564 -17.04 4.63 -20.62
N PRO A 565 -17.11 5.27 -21.78
CA PRO A 565 -17.79 4.59 -22.89
C PRO A 565 -16.92 3.50 -23.55
N VAL A 566 -17.58 2.53 -24.18
CA VAL A 566 -16.91 1.50 -24.99
C VAL A 566 -17.52 1.50 -26.39
N GLN A 567 -16.70 1.71 -27.40
CA GLN A 567 -17.19 1.77 -28.77
C GLN A 567 -17.24 0.35 -29.32
N GLN A 568 -18.39 -0.09 -29.85
CA GLN A 568 -18.57 -1.49 -30.26
C GLN A 568 -18.53 -1.62 -31.74
N PHE A 569 -17.90 -2.69 -32.23
CA PHE A 569 -17.84 -3.01 -33.66
C PHE A 569 -18.13 -4.48 -33.88
N PHE A 570 -18.84 -4.79 -34.97
CA PHE A 570 -19.14 -6.17 -35.30
C PHE A 570 -18.29 -6.63 -36.50
N LEU A 571 -18.43 -7.88 -36.92
CA LEU A 571 -17.56 -8.46 -37.94
C LEU A 571 -17.53 -7.63 -39.23
N GLU A 572 -18.69 -7.16 -39.69
CA GLU A 572 -18.79 -6.31 -40.88
C GLU A 572 -17.94 -5.09 -40.75
N ASP A 573 -18.03 -4.44 -39.59
CA ASP A 573 -17.32 -3.20 -39.35
C ASP A 573 -15.83 -3.50 -39.35
N ILE A 574 -15.46 -4.64 -38.78
CA ILE A 574 -14.06 -5.01 -38.67
C ILE A 574 -13.45 -5.33 -40.04
N ILE A 575 -14.18 -6.07 -40.88
CA ILE A 575 -13.77 -6.33 -42.26
C ILE A 575 -13.62 -5.03 -43.05
N GLN A 576 -14.60 -4.15 -42.93
CA GLN A 576 -14.56 -2.90 -43.67
C GLN A 576 -13.44 -1.95 -43.23
N MET A 577 -13.23 -1.76 -41.92
CA MET A 577 -12.17 -0.87 -41.46
C MET A 577 -10.75 -1.40 -41.82
N THR A 578 -10.59 -2.72 -41.85
CA THR A 578 -9.30 -3.34 -42.18
C THR A 578 -9.10 -3.63 -43.67
N ASP A 579 -10.16 -3.52 -44.46
CA ASP A 579 -10.18 -3.96 -45.84
C ASP A 579 -9.74 -5.43 -45.97
N PHE A 580 -10.24 -6.26 -45.06
CA PHE A 580 -9.83 -7.64 -44.97
C PHE A 580 -10.42 -8.45 -46.10
N VAL A 581 -9.61 -9.32 -46.67
CA VAL A 581 -10.08 -10.39 -47.56
C VAL A 581 -9.31 -11.64 -47.20
N PRO A 582 -10.00 -12.77 -46.90
CA PRO A 582 -9.26 -13.97 -46.50
C PRO A 582 -8.44 -14.50 -47.66
N SER A 583 -7.29 -15.12 -47.38
CA SER A 583 -6.36 -15.50 -48.46
C SER A 583 -6.91 -16.66 -49.30
N ALA A 584 -6.44 -16.71 -50.55
CA ALA A 584 -6.69 -17.83 -51.47
C ALA A 584 -6.50 -19.16 -50.76
N GLU A 585 -5.35 -19.29 -50.08
CA GLU A 585 -4.99 -20.48 -49.29
C GLU A 585 -6.06 -20.90 -48.28
N SER A 586 -6.53 -19.93 -47.50
CA SER A 586 -7.51 -20.21 -46.45
C SER A 586 -8.88 -20.59 -47.01
N ARG A 587 -9.29 -19.96 -48.11
CA ARG A 587 -10.55 -20.34 -48.77
C ARG A 587 -10.53 -21.78 -49.28
N ARG A 588 -9.44 -22.14 -49.98
CA ARG A 588 -9.29 -23.51 -50.52
C ARG A 588 -9.28 -24.57 -49.40
N LYS A 589 -8.51 -24.32 -48.34
CA LYS A 589 -8.43 -25.24 -47.20
C LYS A 589 -9.81 -25.51 -46.53
N ARG A 590 -10.68 -24.49 -46.48
CA ARG A 590 -12.01 -24.62 -45.87
C ARG A 590 -13.01 -25.40 -46.75
N LYS A 591 -12.97 -25.20 -48.07
CA LYS A 591 -13.77 -26.03 -49.00
C LYS A 591 -13.33 -27.49 -48.98
N GLU A 592 -12.02 -27.72 -48.92
CA GLU A 592 -11.41 -29.05 -48.75
C GLU A 592 -11.89 -29.84 -47.51
N VAL A 593 -11.95 -29.18 -46.35
CA VAL A 593 -12.55 -29.78 -45.12
C VAL A 593 -14.08 -29.95 -45.27
N GLU A 594 -14.74 -28.98 -45.93
CA GLU A 594 -16.20 -29.05 -46.21
C GLU A 594 -16.60 -30.18 -47.19
N ASP A 595 -15.82 -30.38 -48.25
CA ASP A 595 -16.14 -31.41 -49.28
C ASP A 595 -16.00 -32.88 -48.82
N GLU A 596 -15.29 -33.12 -47.71
CA GLU A 596 -15.26 -34.44 -47.02
C GLU A 596 -16.34 -34.57 -45.93
N GLU A 597 -16.90 -33.44 -45.49
CA GLU A 597 -18.19 -33.36 -44.73
C GLU A 597 -19.40 -33.61 -45.67
N GLN A 598 -19.27 -33.24 -46.95
CA GLN A 598 -20.33 -33.46 -47.96
C GLN A 598 -20.74 -34.94 -48.10
N LEU A 599 -19.83 -35.88 -47.79
CA LEU A 599 -20.13 -37.32 -47.74
C LEU A 599 -20.81 -37.76 -46.43
N LEU A 600 -20.37 -37.21 -45.30
CA LEU A 600 -20.99 -37.52 -44.00
C LEU A 600 -22.16 -36.57 -43.61
N SER A 601 -22.47 -35.58 -44.46
CA SER A 601 -23.47 -34.52 -44.15
C SER A 601 -24.89 -35.01 -43.85
N GLU A 602 -25.52 -34.35 -42.88
CA GLU A 602 -26.94 -34.51 -42.60
C GLU A 602 -27.70 -33.37 -43.25
N ASP A 603 -29.03 -33.38 -43.11
CA ASP A 603 -29.86 -32.29 -43.64
C ASP A 603 -29.43 -30.95 -43.03
N LYS A 604 -29.22 -29.96 -43.90
CA LYS A 604 -29.03 -28.57 -43.48
C LYS A 604 -30.41 -27.93 -43.32
N ASP A 605 -30.82 -27.68 -42.08
CA ASP A 605 -32.11 -27.05 -41.80
C ASP A 605 -31.91 -25.53 -41.62
N GLU A 606 -33.01 -24.77 -41.67
CA GLU A 606 -33.01 -23.32 -41.32
C GLU A 606 -32.33 -22.99 -39.95
N ALA A 607 -32.17 -23.98 -39.07
CA ALA A 607 -31.30 -23.87 -37.89
C ALA A 607 -29.77 -23.83 -38.18
N GLU A 608 -29.36 -24.04 -39.44
CA GLU A 608 -27.94 -23.86 -39.88
C GLU A 608 -27.79 -22.82 -41.00
N ILE A 609 -28.53 -21.72 -40.84
CA ILE A 609 -28.28 -20.50 -41.59
C ILE A 609 -26.82 -20.06 -41.39
N ASN A 610 -26.22 -19.57 -42.45
CA ASN A 610 -24.93 -18.94 -42.39
C ASN A 610 -25.11 -17.43 -42.23
N TYR A 611 -24.93 -16.94 -41.01
CA TYR A 611 -25.20 -15.52 -40.73
C TYR A 611 -24.08 -14.61 -41.20
N ASN A 612 -22.95 -15.17 -41.64
CA ASN A 612 -21.96 -14.36 -42.37
C ASN A 612 -22.34 -14.03 -43.82
N LYS A 613 -23.40 -14.65 -44.33
CA LYS A 613 -23.96 -14.25 -45.62
C LYS A 613 -25.19 -13.37 -45.47
N VAL A 614 -25.44 -12.86 -44.28
CA VAL A 614 -26.47 -11.86 -44.04
C VAL A 614 -25.77 -10.58 -43.60
N CYS A 615 -26.02 -9.51 -44.33
CA CYS A 615 -25.39 -8.23 -44.08
C CYS A 615 -26.19 -7.13 -44.77
N GLU A 616 -26.37 -6.00 -44.11
CA GLU A 616 -27.13 -4.90 -44.73
C GLU A 616 -26.26 -4.16 -45.73
N ASP A 617 -26.90 -3.57 -46.76
CA ASP A 617 -26.19 -2.83 -47.82
C ASP A 617 -25.56 -1.51 -47.36
N LYS A 618 -25.77 -1.14 -46.10
CA LYS A 618 -24.98 -0.10 -45.39
C LYS A 618 -23.47 -0.32 -45.51
N TYR A 619 -23.09 -1.59 -45.64
CA TYR A 619 -21.70 -2.00 -45.84
C TYR A 619 -21.41 -2.17 -47.33
N SER A 620 -20.17 -1.97 -47.75
CA SER A 620 -19.79 -2.14 -49.15
C SER A 620 -19.98 -3.58 -49.61
N GLN A 621 -20.15 -3.71 -50.91
CA GLN A 621 -20.27 -5.00 -51.59
C GLN A 621 -19.03 -5.85 -51.30
N LYS A 622 -17.87 -5.22 -51.25
CA LYS A 622 -16.64 -5.91 -50.94
C LYS A 622 -16.64 -6.48 -49.51
N THR A 623 -17.03 -5.66 -48.54
CA THR A 623 -17.18 -6.11 -47.15
C THR A 623 -18.12 -7.32 -47.11
N ARG A 624 -19.25 -7.25 -47.80
CA ARG A 624 -20.22 -8.36 -47.77
C ARG A 624 -19.68 -9.65 -48.38
N ASN A 625 -18.98 -9.55 -49.52
CA ASN A 625 -18.37 -10.72 -50.20
C ASN A 625 -17.33 -11.39 -49.30
N ALA A 626 -16.47 -10.56 -48.71
CA ALA A 626 -15.44 -11.03 -47.80
C ALA A 626 -16.03 -11.73 -46.58
N MET A 627 -17.03 -11.11 -45.97
CA MET A 627 -17.68 -11.75 -44.81
C MET A 627 -18.26 -13.11 -45.18
N ALA A 628 -18.88 -13.17 -46.35
CA ALA A 628 -19.47 -14.40 -46.86
C ALA A 628 -18.45 -15.51 -47.12
N MET A 629 -17.18 -15.16 -47.30
CA MET A 629 -16.12 -16.18 -47.41
C MET A 629 -15.65 -16.79 -46.08
N LEU A 630 -15.96 -16.18 -44.94
CA LEU A 630 -15.46 -16.65 -43.64
C LEU A 630 -16.33 -17.69 -42.95
N SER A 631 -15.73 -18.72 -42.38
CA SER A 631 -16.43 -19.67 -41.51
C SER A 631 -16.90 -18.99 -40.22
N GLU A 632 -18.13 -19.27 -39.83
CA GLU A 632 -18.63 -18.91 -38.52
C GLU A 632 -18.10 -19.80 -37.38
N SER A 633 -17.67 -21.01 -37.71
CA SER A 633 -17.22 -21.99 -36.70
C SER A 633 -15.76 -21.86 -36.31
N ASP A 634 -14.92 -21.60 -37.29
CA ASP A 634 -13.47 -21.55 -37.08
C ASP A 634 -13.05 -20.10 -36.89
N VAL A 635 -11.99 -19.90 -36.13
CA VAL A 635 -11.42 -18.59 -35.86
C VAL A 635 -10.42 -18.30 -37.00
N SER A 636 -10.55 -17.20 -37.72
CA SER A 636 -9.50 -16.79 -38.71
C SER A 636 -8.34 -16.03 -38.04
N PHE A 637 -7.19 -16.69 -37.89
CA PHE A 637 -6.02 -16.00 -37.33
C PHE A 637 -5.53 -14.88 -38.24
N GLU A 638 -5.76 -14.99 -39.56
CA GLU A 638 -5.48 -13.91 -40.51
C GLU A 638 -6.27 -12.67 -40.15
N LEU A 639 -7.55 -12.84 -39.85
CA LEU A 639 -8.38 -11.69 -39.48
C LEU A 639 -7.89 -11.07 -38.18
N LEU A 640 -7.58 -11.92 -37.20
CA LEU A 640 -7.07 -11.46 -35.91
C LEU A 640 -5.81 -10.63 -36.12
N GLU A 641 -4.90 -11.13 -36.96
CA GLU A 641 -3.68 -10.40 -37.27
C GLU A 641 -3.98 -9.04 -37.89
N ALA A 642 -4.85 -9.02 -38.89
CA ALA A 642 -5.28 -7.77 -39.51
C ALA A 642 -5.93 -6.80 -38.50
N LEU A 643 -6.74 -7.33 -37.59
CA LEU A 643 -7.34 -6.46 -36.56
C LEU A 643 -6.25 -5.88 -35.62
N LEU A 644 -5.31 -6.74 -35.21
CA LEU A 644 -4.25 -6.32 -34.31
C LEU A 644 -3.37 -5.25 -34.95
N MET A 645 -3.11 -5.39 -36.26
CA MET A 645 -2.35 -4.38 -37.04
C MET A 645 -3.10 -3.05 -37.17
N HIS A 646 -4.42 -3.15 -37.37
CA HIS A 646 -5.24 -1.96 -37.44
C HIS A 646 -5.21 -1.22 -36.10
N ILE A 647 -5.33 -1.95 -34.99
CA ILE A 647 -5.25 -1.36 -33.66
C ILE A 647 -3.88 -0.64 -33.49
N LYS A 648 -2.79 -1.35 -33.82
CA LYS A 648 -1.44 -0.78 -33.81
C LYS A 648 -1.39 0.55 -34.57
N SER A 649 -1.93 0.58 -35.80
CA SER A 649 -1.89 1.79 -36.65
C SER A 649 -2.55 3.04 -36.03
N LYS A 650 -3.51 2.86 -35.12
CA LYS A 650 -4.18 3.99 -34.48
C LYS A 650 -3.30 4.76 -33.48
N ASN A 651 -2.21 4.13 -33.05
CA ASN A 651 -1.27 4.68 -32.07
C ASN A 651 -1.90 5.08 -30.73
N ILE A 652 -2.80 4.24 -30.26
CA ILE A 652 -3.50 4.45 -28.97
C ILE A 652 -2.90 3.44 -28.00
N PRO A 653 -2.26 3.90 -26.91
CA PRO A 653 -1.71 2.92 -25.98
C PRO A 653 -2.78 2.20 -25.22
N GLY A 654 -2.47 0.98 -24.80
CA GLY A 654 -3.43 0.17 -24.04
C GLY A 654 -3.37 -1.31 -24.35
N ALA A 655 -3.76 -2.10 -23.36
CA ALA A 655 -3.70 -3.54 -23.45
C ALA A 655 -4.88 -4.07 -24.25
N ILE A 656 -4.68 -5.26 -24.83
CA ILE A 656 -5.64 -5.93 -25.69
C ILE A 656 -6.00 -7.26 -25.04
N LEU A 657 -7.32 -7.50 -24.83
CA LEU A 657 -7.85 -8.69 -24.19
C LEU A 657 -8.68 -9.45 -25.21
N VAL A 658 -8.25 -10.67 -25.51
CA VAL A 658 -8.88 -11.53 -26.54
C VAL A 658 -9.56 -12.72 -25.84
N PHE A 659 -10.88 -12.84 -26.00
CA PHE A 659 -11.65 -13.95 -25.40
C PHE A 659 -11.77 -15.15 -26.36
N LEU A 660 -11.21 -16.26 -25.92
CA LEU A 660 -11.18 -17.53 -26.67
C LEU A 660 -11.79 -18.63 -25.80
N PRO A 661 -12.32 -19.68 -26.43
CA PRO A 661 -13.07 -20.67 -25.63
C PRO A 661 -12.21 -21.63 -24.76
N GLY A 662 -10.95 -21.84 -25.10
CA GLY A 662 -10.14 -22.82 -24.39
C GLY A 662 -8.66 -22.79 -24.71
N TRP A 663 -7.97 -23.68 -24.03
CA TRP A 663 -6.50 -23.80 -24.03
C TRP A 663 -5.97 -23.90 -25.45
N ASN A 664 -6.55 -24.80 -26.21
CA ASN A 664 -6.02 -25.13 -27.53
C ASN A 664 -5.94 -23.90 -28.45
N LEU A 665 -7.02 -23.11 -28.48
CA LEU A 665 -7.00 -21.90 -29.28
C LEU A 665 -6.08 -20.83 -28.72
N ILE A 666 -6.03 -20.73 -27.39
CA ILE A 666 -5.17 -19.77 -26.73
C ILE A 666 -3.72 -20.01 -27.15
N PHE A 667 -3.26 -21.25 -27.00
CA PHE A 667 -1.87 -21.57 -27.29
C PHE A 667 -1.58 -21.61 -28.79
N ALA A 668 -2.55 -21.99 -29.62
CA ALA A 668 -2.34 -21.92 -31.08
C ALA A 668 -2.21 -20.50 -31.58
N LEU A 669 -3.08 -19.63 -31.09
CA LEU A 669 -2.99 -18.19 -31.44
C LEU A 669 -1.71 -17.53 -30.90
N MET A 670 -1.30 -17.91 -29.68
CA MET A 670 -0.04 -17.41 -29.10
C MET A 670 1.14 -17.75 -30.01
N LYS A 671 1.24 -19.04 -30.38
CA LYS A 671 2.29 -19.53 -31.31
C LYS A 671 2.24 -18.77 -32.64
N PHE A 672 1.05 -18.70 -33.26
CA PHE A 672 0.85 -17.94 -34.49
C PHE A 672 1.38 -16.51 -34.38
N LEU A 673 0.99 -15.80 -33.34
CA LEU A 673 1.43 -14.40 -33.16
C LEU A 673 2.94 -14.29 -32.87
N GLN A 674 3.48 -15.20 -32.08
CA GLN A 674 4.91 -15.17 -31.73
C GLN A 674 5.80 -15.43 -32.92
N ASN A 675 5.29 -16.17 -33.89
CA ASN A 675 5.98 -16.37 -35.14
C ASN A 675 5.96 -15.19 -36.11
N THR A 676 5.14 -14.16 -35.89
CA THR A 676 5.20 -12.97 -36.73
C THR A 676 6.33 -12.02 -36.33
N ASN A 677 6.78 -11.24 -37.30
CA ASN A 677 7.80 -10.22 -37.06
C ASN A 677 7.32 -9.16 -36.10
N ILE A 678 6.08 -8.71 -36.24
CA ILE A 678 5.57 -7.61 -35.41
C ILE A 678 5.24 -8.11 -33.99
N PHE A 679 4.41 -9.13 -33.90
CA PHE A 679 3.84 -9.52 -32.60
C PHE A 679 4.74 -10.49 -31.87
N GLY A 680 5.72 -11.06 -32.58
CA GLY A 680 6.77 -11.86 -31.95
C GLY A 680 7.95 -11.07 -31.40
N ASP A 681 7.94 -9.75 -31.57
CA ASP A 681 8.99 -8.89 -31.07
C ASP A 681 8.65 -8.47 -29.62
N THR A 682 9.37 -9.04 -28.65
CA THR A 682 9.12 -8.76 -27.23
C THR A 682 9.42 -7.33 -26.76
N SER A 683 10.09 -6.53 -27.57
CA SER A 683 10.25 -5.11 -27.30
C SER A 683 9.00 -4.30 -27.66
N GLN A 684 8.11 -4.90 -28.45
CA GLN A 684 6.85 -4.29 -28.86
C GLN A 684 5.61 -4.93 -28.24
N TYR A 685 5.60 -6.26 -28.04
CA TYR A 685 4.44 -6.99 -27.53
C TYR A 685 4.83 -8.09 -26.59
N GLN A 686 3.99 -8.30 -25.57
CA GLN A 686 4.06 -9.43 -24.70
C GLN A 686 2.69 -10.09 -24.72
N ILE A 687 2.68 -11.37 -25.08
CA ILE A 687 1.46 -12.13 -25.22
C ILE A 687 1.32 -13.01 -23.99
N LEU A 688 0.23 -12.85 -23.24
CA LEU A 688 0.05 -13.54 -21.97
C LEU A 688 -1.21 -14.42 -22.04
N PRO A 689 -1.07 -15.71 -21.74
CA PRO A 689 -2.26 -16.53 -21.62
C PRO A 689 -2.98 -16.32 -20.31
N CYS A 690 -4.28 -16.62 -20.29
CA CYS A 690 -5.06 -16.51 -19.08
C CYS A 690 -6.11 -17.61 -19.08
N HIS A 691 -5.92 -18.57 -18.18
CA HIS A 691 -6.69 -19.81 -18.13
C HIS A 691 -6.56 -20.29 -16.71
N SER A 692 -7.53 -21.05 -16.21
CA SER A 692 -7.51 -21.54 -14.81
C SER A 692 -6.34 -22.45 -14.48
N GLN A 693 -5.72 -23.03 -15.48
CA GLN A 693 -4.77 -24.09 -15.31
C GLN A 693 -3.37 -23.70 -15.73
N ILE A 694 -3.10 -22.40 -15.79
CA ILE A 694 -1.74 -21.92 -15.83
C ILE A 694 -1.32 -21.58 -14.39
N PRO A 695 0.00 -21.56 -14.12
CA PRO A 695 0.46 -21.25 -12.74
C PRO A 695 -0.11 -19.94 -12.18
N ARG A 696 -0.44 -19.92 -10.89
CA ARG A 696 -1.02 -18.75 -10.21
C ARG A 696 -0.29 -17.44 -10.47
N ASP A 697 1.04 -17.51 -10.48
CA ASP A 697 1.87 -16.34 -10.75
C ASP A 697 1.71 -15.81 -12.18
N GLU A 698 1.51 -16.70 -13.16
CA GLU A 698 1.31 -16.30 -14.56
C GLU A 698 -0.07 -15.65 -14.77
N GLN A 699 -1.06 -16.04 -13.97
CA GLN A 699 -2.37 -15.42 -13.99
C GLN A 699 -2.28 -14.00 -13.50
N ARG A 700 -1.47 -13.80 -12.47
CA ARG A 700 -1.33 -12.49 -11.84
C ARG A 700 -0.63 -11.52 -12.78
N LYS A 701 0.28 -12.02 -13.62
CA LYS A 701 0.91 -11.20 -14.68
C LYS A 701 -0.05 -10.46 -15.62
N VAL A 702 -1.27 -10.98 -15.81
CA VAL A 702 -2.23 -10.28 -16.70
C VAL A 702 -2.63 -8.92 -16.11
N PHE A 703 -2.66 -8.81 -14.79
CA PHE A 703 -2.98 -7.55 -14.09
C PHE A 703 -1.86 -6.53 -14.07
N GLU A 704 -0.62 -6.98 -14.23
CA GLU A 704 0.58 -6.16 -14.01
C GLU A 704 1.02 -5.40 -15.25
N PRO A 705 1.76 -4.29 -15.06
CA PRO A 705 2.27 -3.61 -16.24
C PRO A 705 3.34 -4.38 -17.01
N VAL A 706 3.62 -3.90 -18.22
CA VAL A 706 4.70 -4.41 -19.06
C VAL A 706 5.69 -3.25 -19.29
N PRO A 707 6.90 -3.53 -19.82
CA PRO A 707 7.87 -2.43 -19.97
C PRO A 707 7.41 -1.32 -20.92
N GLU A 708 8.15 -0.22 -20.91
CA GLU A 708 7.82 0.99 -21.65
C GLU A 708 7.74 0.72 -23.14
N GLY A 709 6.69 1.22 -23.78
CA GLY A 709 6.45 0.94 -25.19
C GLY A 709 6.06 -0.49 -25.58
N VAL A 710 5.82 -1.38 -24.60
CA VAL A 710 5.40 -2.75 -24.90
C VAL A 710 3.89 -2.77 -24.73
N THR A 711 3.19 -3.45 -25.65
CA THR A 711 1.75 -3.63 -25.56
C THR A 711 1.46 -5.04 -25.08
N LYS A 712 0.61 -5.14 -24.06
CA LYS A 712 0.16 -6.42 -23.50
C LYS A 712 -1.02 -6.98 -24.32
N ILE A 713 -0.90 -8.21 -24.82
CA ILE A 713 -2.01 -8.93 -25.45
C ILE A 713 -2.35 -10.11 -24.54
N ILE A 714 -3.57 -10.17 -24.02
CA ILE A 714 -3.99 -11.25 -23.15
C ILE A 714 -4.92 -12.16 -23.94
N LEU A 715 -4.63 -13.46 -23.95
CA LEU A 715 -5.43 -14.44 -24.64
C LEU A 715 -6.08 -15.28 -23.54
N SER A 716 -7.40 -15.09 -23.37
CA SER A 716 -8.07 -15.51 -22.14
C SER A 716 -9.33 -16.31 -22.37
N THR A 717 -9.61 -17.20 -21.43
CA THR A 717 -10.91 -17.81 -21.34
C THR A 717 -11.83 -16.86 -20.58
N ASN A 718 -13.05 -17.34 -20.36
CA ASN A 718 -14.03 -16.64 -19.57
C ASN A 718 -13.68 -16.53 -18.08
N ILE A 719 -12.52 -16.99 -17.61
CA ILE A 719 -12.16 -16.59 -16.24
C ILE A 719 -12.00 -15.08 -16.09
N ALA A 720 -11.72 -14.37 -17.19
CA ALA A 720 -11.62 -12.92 -17.19
C ALA A 720 -12.89 -12.22 -17.71
N GLU A 721 -14.00 -12.96 -17.81
CA GLU A 721 -15.21 -12.44 -18.43
C GLU A 721 -15.95 -11.43 -17.54
N THR A 722 -16.03 -11.68 -16.24
CA THR A 722 -16.81 -10.82 -15.34
C THR A 722 -15.90 -10.29 -14.26
N SER A 723 -16.40 -9.30 -13.50
CA SER A 723 -15.88 -8.97 -12.16
C SER A 723 -14.57 -8.19 -12.11
N ILE A 724 -13.60 -8.57 -12.96
CA ILE A 724 -12.23 -8.04 -12.81
C ILE A 724 -11.96 -6.76 -13.57
N THR A 725 -11.09 -5.95 -12.97
CA THR A 725 -10.53 -4.76 -13.62
C THR A 725 -9.05 -5.01 -13.88
N ILE A 726 -8.72 -5.21 -15.16
CA ILE A 726 -7.34 -5.19 -15.59
C ILE A 726 -7.15 -3.77 -16.05
N ASP A 727 -6.35 -3.01 -15.31
CA ASP A 727 -6.44 -1.57 -15.36
C ASP A 727 -5.97 -0.94 -16.66
N ASP A 728 -5.20 -1.66 -17.48
CA ASP A 728 -4.70 -1.09 -18.73
C ASP A 728 -5.46 -1.54 -20.00
N ILE A 729 -6.58 -2.25 -19.87
CA ILE A 729 -7.33 -2.69 -21.03
C ILE A 729 -7.93 -1.48 -21.75
N VAL A 730 -7.64 -1.36 -23.03
CA VAL A 730 -8.35 -0.44 -23.91
C VAL A 730 -9.13 -1.17 -25.02
N PHE A 731 -8.69 -2.37 -25.44
CA PHE A 731 -9.32 -3.08 -26.55
C PHE A 731 -9.70 -4.50 -26.15
N VAL A 732 -10.94 -4.88 -26.41
CA VAL A 732 -11.42 -6.23 -26.22
C VAL A 732 -11.70 -6.81 -27.62
N ILE A 733 -11.25 -8.05 -27.84
CA ILE A 733 -11.55 -8.79 -29.03
C ILE A 733 -12.28 -10.05 -28.63
N ASP A 734 -13.52 -10.21 -29.10
CA ASP A 734 -14.37 -11.29 -28.62
C ASP A 734 -14.67 -12.26 -29.75
N ILE A 735 -14.20 -13.51 -29.61
CA ILE A 735 -14.45 -14.56 -30.59
C ILE A 735 -15.88 -15.11 -30.45
N CYS A 736 -16.59 -14.75 -29.38
CA CYS A 736 -18.03 -15.04 -29.23
C CYS A 736 -18.34 -16.52 -29.00
N LYS A 737 -17.39 -17.27 -28.44
CA LYS A 737 -17.62 -18.66 -28.16
C LYS A 737 -17.43 -18.93 -26.69
N ALA A 738 -17.93 -20.09 -26.28
CA ALA A 738 -17.71 -20.60 -24.92
C ALA A 738 -17.62 -22.12 -25.02
N ARG A 739 -17.05 -22.73 -23.99
CA ARG A 739 -16.88 -24.17 -23.94
C ARG A 739 -17.62 -24.76 -22.75
N MET A 740 -18.34 -25.85 -22.99
CA MET A 740 -19.02 -26.60 -21.95
C MET A 740 -18.49 -28.03 -21.95
N LYS A 741 -18.53 -28.66 -20.78
CA LYS A 741 -18.27 -30.08 -20.63
C LYS A 741 -19.61 -30.78 -20.45
N LEU A 742 -19.98 -31.65 -21.40
CA LEU A 742 -21.23 -32.37 -21.39
C LEU A 742 -21.02 -33.81 -20.90
N PHE A 743 -22.08 -34.39 -20.32
CA PHE A 743 -22.11 -35.78 -19.87
C PHE A 743 -23.48 -36.30 -20.24
N THR A 744 -23.54 -37.37 -21.04
CA THR A 744 -24.79 -38.08 -21.30
C THR A 744 -24.83 -39.30 -20.38
N SER A 745 -25.78 -39.29 -19.45
CA SER A 745 -25.89 -40.34 -18.41
C SER A 745 -26.15 -41.75 -18.98
N HIS A 746 -27.02 -41.87 -19.97
CA HIS A 746 -27.39 -43.21 -20.43
C HIS A 746 -26.24 -44.03 -21.05
N ASN A 747 -25.26 -43.36 -21.64
CA ASN A 747 -24.12 -44.04 -22.28
C ASN A 747 -22.78 -43.77 -21.61
N ASN A 748 -22.78 -43.02 -20.50
CA ASN A 748 -21.59 -42.61 -19.78
C ASN A 748 -20.50 -41.86 -20.61
N LEU A 749 -20.90 -41.18 -21.68
CA LEU A 749 -19.98 -40.41 -22.54
C LEU A 749 -19.85 -38.97 -22.10
N THR A 750 -18.61 -38.49 -21.99
CA THR A 750 -18.36 -37.07 -21.78
C THR A 750 -17.86 -36.52 -23.10
N SER A 751 -18.07 -35.22 -23.28
CA SER A 751 -17.51 -34.50 -24.40
C SER A 751 -17.41 -33.01 -24.07
N TYR A 752 -16.55 -32.32 -24.79
CA TYR A 752 -16.45 -30.89 -24.71
C TYR A 752 -17.21 -30.32 -25.90
N ALA A 753 -17.95 -29.25 -25.69
CA ALA A 753 -18.71 -28.61 -26.74
C ALA A 753 -18.30 -27.14 -26.82
N THR A 754 -17.86 -26.70 -28.00
CA THR A 754 -17.63 -25.29 -28.24
C THR A 754 -18.90 -24.74 -28.85
N VAL A 755 -19.55 -23.85 -28.10
CA VAL A 755 -20.84 -23.29 -28.48
C VAL A 755 -20.72 -21.78 -28.64
N TRP A 756 -21.69 -21.19 -29.34
CA TRP A 756 -21.91 -19.76 -29.32
C TRP A 756 -22.11 -19.25 -27.90
N ALA A 757 -21.37 -18.22 -27.56
CA ALA A 757 -21.61 -17.47 -26.36
C ALA A 757 -22.98 -16.78 -26.44
N SER A 758 -23.50 -16.38 -25.29
CA SER A 758 -24.76 -15.69 -25.18
C SER A 758 -24.54 -14.18 -25.22
N LYS A 759 -25.64 -13.43 -25.43
CA LYS A 759 -25.57 -11.97 -25.39
C LYS A 759 -25.07 -11.47 -24.03
N THR A 760 -25.51 -12.12 -22.97
CA THR A 760 -24.95 -11.89 -21.63
C THR A 760 -23.43 -12.01 -21.57
N ASN A 761 -22.90 -13.11 -22.12
CA ASN A 761 -21.44 -13.30 -22.14
C ASN A 761 -20.73 -12.15 -22.89
N LEU A 762 -21.25 -11.77 -24.06
CA LEU A 762 -20.65 -10.70 -24.89
C LEU A 762 -20.63 -9.36 -24.16
N GLU A 763 -21.71 -9.07 -23.46
CA GLU A 763 -21.83 -7.81 -22.71
C GLU A 763 -20.83 -7.76 -21.53
N GLN A 764 -20.66 -8.88 -20.82
CA GLN A 764 -19.69 -8.94 -19.74
C GLN A 764 -18.27 -8.81 -20.25
N ARG A 765 -17.98 -9.49 -21.35
CA ARG A 765 -16.66 -9.43 -21.98
C ARG A 765 -16.32 -7.99 -22.41
N LYS A 766 -17.28 -7.37 -23.07
CA LYS A 766 -17.18 -5.96 -23.50
C LYS A 766 -16.84 -5.05 -22.30
N GLY A 767 -17.53 -5.30 -21.17
CA GLY A 767 -17.34 -4.56 -19.96
C GLY A 767 -15.99 -4.75 -19.26
N ARG A 768 -15.04 -5.52 -19.81
CA ARG A 768 -13.67 -5.48 -19.29
C ARG A 768 -12.94 -4.20 -19.70
N ALA A 769 -13.43 -3.50 -20.70
CA ALA A 769 -12.95 -2.17 -21.07
C ALA A 769 -13.97 -1.14 -20.58
N GLY A 770 -13.61 0.15 -20.67
CA GLY A 770 -14.53 1.23 -20.28
C GLY A 770 -14.70 1.36 -18.77
N ARG A 771 -13.66 0.93 -18.03
CA ARG A 771 -13.66 0.90 -16.57
CA ARG A 771 -13.66 0.90 -16.57
C ARG A 771 -12.80 2.01 -15.98
N VAL A 772 -11.56 2.11 -16.45
CA VAL A 772 -10.65 3.12 -16.00
C VAL A 772 -10.43 4.19 -17.09
N ARG A 773 -10.65 3.94 -18.34
CA ARG A 773 -10.65 4.92 -19.43
C ARG A 773 -11.55 4.43 -20.58
N PRO A 774 -11.79 5.26 -21.60
CA PRO A 774 -12.58 4.76 -22.74
C PRO A 774 -11.93 3.56 -23.44
N GLY A 775 -12.75 2.72 -24.05
CA GLY A 775 -12.27 1.53 -24.74
C GLY A 775 -13.04 1.21 -26.00
N PHE A 776 -12.71 0.04 -26.54
CA PHE A 776 -13.21 -0.43 -27.83
C PHE A 776 -13.44 -1.92 -27.70
N CYS A 777 -14.53 -2.42 -28.31
CA CYS A 777 -14.88 -3.84 -28.28
C CYS A 777 -15.10 -4.28 -29.71
N PHE A 778 -14.27 -5.23 -30.16
CA PHE A 778 -14.36 -5.81 -31.50
C PHE A 778 -14.99 -7.20 -31.32
N THR A 779 -16.30 -7.24 -31.60
CA THR A 779 -17.10 -8.45 -31.43
C THR A 779 -17.12 -9.18 -32.79
N LEU A 780 -16.45 -10.34 -32.86
CA LEU A 780 -16.21 -11.02 -34.14
C LEU A 780 -17.33 -11.97 -34.59
N CYS A 781 -18.55 -11.46 -34.67
CA CYS A 781 -19.65 -12.16 -35.29
C CYS A 781 -20.42 -11.14 -36.07
N SER A 782 -21.15 -11.59 -37.06
CA SER A 782 -21.94 -10.64 -37.87
C SER A 782 -23.10 -10.05 -37.00
N ARG A 783 -23.62 -8.87 -37.40
CA ARG A 783 -24.73 -8.28 -36.68
C ARG A 783 -25.91 -9.24 -36.69
N ALA A 784 -26.13 -9.94 -37.81
CA ALA A 784 -27.22 -10.89 -37.89
C ALA A 784 -26.96 -12.10 -36.96
N ARG A 785 -25.73 -12.59 -36.88
CA ARG A 785 -25.41 -13.64 -35.90
C ARG A 785 -25.71 -13.17 -34.47
N PHE A 786 -25.31 -11.95 -34.14
CA PHE A 786 -25.56 -11.41 -32.81
C PHE A 786 -27.04 -11.50 -32.43
N GLN A 787 -27.93 -11.04 -33.33
CA GLN A 787 -29.36 -11.07 -33.09
C GLN A 787 -29.91 -12.48 -32.87
N ALA A 788 -29.26 -13.47 -33.48
CA ALA A 788 -29.63 -14.87 -33.32
C ALA A 788 -29.02 -15.58 -32.10
N LEU A 789 -28.16 -14.90 -31.33
CA LEU A 789 -27.57 -15.49 -30.12
C LEU A 789 -28.63 -15.59 -29.03
N GLU A 790 -28.53 -16.60 -28.19
CA GLU A 790 -29.34 -16.70 -26.98
C GLU A 790 -29.04 -15.54 -26.05
N ASP A 791 -30.06 -15.08 -25.34
CA ASP A 791 -29.83 -14.09 -24.27
C ASP A 791 -28.88 -14.63 -23.19
N ASN A 792 -29.08 -15.91 -22.83
CA ASN A 792 -28.26 -16.61 -21.85
C ASN A 792 -28.00 -18.04 -22.26
N LEU A 793 -26.90 -18.62 -21.76
CA LEU A 793 -26.65 -20.05 -21.94
C LEU A 793 -27.55 -20.82 -20.98
N THR A 794 -27.86 -22.06 -21.34
CA THR A 794 -28.81 -22.84 -20.55
C THR A 794 -28.20 -23.15 -19.15
N PRO A 795 -29.00 -23.04 -18.06
CA PRO A 795 -28.50 -23.28 -16.71
C PRO A 795 -27.82 -24.64 -16.54
N GLU A 796 -26.73 -24.65 -15.80
CA GLU A 796 -25.98 -25.88 -15.56
C GLU A 796 -26.82 -27.00 -14.93
N MET A 797 -27.74 -26.60 -14.05
CA MET A 797 -28.64 -27.50 -13.38
C MET A 797 -29.38 -28.47 -14.33
N PHE A 798 -29.61 -28.05 -15.57
CA PHE A 798 -30.37 -28.82 -16.54
C PHE A 798 -29.54 -29.95 -17.19
N ARG A 799 -28.22 -29.94 -17.09
CA ARG A 799 -27.37 -30.85 -17.85
C ARG A 799 -26.20 -31.37 -17.01
N THR A 800 -26.43 -31.60 -15.72
CA THR A 800 -25.35 -32.08 -14.87
C THR A 800 -25.86 -33.14 -13.90
N PRO A 801 -25.09 -34.19 -13.66
CA PRO A 801 -25.55 -35.19 -12.65
C PRO A 801 -25.73 -34.52 -11.28
N LEU A 802 -26.70 -34.99 -10.52
CA LEU A 802 -27.17 -34.30 -9.35
C LEU A 802 -26.81 -34.96 -8.02
N HIS A 803 -26.05 -36.05 -8.07
CA HIS A 803 -25.81 -36.87 -6.86
C HIS A 803 -24.96 -36.16 -5.79
N GLU A 804 -24.00 -35.33 -6.20
CA GLU A 804 -23.23 -34.53 -5.23
C GLU A 804 -24.12 -33.50 -4.55
N MET A 805 -24.96 -32.84 -5.30
CA MET A 805 -25.91 -31.88 -4.73
C MET A 805 -26.91 -32.54 -3.80
N ALA A 806 -27.40 -33.72 -4.18
CA ALA A 806 -28.32 -34.49 -3.33
C ALA A 806 -27.73 -34.87 -1.97
N LEU A 807 -26.44 -35.20 -1.98
CA LEU A 807 -25.72 -35.46 -0.76
C LEU A 807 -25.67 -34.21 0.10
N THR A 808 -25.42 -33.07 -0.52
CA THR A 808 -25.36 -31.81 0.21
C THR A 808 -26.71 -31.48 0.83
N ILE A 809 -27.78 -31.70 0.09
CA ILE A 809 -29.12 -31.47 0.61
C ILE A 809 -29.33 -32.29 1.89
N LYS A 810 -28.93 -33.56 1.84
CA LYS A 810 -29.07 -34.44 3.00
C LYS A 810 -28.11 -34.07 4.14
N LEU A 811 -26.85 -33.73 3.83
CA LEU A 811 -25.90 -33.31 4.84
C LEU A 811 -26.42 -32.11 5.62
N LEU A 812 -26.93 -31.12 4.90
CA LEU A 812 -27.46 -29.89 5.50
C LEU A 812 -28.84 -30.05 6.07
N ARG A 813 -29.37 -31.27 6.03
CA ARG A 813 -30.67 -31.63 6.59
C ARG A 813 -31.78 -30.71 6.08
N LEU A 814 -31.77 -30.44 4.78
CA LEU A 814 -32.79 -29.59 4.18
C LEU A 814 -33.98 -30.40 3.64
N GLY A 815 -34.05 -31.70 3.97
CA GLY A 815 -35.23 -32.51 3.73
C GLY A 815 -35.13 -33.33 2.46
N SER A 816 -36.26 -33.40 1.74
CA SER A 816 -36.41 -34.29 0.59
C SER A 816 -35.66 -33.76 -0.62
N ILE A 817 -34.96 -34.65 -1.31
CA ILE A 817 -34.19 -34.29 -2.49
C ILE A 817 -35.11 -33.72 -3.59
N HIS A 818 -36.24 -34.37 -3.82
CA HIS A 818 -37.20 -33.93 -4.87
C HIS A 818 -37.80 -32.58 -4.51
N HIS A 819 -38.22 -32.45 -3.27
CA HIS A 819 -38.86 -31.23 -2.83
C HIS A 819 -37.90 -30.02 -2.91
N PHE A 820 -36.69 -30.18 -2.37
CA PHE A 820 -35.69 -29.13 -2.44
C PHE A 820 -35.42 -28.72 -3.90
N LEU A 821 -35.18 -29.69 -4.78
CA LEU A 821 -34.85 -29.37 -6.18
C LEU A 821 -36.04 -28.78 -6.95
N SER A 822 -37.27 -29.09 -6.54
CA SER A 822 -38.49 -28.50 -7.16
C SER A 822 -38.60 -27.01 -6.87
N LYS A 823 -37.89 -26.53 -5.84
CA LYS A 823 -37.82 -25.12 -5.45
C LYS A 823 -36.70 -24.33 -6.17
N ALA A 824 -35.89 -25.00 -7.00
CA ALA A 824 -34.83 -24.34 -7.75
C ALA A 824 -35.40 -23.35 -8.76
N LEU A 825 -34.60 -22.32 -9.05
CA LEU A 825 -35.00 -21.31 -10.01
C LEU A 825 -35.40 -21.97 -11.33
N GLU A 826 -34.65 -22.97 -11.77
CA GLU A 826 -35.13 -23.89 -12.82
C GLU A 826 -35.00 -25.33 -12.37
N PRO A 827 -36.11 -25.96 -11.97
CA PRO A 827 -35.97 -27.32 -11.47
C PRO A 827 -35.34 -28.27 -12.51
N PRO A 828 -34.44 -29.17 -12.06
CA PRO A 828 -33.82 -30.08 -13.02
C PRO A 828 -34.81 -31.13 -13.52
N PRO A 829 -34.52 -31.74 -14.67
CA PRO A 829 -35.39 -32.79 -15.15
C PRO A 829 -35.44 -33.97 -14.19
N VAL A 830 -36.63 -34.51 -13.97
CA VAL A 830 -36.88 -35.50 -12.95
C VAL A 830 -36.13 -36.84 -13.14
N ASP A 831 -35.82 -37.22 -14.38
CA ASP A 831 -35.00 -38.43 -14.60
C ASP A 831 -33.61 -38.29 -13.99
N ALA A 832 -33.01 -37.11 -14.05
CA ALA A 832 -31.70 -36.87 -13.41
C ALA A 832 -31.78 -36.92 -11.88
N VAL A 833 -32.91 -36.50 -11.34
CA VAL A 833 -33.13 -36.57 -9.90
C VAL A 833 -33.20 -38.04 -9.46
N ILE A 834 -33.96 -38.85 -10.23
CA ILE A 834 -34.11 -40.28 -9.95
C ILE A 834 -32.76 -40.99 -10.03
N GLU A 835 -32.00 -40.73 -11.09
CA GLU A 835 -30.66 -41.29 -11.25
C GLU A 835 -29.79 -41.04 -10.01
N ALA A 836 -29.80 -39.81 -9.53
CA ALA A 836 -29.03 -39.41 -8.35
C ALA A 836 -29.45 -40.22 -7.12
N GLU A 837 -30.75 -40.34 -6.90
CA GLU A 837 -31.24 -41.04 -5.71
C GLU A 837 -30.81 -42.51 -5.78
N VAL A 838 -31.02 -43.12 -6.95
CA VAL A 838 -30.67 -44.54 -7.15
C VAL A 838 -29.18 -44.78 -6.98
N LEU A 839 -28.36 -43.90 -7.53
CA LEU A 839 -26.90 -44.01 -7.35
C LEU A 839 -26.51 -44.04 -5.85
N LEU A 840 -27.03 -43.08 -5.11
CA LEU A 840 -26.69 -42.93 -3.69
C LEU A 840 -27.24 -44.09 -2.83
N ARG A 841 -28.43 -44.58 -3.17
CA ARG A 841 -28.96 -45.78 -2.49
C ARG A 841 -28.06 -46.99 -2.76
N GLU A 842 -27.68 -47.19 -4.01
CA GLU A 842 -26.87 -48.35 -4.38
C GLU A 842 -25.45 -48.29 -3.80
N MET A 843 -24.92 -47.09 -3.68
CA MET A 843 -23.63 -46.87 -3.03
C MET A 843 -23.68 -46.97 -1.49
N ARG A 844 -24.87 -47.04 -0.93
CA ARG A 844 -25.14 -47.11 0.52
C ARG A 844 -24.87 -45.78 1.26
N CYS A 845 -24.94 -44.67 0.52
CA CYS A 845 -24.95 -43.32 1.13
C CYS A 845 -26.30 -42.95 1.77
N LEU A 846 -27.36 -43.55 1.25
CA LEU A 846 -28.70 -43.41 1.78
C LEU A 846 -29.17 -44.80 2.18
N ASP A 847 -29.91 -44.88 3.27
CA ASP A 847 -30.45 -46.13 3.77
C ASP A 847 -31.81 -46.43 3.09
N ALA A 848 -32.56 -47.38 3.63
CA ALA A 848 -33.91 -47.70 3.14
C ALA A 848 -34.94 -46.56 3.26
N ASN A 849 -34.75 -45.62 4.19
CA ASN A 849 -35.62 -44.43 4.33
C ASN A 849 -35.12 -43.16 3.64
N ASP A 850 -34.18 -43.28 2.73
CA ASP A 850 -33.50 -42.15 2.09
C ASP A 850 -32.85 -41.16 3.06
N GLU A 851 -32.42 -41.68 4.20
CA GLU A 851 -31.67 -40.90 5.17
C GLU A 851 -30.20 -41.20 5.02
N LEU A 852 -29.39 -40.22 5.40
CA LEU A 852 -27.97 -40.26 5.21
C LEU A 852 -27.34 -41.31 6.15
N THR A 853 -26.51 -42.19 5.59
CA THR A 853 -25.76 -43.13 6.43
C THR A 853 -24.48 -42.43 6.89
N PRO A 854 -23.75 -43.02 7.85
CA PRO A 854 -22.43 -42.46 8.16
C PRO A 854 -21.48 -42.41 6.96
N LEU A 855 -21.54 -43.40 6.08
CA LEU A 855 -20.73 -43.33 4.85
C LEU A 855 -21.11 -42.10 4.01
N GLY A 856 -22.40 -41.94 3.79
CA GLY A 856 -22.95 -40.80 3.03
C GLY A 856 -22.57 -39.44 3.60
N ARG A 857 -22.60 -39.35 4.92
CA ARG A 857 -22.24 -38.09 5.62
C ARG A 857 -20.78 -37.73 5.40
N LEU A 858 -19.91 -38.73 5.54
CA LEU A 858 -18.49 -38.56 5.27
C LEU A 858 -18.23 -38.15 3.82
N LEU A 859 -18.88 -38.85 2.89
CA LEU A 859 -18.69 -38.58 1.48
C LEU A 859 -19.22 -37.20 1.08
N ALA A 860 -20.32 -36.77 1.70
CA ALA A 860 -20.85 -35.42 1.47
C ALA A 860 -19.85 -34.33 1.84
N ARG A 861 -18.96 -34.63 2.78
CA ARG A 861 -17.95 -33.69 3.23
C ARG A 861 -16.67 -33.71 2.42
N LEU A 862 -16.46 -34.67 1.53
CA LEU A 862 -15.23 -34.68 0.75
C LEU A 862 -15.46 -34.00 -0.61
N PRO A 863 -14.48 -33.22 -1.11
CA PRO A 863 -14.70 -32.49 -2.36
C PRO A 863 -14.29 -33.38 -3.54
N ILE A 864 -14.85 -34.58 -3.61
CA ILE A 864 -14.61 -35.50 -4.71
C ILE A 864 -15.88 -36.28 -4.94
N GLU A 865 -15.98 -36.89 -6.12
CA GLU A 865 -17.05 -37.83 -6.41
C GLU A 865 -17.23 -38.80 -5.26
N PRO A 866 -18.48 -39.04 -4.85
CA PRO A 866 -18.76 -40.01 -3.75
C PRO A 866 -18.11 -41.39 -3.95
N ARG A 867 -18.11 -41.87 -5.18
CA ARG A 867 -17.47 -43.15 -5.48
C ARG A 867 -15.95 -43.13 -5.19
N LEU A 868 -15.28 -42.01 -5.52
CA LEU A 868 -13.89 -41.83 -5.13
C LEU A 868 -13.73 -41.71 -3.60
N GLY A 869 -14.72 -41.09 -2.94
CA GLY A 869 -14.71 -41.00 -1.50
C GLY A 869 -14.78 -42.37 -0.82
N LYS A 870 -15.64 -43.23 -1.36
CA LYS A 870 -15.83 -44.55 -0.84
C LYS A 870 -14.56 -45.35 -1.00
N MET A 871 -13.92 -45.17 -2.15
CA MET A 871 -12.60 -45.76 -2.39
C MET A 871 -11.57 -45.31 -1.33
N MET A 872 -11.58 -44.04 -1.00
CA MET A 872 -10.71 -43.47 0.06
C MET A 872 -10.85 -44.12 1.42
N VAL A 873 -12.10 -44.39 1.79
CA VAL A 873 -12.42 -45.07 3.07
C VAL A 873 -11.72 -46.44 3.09
N LEU A 874 -11.84 -47.21 2.00
CA LEU A 874 -11.11 -48.47 1.95
C LEU A 874 -9.62 -48.26 1.89
N GLY A 875 -9.16 -47.25 1.17
CA GLY A 875 -7.76 -46.85 1.20
C GLY A 875 -7.22 -46.69 2.64
N ALA A 876 -7.97 -45.96 3.46
CA ALA A 876 -7.58 -45.76 4.85
C ALA A 876 -7.47 -47.11 5.58
N VAL A 877 -8.49 -47.95 5.43
CA VAL A 877 -8.52 -49.24 6.05
C VAL A 877 -7.33 -50.12 5.66
N PHE A 878 -6.94 -50.04 4.39
CA PHE A 878 -5.85 -50.80 3.85
C PHE A 878 -4.49 -50.11 4.01
N GLY A 879 -4.41 -48.97 4.68
CA GLY A 879 -3.11 -48.32 4.97
C GLY A 879 -2.48 -47.61 3.79
N CYS A 880 -3.27 -47.35 2.73
CA CYS A 880 -2.74 -46.75 1.50
C CYS A 880 -3.52 -45.50 1.13
N ALA A 881 -4.03 -44.79 2.14
CA ALA A 881 -4.82 -43.59 1.88
C ALA A 881 -4.06 -42.52 1.14
N ASP A 882 -2.73 -42.45 1.34
CA ASP A 882 -1.92 -41.45 0.68
C ASP A 882 -1.96 -41.63 -0.85
N LEU A 883 -1.65 -42.84 -1.28
CA LEU A 883 -1.73 -43.19 -2.70
C LEU A 883 -3.15 -43.01 -3.26
N MET A 884 -4.18 -43.41 -2.47
CA MET A 884 -5.56 -43.26 -2.92
C MET A 884 -5.96 -41.80 -3.07
N ALA A 885 -5.52 -40.96 -2.14
CA ALA A 885 -5.83 -39.53 -2.18
C ALA A 885 -5.24 -38.89 -3.43
N ILE A 886 -3.98 -39.20 -3.74
CA ILE A 886 -3.37 -38.60 -4.90
C ILE A 886 -4.04 -39.06 -6.20
N MET A 887 -4.44 -40.31 -6.26
CA MET A 887 -5.15 -40.82 -7.43
C MET A 887 -6.55 -40.24 -7.53
N ALA A 888 -7.22 -40.08 -6.38
CA ALA A 888 -8.56 -39.45 -6.38
C ALA A 888 -8.46 -38.00 -6.87
N SER A 889 -7.40 -37.32 -6.40
CA SER A 889 -7.16 -35.94 -6.74
C SER A 889 -6.90 -35.78 -8.27
N TYR A 890 -6.05 -36.62 -8.83
CA TYR A 890 -5.81 -36.69 -10.28
C TYR A 890 -7.08 -36.96 -11.07
N SER A 891 -7.92 -37.86 -10.54
CA SER A 891 -9.22 -38.19 -11.13
C SER A 891 -10.26 -37.05 -11.01
N SER A 892 -9.98 -36.00 -10.23
CA SER A 892 -10.92 -34.91 -9.94
C SER A 892 -10.52 -33.55 -10.53
N THR A 893 -9.57 -33.55 -11.46
CA THR A 893 -9.16 -32.30 -12.13
C THR A 893 -9.04 -32.53 -13.62
N PHE A 894 -9.35 -31.50 -14.41
CA PHE A 894 -9.18 -31.56 -15.87
C PHE A 894 -7.80 -31.08 -16.25
N SER A 895 -7.03 -30.59 -15.28
CA SER A 895 -5.68 -30.08 -15.53
C SER A 895 -4.79 -31.28 -15.91
N GLU A 896 -4.03 -31.17 -17.01
CA GLU A 896 -3.30 -32.31 -17.58
C GLU A 896 -1.87 -32.43 -16.99
N VAL A 897 -1.42 -33.66 -16.80
CA VAL A 897 -0.13 -33.91 -16.19
C VAL A 897 1.02 -33.63 -17.13
N PHE A 898 0.93 -34.12 -18.36
CA PHE A 898 2.02 -34.01 -19.31
C PHE A 898 1.71 -32.93 -20.34
N SER A 899 2.71 -32.18 -20.73
CA SER A 899 2.58 -31.25 -21.83
C SER A 899 2.95 -31.96 -23.14
N LEU A 900 2.17 -31.69 -24.17
CA LEU A 900 2.40 -32.16 -25.52
C LEU A 900 2.41 -30.91 -26.40
N ASP A 901 3.27 -30.91 -27.41
CA ASP A 901 3.40 -29.85 -28.44
C ASP A 901 2.08 -29.71 -29.24
N ILE A 902 1.98 -28.68 -30.05
CA ILE A 902 0.85 -28.55 -31.00
C ILE A 902 0.89 -29.71 -32.01
N GLY A 903 -0.26 -30.35 -32.20
CA GLY A 903 -0.40 -31.51 -33.06
C GLY A 903 0.56 -32.66 -32.77
N GLN A 904 0.99 -32.82 -31.51
CA GLN A 904 1.83 -33.98 -31.13
C GLN A 904 0.90 -35.16 -31.03
N ARG A 905 1.31 -36.25 -31.64
CA ARG A 905 0.46 -37.41 -31.73
C ARG A 905 0.49 -38.24 -30.43
N ARG A 906 1.56 -38.14 -29.63
CA ARG A 906 1.64 -38.98 -28.40
C ARG A 906 2.68 -38.50 -27.39
N LEU A 907 2.72 -39.15 -26.23
CA LEU A 907 3.74 -38.85 -25.23
C LEU A 907 5.13 -39.25 -25.74
N ALA A 908 6.14 -38.48 -25.39
CA ALA A 908 7.53 -38.86 -25.60
C ALA A 908 7.92 -39.99 -24.68
N ASN A 909 9.03 -40.64 -25.02
CA ASN A 909 9.50 -41.80 -24.24
C ASN A 909 9.84 -41.50 -22.78
N HIS A 910 10.40 -40.32 -22.52
CA HIS A 910 10.79 -39.92 -21.15
C HIS A 910 9.57 -39.66 -20.28
N GLN A 911 8.42 -39.34 -20.90
CA GLN A 911 7.17 -39.20 -20.18
C GLN A 911 6.56 -40.59 -19.88
N LYS A 912 6.51 -41.47 -20.90
CA LYS A 912 6.05 -42.87 -20.76
C LYS A 912 6.84 -43.66 -19.74
N ALA A 913 8.13 -43.38 -19.65
CA ALA A 913 9.02 -44.06 -18.71
C ALA A 913 8.64 -43.88 -17.26
N LEU A 914 7.91 -42.83 -16.93
CA LEU A 914 7.42 -42.65 -15.55
C LEU A 914 6.45 -43.75 -15.10
N SER A 915 5.84 -44.45 -16.06
CA SER A 915 5.00 -45.63 -15.77
C SER A 915 5.83 -46.87 -15.43
N GLY A 916 7.10 -46.86 -15.82
CA GLY A 916 8.00 -47.99 -15.60
C GLY A 916 7.47 -49.25 -16.24
N THR A 917 7.28 -50.29 -15.43
CA THR A 917 6.77 -51.57 -15.90
C THR A 917 5.23 -51.67 -15.77
N LYS A 918 4.55 -50.62 -15.28
CA LYS A 918 3.20 -50.79 -14.72
C LYS A 918 2.05 -50.59 -15.68
N CYS A 919 2.32 -49.99 -16.85
CA CYS A 919 1.34 -49.72 -17.87
C CYS A 919 0.19 -48.89 -17.27
N SER A 920 0.54 -47.77 -16.66
CA SER A 920 -0.37 -47.07 -15.79
C SER A 920 -0.11 -45.57 -15.82
N ASP A 921 -1.10 -44.84 -16.29
CA ASP A 921 -1.11 -43.37 -16.22
C ASP A 921 -1.13 -42.91 -14.76
N HIS A 922 -1.80 -43.65 -13.88
CA HIS A 922 -1.86 -43.29 -12.47
C HIS A 922 -0.49 -43.37 -11.82
N VAL A 923 0.25 -44.43 -12.14
CA VAL A 923 1.61 -44.58 -11.66
C VAL A 923 2.53 -43.49 -12.20
N ALA A 924 2.44 -43.22 -13.51
CA ALA A 924 3.21 -42.12 -14.12
C ALA A 924 2.97 -40.82 -13.38
N MET A 925 1.71 -40.52 -13.10
CA MET A 925 1.34 -39.34 -12.32
C MET A 925 1.93 -39.38 -10.89
N ILE A 926 1.84 -40.53 -10.22
CA ILE A 926 2.42 -40.70 -8.85
C ILE A 926 3.92 -40.46 -8.84
N VAL A 927 4.60 -41.10 -9.79
CA VAL A 927 6.05 -40.99 -9.91
C VAL A 927 6.45 -39.53 -10.21
N ALA A 928 5.73 -38.91 -11.15
CA ALA A 928 5.97 -37.50 -11.47
C ALA A 928 5.82 -36.62 -10.21
N SER A 929 4.78 -36.87 -9.44
CA SER A 929 4.52 -36.18 -8.20
C SER A 929 5.61 -36.37 -7.13
N GLN A 930 6.09 -37.59 -6.97
CA GLN A 930 7.19 -37.90 -6.05
C GLN A 930 8.46 -37.16 -6.40
N MET A 931 8.77 -37.08 -7.68
CA MET A 931 9.94 -36.34 -8.09
C MET A 931 9.73 -34.84 -7.97
N TRP A 932 8.58 -34.37 -8.44
CA TRP A 932 8.25 -32.94 -8.43
C TRP A 932 8.29 -32.38 -6.98
N ARG A 933 7.76 -33.15 -6.05
CA ARG A 933 7.65 -32.77 -4.64
C ARG A 933 8.99 -32.34 -4.06
N ARG A 934 10.02 -33.10 -4.37
CA ARG A 934 11.36 -32.77 -3.91
C ARG A 934 11.90 -31.52 -4.59
N GLU A 935 11.54 -31.32 -5.87
CA GLU A 935 12.01 -30.10 -6.58
C GLU A 935 11.26 -28.84 -6.13
N LYS A 936 9.97 -28.97 -5.85
CA LYS A 936 9.20 -27.88 -5.25
C LYS A 936 9.85 -27.35 -3.93
N GLN A 937 10.37 -28.27 -3.10
CA GLN A 937 11.01 -27.96 -1.80
C GLN A 937 12.29 -27.12 -1.97
N ARG A 938 12.94 -27.25 -3.12
CA ARG A 938 14.15 -26.48 -3.46
C ARG A 938 13.87 -25.09 -4.04
N GLY A 939 12.62 -24.76 -4.33
CA GLY A 939 12.25 -23.40 -4.77
C GLY A 939 11.62 -23.36 -6.15
N GLU A 940 11.06 -22.20 -6.49
CA GLU A 940 10.37 -21.90 -7.76
C GLU A 940 11.19 -22.18 -9.04
N HIS A 941 12.43 -21.71 -9.09
CA HIS A 941 13.31 -21.97 -10.23
C HIS A 941 13.47 -23.48 -10.40
N MET A 942 13.79 -24.19 -9.32
CA MET A 942 14.03 -25.62 -9.43
C MET A 942 12.78 -26.38 -9.86
N GLU A 943 11.63 -25.96 -9.35
CA GLU A 943 10.37 -26.65 -9.66
C GLU A 943 10.07 -26.51 -11.15
N ALA A 944 10.18 -25.30 -11.65
CA ALA A 944 9.89 -24.97 -13.06
C ALA A 944 10.89 -25.65 -13.99
N ARG A 945 12.16 -25.58 -13.64
CA ARG A 945 13.16 -26.30 -14.39
C ARG A 945 12.87 -27.82 -14.48
N PHE A 946 12.46 -28.42 -13.36
CA PHE A 946 12.15 -29.83 -13.36
C PHE A 946 10.98 -30.11 -14.32
N CYS A 947 9.93 -29.32 -14.22
CA CYS A 947 8.76 -29.54 -15.07
C CYS A 947 9.11 -29.41 -16.57
N ASP A 948 9.95 -28.44 -16.93
CA ASP A 948 10.45 -28.29 -18.30
C ASP A 948 11.29 -29.44 -18.76
N TRP A 949 12.13 -29.94 -17.87
CA TRP A 949 12.96 -31.07 -18.16
C TRP A 949 12.16 -32.37 -18.45
N LYS A 950 11.11 -32.65 -17.70
CA LYS A 950 10.30 -33.87 -17.82
C LYS A 950 9.04 -33.73 -18.73
N GLY A 951 8.71 -32.49 -19.11
CA GLY A 951 7.47 -32.21 -19.83
C GLY A 951 6.23 -32.38 -18.97
N LEU A 952 6.30 -31.87 -17.75
CA LEU A 952 5.14 -31.87 -16.84
C LEU A 952 4.54 -30.49 -16.81
N GLN A 953 3.26 -30.44 -16.55
CA GLN A 953 2.58 -29.19 -16.38
C GLN A 953 2.62 -28.85 -14.88
N MET A 954 3.42 -27.84 -14.55
CA MET A 954 3.61 -27.38 -13.17
C MET A 954 2.33 -27.12 -12.39
N SER A 955 1.39 -26.40 -12.99
CA SER A 955 0.15 -26.09 -12.27
C SER A 955 -0.63 -27.37 -11.90
N THR A 956 -0.63 -28.37 -12.79
CA THR A 956 -1.29 -29.65 -12.51
C THR A 956 -0.65 -30.36 -11.31
N MET A 957 0.67 -30.40 -11.29
CA MET A 957 1.37 -31.03 -10.14
C MET A 957 0.92 -30.36 -8.81
N ASN A 958 0.80 -29.04 -8.83
CA ASN A 958 0.39 -28.28 -7.65
C ASN A 958 -1.02 -28.55 -7.22
N VAL A 959 -1.95 -28.55 -8.18
CA VAL A 959 -3.33 -28.79 -7.80
C VAL A 959 -3.52 -30.23 -7.33
N ILE A 960 -2.86 -31.19 -7.97
CA ILE A 960 -3.02 -32.59 -7.54
C ILE A 960 -2.52 -32.74 -6.09
N TRP A 961 -1.37 -32.14 -5.81
CA TRP A 961 -0.83 -32.13 -4.45
C TRP A 961 -1.75 -31.44 -3.39
N ASP A 962 -2.18 -30.22 -3.68
CA ASP A 962 -3.00 -29.46 -2.74
C ASP A 962 -4.31 -30.21 -2.45
N ALA A 963 -4.95 -30.75 -3.48
CA ALA A 963 -6.21 -31.48 -3.31
C ALA A 963 -5.99 -32.76 -2.51
N LYS A 964 -4.87 -33.40 -2.78
CA LYS A 964 -4.53 -34.63 -2.08
C LYS A 964 -4.33 -34.38 -0.58
N GLN A 965 -3.60 -33.31 -0.27
CA GLN A 965 -3.39 -32.93 1.14
C GLN A 965 -4.67 -32.53 1.83
N GLN A 966 -5.51 -31.81 1.14
CA GLN A 966 -6.82 -31.48 1.65
C GLN A 966 -7.65 -32.73 1.98
N LEU A 967 -7.65 -33.72 1.09
CA LEU A 967 -8.42 -34.93 1.30
C LEU A 967 -7.96 -35.65 2.56
N LEU A 968 -6.65 -35.76 2.71
CA LEU A 968 -6.06 -36.41 3.88
C LEU A 968 -6.38 -35.65 5.18
N ASP A 969 -6.29 -34.32 5.14
CA ASP A 969 -6.66 -33.52 6.32
C ASP A 969 -8.13 -33.78 6.70
N LEU A 970 -9.02 -33.80 5.70
CA LEU A 970 -10.44 -34.04 5.96
C LEU A 970 -10.70 -35.42 6.56
N LEU A 971 -9.96 -36.42 6.09
CA LEU A 971 -10.06 -37.75 6.66
C LEU A 971 -9.56 -37.78 8.11
N GLN A 972 -8.47 -37.03 8.40
CA GLN A 972 -7.98 -36.86 9.78
C GLN A 972 -9.03 -36.20 10.63
N GLN A 973 -9.65 -35.13 10.12
CA GLN A 973 -10.75 -34.49 10.85
C GLN A 973 -11.93 -35.41 11.15
N ALA A 974 -12.25 -36.34 10.24
CA ALA A 974 -13.33 -37.32 10.48
C ALA A 974 -12.93 -38.41 11.46
N GLY A 975 -11.68 -38.45 11.88
CA GLY A 975 -11.21 -39.35 12.93
C GLY A 975 -10.28 -40.46 12.48
N PHE A 976 -10.00 -40.57 11.18
CA PHE A 976 -9.10 -41.60 10.67
C PHE A 976 -7.66 -41.30 11.13
N PRO A 977 -6.93 -42.32 11.60
CA PRO A 977 -5.60 -42.08 12.17
C PRO A 977 -4.54 -41.76 11.13
N GLU A 978 -3.56 -40.93 11.54
CA GLU A 978 -2.38 -40.55 10.71
C GLU A 978 -1.67 -41.76 10.12
N GLU A 979 -1.64 -42.84 10.89
CA GLU A 979 -0.93 -44.05 10.52
C GLU A 979 -1.50 -44.73 9.25
N CYS A 980 -2.76 -44.48 8.90
CA CYS A 980 -3.32 -45.08 7.68
C CYS A 980 -2.98 -44.30 6.40
N MET A 981 -2.29 -43.16 6.54
CA MET A 981 -1.99 -42.28 5.42
C MET A 981 -0.50 -41.84 5.39
N ILE A 982 0.36 -42.73 5.84
CA ILE A 982 1.82 -42.63 5.70
C ILE A 982 2.21 -42.73 4.21
N SER A 983 3.13 -41.87 3.79
CA SER A 983 3.69 -41.92 2.45
C SER A 983 4.40 -43.22 2.21
N HIS A 984 4.13 -43.79 1.04
CA HIS A 984 4.80 -44.95 0.51
C HIS A 984 5.34 -44.54 -0.88
N GLU A 985 6.67 -44.53 -1.03
CA GLU A 985 7.28 -44.16 -2.32
C GLU A 985 7.05 -45.34 -3.26
N VAL A 986 6.52 -45.07 -4.43
CA VAL A 986 6.39 -46.11 -5.45
C VAL A 986 7.67 -46.19 -6.26
N ASP A 987 8.19 -47.39 -6.43
CA ASP A 987 9.28 -47.64 -7.35
C ASP A 987 8.69 -48.29 -8.62
N GLU A 988 8.45 -47.45 -9.63
CA GLU A 988 7.91 -47.91 -10.94
C GLU A 988 8.76 -48.93 -11.69
N ARG A 989 10.05 -48.96 -11.40
CA ARG A 989 11.01 -49.85 -12.09
C ARG A 989 10.93 -51.31 -11.66
N ILE A 990 10.28 -51.61 -10.53
CA ILE A 990 10.05 -53.00 -10.09
C ILE A 990 9.19 -53.72 -11.10
N ASP A 991 9.70 -54.82 -11.63
CA ASP A 991 9.00 -55.67 -12.61
C ASP A 991 8.41 -56.85 -11.87
N GLY A 992 7.17 -56.72 -11.40
CA GLY A 992 6.52 -57.82 -10.65
C GLY A 992 5.66 -57.25 -9.54
N ASP A 993 5.45 -58.06 -8.50
CA ASP A 993 4.53 -57.71 -7.43
C ASP A 993 5.04 -56.57 -6.58
N ASP A 994 4.10 -55.76 -6.08
CA ASP A 994 4.41 -54.69 -5.17
C ASP A 994 3.17 -54.48 -4.33
N PRO A 995 3.12 -55.08 -3.13
CA PRO A 995 1.83 -55.19 -2.38
C PRO A 995 1.05 -53.91 -2.17
N VAL A 996 1.72 -52.83 -1.78
CA VAL A 996 1.02 -51.60 -1.48
C VAL A 996 0.48 -50.94 -2.77
N LEU A 997 1.33 -50.85 -3.79
CA LEU A 997 0.86 -50.37 -5.09
C LEU A 997 -0.29 -51.22 -5.64
N ASP A 998 -0.17 -52.54 -5.53
CA ASP A 998 -1.11 -53.45 -6.14
C ASP A 998 -2.52 -53.30 -5.56
N VAL A 999 -2.63 -53.22 -4.23
CA VAL A 999 -3.93 -53.02 -3.60
C VAL A 999 -4.49 -51.60 -3.91
N SER A 1000 -3.60 -50.64 -4.01
CA SER A 1000 -3.95 -49.28 -4.42
C SER A 1000 -4.59 -49.21 -5.81
N LEU A 1001 -3.95 -49.83 -6.80
CA LEU A 1001 -4.51 -49.89 -8.15
C LEU A 1001 -5.79 -50.73 -8.18
N ALA A 1002 -5.85 -51.79 -7.38
CA ALA A 1002 -7.07 -52.59 -7.26
C ALA A 1002 -8.25 -51.73 -6.79
N LEU A 1003 -8.01 -50.88 -5.80
CA LEU A 1003 -9.05 -50.05 -5.26
C LEU A 1003 -9.54 -48.97 -6.23
N LEU A 1004 -8.73 -48.59 -7.22
CA LEU A 1004 -9.21 -47.80 -8.36
C LEU A 1004 -10.37 -48.44 -9.09
N CYS A 1005 -10.40 -49.77 -9.15
CA CYS A 1005 -11.52 -50.44 -9.83
C CYS A 1005 -12.85 -50.12 -9.16
N LEU A 1006 -12.83 -49.89 -7.84
CA LEU A 1006 -13.99 -49.47 -7.08
C LEU A 1006 -14.27 -47.99 -7.34
N GLY A 1007 -13.27 -47.14 -7.20
CA GLY A 1007 -13.46 -45.71 -7.33
C GLY A 1007 -13.90 -45.24 -8.73
N LEU A 1008 -13.47 -45.96 -9.77
CA LEU A 1008 -13.75 -45.61 -11.15
C LEU A 1008 -14.75 -46.54 -11.82
N TYR A 1009 -15.31 -47.48 -11.07
CA TYR A 1009 -16.37 -48.37 -11.57
C TYR A 1009 -17.51 -47.51 -12.18
N PRO A 1010 -18.07 -47.84 -13.36
CA PRO A 1010 -17.86 -49.07 -14.12
C PRO A 1010 -16.83 -49.00 -15.25
N ASN A 1011 -15.82 -48.15 -15.14
CA ASN A 1011 -14.88 -47.96 -16.24
C ASN A 1011 -13.76 -49.01 -16.26
N ILE A 1012 -14.09 -50.20 -16.77
CA ILE A 1012 -13.14 -51.24 -17.06
C ILE A 1012 -13.19 -51.50 -18.55
N CYS A 1013 -12.06 -51.55 -19.23
CA CYS A 1013 -12.00 -51.97 -20.60
C CYS A 1013 -11.02 -53.12 -20.77
N VAL A 1014 -11.07 -53.70 -21.96
CA VAL A 1014 -10.27 -54.86 -22.32
C VAL A 1014 -9.55 -54.51 -23.59
N HIS A 1015 -8.23 -54.68 -23.57
CA HIS A 1015 -7.40 -54.39 -24.74
C HIS A 1015 -7.65 -55.40 -25.82
N LYS A 1016 -7.84 -54.95 -27.05
CA LYS A 1016 -8.05 -55.84 -28.16
C LYS A 1016 -6.80 -55.93 -29.01
N GLU A 1017 -6.33 -54.80 -29.55
CA GLU A 1017 -5.10 -54.74 -30.33
C GLU A 1017 -4.76 -53.26 -30.56
N LYS A 1018 -3.46 -52.95 -30.57
CA LYS A 1018 -2.95 -51.60 -30.84
C LYS A 1018 -3.65 -50.61 -29.91
N ARG A 1019 -4.31 -49.56 -30.42
CA ARG A 1019 -5.04 -48.64 -29.59
C ARG A 1019 -6.48 -49.09 -29.28
N LYS A 1020 -6.96 -50.15 -29.90
CA LYS A 1020 -8.37 -50.55 -29.75
C LYS A 1020 -8.60 -51.30 -28.45
N VAL A 1021 -9.65 -50.89 -27.75
CA VAL A 1021 -10.11 -51.58 -26.57
C VAL A 1021 -11.63 -51.78 -26.70
N LEU A 1022 -12.19 -52.59 -25.82
CA LEU A 1022 -13.62 -52.80 -25.71
C LEU A 1022 -14.09 -52.35 -24.33
N THR A 1023 -15.15 -51.55 -24.30
CA THR A 1023 -15.82 -51.16 -23.06
C THR A 1023 -17.05 -52.05 -22.85
N THR A 1024 -17.79 -51.80 -21.78
CA THR A 1024 -19.00 -52.61 -21.39
C THR A 1024 -19.82 -53.08 -22.59
N GLU A 1025 -20.08 -54.39 -22.61
CA GLU A 1025 -20.82 -55.08 -23.70
C GLU A 1025 -20.17 -54.96 -25.06
N SER A 1026 -18.83 -54.97 -25.05
CA SER A 1026 -18.02 -54.98 -26.26
C SER A 1026 -18.25 -53.82 -27.24
N LYS A 1027 -18.40 -52.61 -26.72
CA LYS A 1027 -18.41 -51.40 -27.56
C LYS A 1027 -16.98 -50.97 -27.81
N ALA A 1028 -16.70 -50.53 -29.02
CA ALA A 1028 -15.32 -50.18 -29.42
C ALA A 1028 -14.92 -48.84 -28.80
N ALA A 1029 -13.64 -48.71 -28.46
CA ALA A 1029 -13.06 -47.41 -28.07
C ALA A 1029 -11.58 -47.45 -28.30
N LEU A 1030 -10.94 -46.28 -28.16
CA LEU A 1030 -9.50 -46.15 -28.36
C LEU A 1030 -8.80 -45.72 -27.07
N LEU A 1031 -7.57 -46.15 -26.89
CA LEU A 1031 -6.74 -45.58 -25.83
C LEU A 1031 -6.42 -44.14 -26.20
N HIS A 1032 -6.66 -43.22 -25.28
CA HIS A 1032 -6.43 -41.80 -25.54
C HIS A 1032 -4.96 -41.56 -25.89
N LYS A 1033 -4.72 -40.63 -26.83
CA LYS A 1033 -3.37 -40.33 -27.31
C LYS A 1033 -2.38 -39.88 -26.24
N THR A 1034 -2.90 -39.44 -25.13
CA THR A 1034 -2.17 -38.89 -24.03
C THR A 1034 -1.78 -40.00 -22.99
N SER A 1035 -2.27 -41.24 -23.18
CA SER A 1035 -1.98 -42.32 -22.24
C SER A 1035 -0.55 -42.83 -22.47
N VAL A 1036 0.10 -43.22 -21.38
CA VAL A 1036 1.35 -43.95 -21.45
C VAL A 1036 1.14 -45.28 -22.15
N ASN A 1037 -0.11 -45.75 -22.23
CA ASN A 1037 -0.36 -47.04 -22.86
C ASN A 1037 -0.66 -46.98 -24.36
N CYS A 1038 -0.70 -45.78 -24.91
CA CYS A 1038 -1.10 -45.57 -26.30
C CYS A 1038 0.08 -45.77 -27.22
N SER A 1039 -0.10 -46.66 -28.18
CA SER A 1039 0.87 -46.89 -29.21
C SER A 1039 0.15 -47.30 -30.48
N ASN A 1040 0.68 -46.87 -31.61
CA ASN A 1040 0.20 -47.38 -32.91
C ASN A 1040 0.81 -48.72 -33.30
N LEU A 1041 1.91 -49.08 -32.65
CA LEU A 1041 2.53 -50.38 -32.84
C LEU A 1041 1.71 -51.49 -32.12
N ALA A 1042 1.98 -52.74 -32.49
CA ALA A 1042 1.21 -53.90 -32.05
C ALA A 1042 1.59 -54.42 -30.65
N VAL A 1043 1.40 -53.58 -29.65
CA VAL A 1043 1.69 -53.89 -28.25
C VAL A 1043 0.79 -54.99 -27.64
N THR A 1044 1.34 -55.80 -26.76
CA THR A 1044 0.53 -56.69 -25.92
C THR A 1044 0.87 -56.40 -24.46
N PHE A 1045 -0.12 -56.45 -23.59
CA PHE A 1045 0.07 -56.09 -22.20
C PHE A 1045 0.06 -57.35 -21.33
N PRO A 1046 0.79 -57.33 -20.21
CA PRO A 1046 0.76 -58.49 -19.32
C PRO A 1046 -0.66 -58.95 -18.92
N TYR A 1047 -1.57 -58.00 -18.65
CA TYR A 1047 -3.01 -58.26 -18.49
C TYR A 1047 -3.81 -57.33 -19.42
N PRO A 1048 -4.96 -57.81 -19.92
CA PRO A 1048 -5.66 -56.98 -20.89
C PRO A 1048 -6.65 -56.03 -20.27
N PHE A 1049 -6.78 -56.03 -18.95
CA PHE A 1049 -7.81 -55.24 -18.28
C PHE A 1049 -7.24 -53.90 -17.90
N PHE A 1050 -7.98 -52.83 -18.20
CA PHE A 1050 -7.62 -51.48 -17.77
C PHE A 1050 -8.80 -50.80 -17.04
N VAL A 1051 -8.49 -50.17 -15.92
CA VAL A 1051 -9.42 -49.26 -15.28
C VAL A 1051 -9.16 -47.87 -15.87
N PHE A 1052 -10.20 -47.07 -16.05
CA PHE A 1052 -9.99 -45.74 -16.61
C PHE A 1052 -10.89 -44.64 -16.04
N GLY A 1053 -10.39 -43.40 -16.10
CA GLY A 1053 -11.04 -42.28 -15.46
C GLY A 1053 -12.22 -41.77 -16.27
N GLU A 1054 -12.13 -41.75 -17.59
CA GLU A 1054 -13.11 -41.00 -18.40
C GLU A 1054 -13.28 -41.66 -19.75
N LYS A 1055 -14.53 -41.74 -20.21
CA LYS A 1055 -14.88 -42.22 -21.55
C LYS A 1055 -15.32 -40.97 -22.36
N ILE A 1056 -14.49 -40.53 -23.30
CA ILE A 1056 -14.66 -39.26 -24.00
C ILE A 1056 -15.12 -39.48 -25.44
N ARG A 1057 -16.09 -38.68 -25.89
CA ARG A 1057 -16.57 -38.71 -27.28
C ARG A 1057 -15.92 -37.62 -28.12
N THR A 1058 -15.18 -38.06 -29.12
CA THR A 1058 -14.45 -37.24 -30.11
C THR A 1058 -15.01 -37.71 -31.49
N ARG A 1059 -14.23 -37.71 -32.57
CA ARG A 1059 -14.55 -38.54 -33.75
C ARG A 1059 -14.59 -40.04 -33.40
N ALA A 1060 -13.85 -40.47 -32.38
CA ALA A 1060 -14.01 -41.82 -31.79
C ALA A 1060 -14.30 -41.70 -30.30
N VAL A 1061 -14.67 -42.82 -29.69
CA VAL A 1061 -14.79 -42.91 -28.27
C VAL A 1061 -13.39 -43.24 -27.74
N SER A 1062 -12.95 -42.48 -26.75
CA SER A 1062 -11.63 -42.65 -26.12
C SER A 1062 -11.74 -42.96 -24.63
N CYS A 1063 -10.91 -43.89 -24.15
CA CYS A 1063 -10.71 -44.08 -22.70
C CYS A 1063 -9.48 -43.30 -22.26
N LYS A 1064 -9.61 -42.57 -21.17
CA LYS A 1064 -8.55 -41.69 -20.70
C LYS A 1064 -8.28 -41.90 -19.21
N GLN A 1065 -6.99 -41.81 -18.85
CA GLN A 1065 -6.47 -42.10 -17.52
C GLN A 1065 -6.60 -43.58 -17.24
N LEU A 1066 -5.64 -44.34 -17.76
CA LEU A 1066 -5.72 -45.79 -17.73
C LEU A 1066 -4.66 -46.50 -16.88
N SER A 1067 -5.09 -47.49 -16.08
CA SER A 1067 -4.16 -48.41 -15.38
C SER A 1067 -4.49 -49.87 -15.70
N MET A 1068 -3.48 -50.62 -16.13
CA MET A 1068 -3.59 -52.07 -16.25
C MET A 1068 -3.90 -52.66 -14.87
N VAL A 1069 -4.89 -53.55 -14.83
CA VAL A 1069 -5.26 -54.22 -13.60
C VAL A 1069 -5.31 -55.74 -13.83
N SER A 1070 -5.02 -56.52 -12.79
CA SER A 1070 -5.05 -57.99 -12.91
CA SER A 1070 -5.06 -57.96 -12.85
C SER A 1070 -6.48 -58.53 -12.77
N PRO A 1071 -6.70 -59.80 -13.19
CA PRO A 1071 -8.10 -60.30 -13.20
C PRO A 1071 -8.79 -60.28 -11.83
N LEU A 1072 -8.10 -60.66 -10.77
CA LEU A 1072 -8.73 -60.68 -9.44
C LEU A 1072 -9.08 -59.30 -8.93
N GLN A 1073 -8.29 -58.31 -9.31
CA GLN A 1073 -8.58 -56.93 -8.95
C GLN A 1073 -9.93 -56.51 -9.55
N VAL A 1074 -10.15 -56.88 -10.81
CA VAL A 1074 -11.44 -56.65 -11.48
C VAL A 1074 -12.56 -57.43 -10.81
N ILE A 1075 -12.34 -58.73 -10.57
CA ILE A 1075 -13.41 -59.58 -10.02
C ILE A 1075 -13.86 -59.10 -8.64
N LEU A 1076 -12.90 -58.68 -7.83
CA LEU A 1076 -13.19 -58.30 -6.46
C LEU A 1076 -13.76 -56.91 -6.38
N PHE A 1077 -13.07 -55.95 -6.98
CA PHE A 1077 -13.37 -54.54 -6.81
C PHE A 1077 -14.00 -53.85 -8.03
N GLY A 1078 -13.92 -54.47 -9.20
CA GLY A 1078 -14.44 -53.89 -10.42
C GLY A 1078 -15.71 -54.52 -10.97
N SER A 1079 -16.57 -55.03 -10.08
CA SER A 1079 -17.71 -55.85 -10.44
C SER A 1079 -18.90 -55.63 -9.50
N ARG A 1080 -20.11 -55.75 -10.05
CA ARG A 1080 -21.32 -55.85 -9.23
C ARG A 1080 -21.87 -57.26 -9.20
N LYS A 1081 -21.84 -57.93 -10.34
CA LYS A 1081 -22.30 -59.31 -10.48
C LYS A 1081 -21.15 -60.27 -10.81
N ILE A 1082 -21.16 -61.42 -10.16
CA ILE A 1082 -20.29 -62.52 -10.52
C ILE A 1082 -21.22 -63.71 -10.68
N ASP A 1083 -21.49 -64.08 -11.93
CA ASP A 1083 -22.41 -65.16 -12.26
C ASP A 1083 -21.71 -66.37 -12.89
N LEU A 1084 -22.35 -67.54 -12.77
CA LEU A 1084 -21.93 -68.75 -13.45
C LEU A 1084 -22.75 -68.83 -14.72
N ALA A 1085 -22.06 -68.83 -15.86
CA ALA A 1085 -22.69 -68.99 -17.17
C ALA A 1085 -22.54 -70.43 -17.59
N ALA A 1086 -23.07 -70.73 -18.77
CA ALA A 1086 -22.89 -72.01 -19.45
C ALA A 1086 -21.41 -72.45 -19.53
N ASN A 1087 -21.22 -73.76 -19.55
CA ASN A 1087 -19.89 -74.38 -19.66
C ASN A 1087 -18.88 -73.96 -18.61
N ASN A 1088 -19.38 -73.74 -17.39
CA ASN A 1088 -18.55 -73.37 -16.26
C ASN A 1088 -17.73 -72.09 -16.39
N ILE A 1089 -18.17 -71.19 -17.27
CA ILE A 1089 -17.55 -69.89 -17.44
C ILE A 1089 -18.19 -68.95 -16.43
N VAL A 1090 -17.37 -68.20 -15.74
CA VAL A 1090 -17.82 -67.23 -14.76
C VAL A 1090 -17.84 -65.91 -15.46
N ARG A 1091 -18.97 -65.23 -15.41
CA ARG A 1091 -19.17 -63.98 -16.12
C ARG A 1091 -19.38 -62.84 -15.13
N VAL A 1092 -18.61 -61.76 -15.32
CA VAL A 1092 -18.66 -60.57 -14.52
C VAL A 1092 -19.40 -59.49 -15.29
N ASP A 1093 -20.40 -58.88 -14.62
CA ASP A 1093 -21.23 -57.78 -15.15
C ASP A 1093 -21.76 -58.04 -16.54
N ASN A 1094 -22.14 -59.29 -16.79
CA ASN A 1094 -22.65 -59.72 -18.10
C ASN A 1094 -21.78 -59.51 -19.35
N TRP A 1095 -20.47 -59.39 -19.19
CA TRP A 1095 -19.58 -59.31 -20.37
C TRP A 1095 -18.11 -59.76 -20.23
N LEU A 1096 -17.53 -59.76 -19.04
CA LEU A 1096 -16.14 -60.26 -18.88
C LEU A 1096 -16.18 -61.69 -18.46
N ASN A 1097 -15.62 -62.55 -19.30
CA ASN A 1097 -15.65 -63.98 -19.03
C ASN A 1097 -14.32 -64.48 -18.48
N PHE A 1098 -14.42 -65.36 -17.48
CA PHE A 1098 -13.27 -65.88 -16.78
C PHE A 1098 -13.34 -67.39 -16.71
N ASP A 1099 -12.21 -68.04 -16.99
CA ASP A 1099 -12.02 -69.43 -16.74
C ASP A 1099 -11.35 -69.59 -15.37
N ILE A 1100 -12.19 -69.71 -14.36
CA ILE A 1100 -11.77 -69.84 -13.00
C ILE A 1100 -12.76 -70.81 -12.36
N GLU A 1101 -12.31 -71.54 -11.34
CA GLU A 1101 -13.15 -72.57 -10.70
C GLU A 1101 -14.40 -71.88 -10.17
N PRO A 1102 -15.61 -72.33 -10.57
CA PRO A 1102 -16.79 -71.57 -10.13
C PRO A 1102 -16.94 -71.47 -8.60
N GLU A 1103 -16.60 -72.56 -7.89
CA GLU A 1103 -16.60 -72.62 -6.42
C GLU A 1103 -15.68 -71.53 -5.83
N LEU A 1104 -14.54 -71.33 -6.46
CA LEU A 1104 -13.59 -70.32 -6.03
C LEU A 1104 -14.11 -68.89 -6.29
N ALA A 1105 -14.69 -68.67 -7.47
CA ALA A 1105 -15.35 -67.40 -7.79
C ALA A 1105 -16.45 -67.05 -6.76
N ALA A 1106 -17.21 -68.06 -6.34
CA ALA A 1106 -18.25 -67.85 -5.33
C ALA A 1106 -17.63 -67.43 -3.99
N LYS A 1107 -16.51 -68.06 -3.64
CA LYS A 1107 -15.79 -67.70 -2.40
C LYS A 1107 -15.24 -66.29 -2.42
N ILE A 1108 -14.64 -65.92 -3.55
CA ILE A 1108 -14.15 -64.55 -3.75
C ILE A 1108 -15.31 -63.59 -3.74
N GLY A 1109 -16.38 -63.96 -4.42
CA GLY A 1109 -17.58 -63.12 -4.46
C GLY A 1109 -18.17 -62.88 -3.08
N ALA A 1110 -18.13 -63.90 -2.22
CA ALA A 1110 -18.65 -63.77 -0.85
C ALA A 1110 -17.89 -62.72 -0.01
N LEU A 1111 -16.68 -62.35 -0.44
CA LEU A 1111 -15.94 -61.29 0.22
C LEU A 1111 -16.47 -59.89 -0.07
N LYS A 1112 -17.24 -59.71 -1.14
CA LYS A 1112 -17.70 -58.38 -1.54
C LYS A 1112 -18.70 -57.76 -0.56
N PRO A 1113 -19.71 -58.53 -0.11
CA PRO A 1113 -20.57 -58.00 0.96
C PRO A 1113 -19.82 -57.77 2.28
N ALA A 1114 -18.81 -58.60 2.55
CA ALA A 1114 -17.98 -58.43 3.74
C ALA A 1114 -17.24 -57.08 3.67
N LEU A 1115 -16.68 -56.76 2.49
CA LEU A 1115 -16.03 -55.47 2.26
C LEU A 1115 -16.95 -54.26 2.42
N GLU A 1116 -18.21 -54.38 2.00
CA GLU A 1116 -19.22 -53.33 2.31
C GLU A 1116 -19.46 -53.19 3.82
N ASP A 1117 -19.60 -54.31 4.52
CA ASP A 1117 -19.73 -54.31 5.98
C ASP A 1117 -18.49 -53.66 6.62
N LEU A 1118 -17.31 -53.97 6.08
CA LEU A 1118 -16.08 -53.35 6.55
C LEU A 1118 -16.14 -51.82 6.45
N ILE A 1119 -16.67 -51.31 5.33
CA ILE A 1119 -16.81 -49.87 5.14
C ILE A 1119 -17.79 -49.31 6.20
N THR A 1120 -18.88 -50.01 6.46
CA THR A 1120 -19.78 -49.62 7.54
C THR A 1120 -19.04 -49.59 8.88
N VAL A 1121 -18.26 -50.62 9.17
CA VAL A 1121 -17.50 -50.69 10.41
C VAL A 1121 -16.54 -49.51 10.51
N ALA A 1122 -15.85 -49.19 9.41
CA ALA A 1122 -14.89 -48.09 9.39
C ALA A 1122 -15.53 -46.74 9.62
N CYS A 1123 -16.68 -46.51 8.97
CA CYS A 1123 -17.35 -45.23 9.07
C CYS A 1123 -18.02 -45.04 10.43
N ASP A 1124 -18.45 -46.13 11.08
CA ASP A 1124 -19.00 -46.07 12.44
C ASP A 1124 -17.93 -45.65 13.46
N ASN A 1125 -16.68 -46.07 13.26
CA ASN A 1125 -15.54 -45.76 14.16
C ASN A 1125 -14.21 -45.53 13.41
N PRO A 1126 -14.06 -44.33 12.82
CA PRO A 1126 -12.85 -44.09 12.02
C PRO A 1126 -11.54 -44.28 12.79
N SER A 1127 -11.56 -43.94 14.09
CA SER A 1127 -10.36 -44.00 14.92
C SER A 1127 -9.81 -45.45 15.14
N ASP A 1128 -10.66 -46.46 14.93
CA ASP A 1128 -10.31 -47.86 15.20
C ASP A 1128 -9.98 -48.72 14.00
N ILE A 1129 -9.84 -48.12 12.82
CA ILE A 1129 -9.70 -48.91 11.60
C ILE A 1129 -8.45 -49.76 11.51
N LEU A 1130 -7.38 -49.35 12.19
CA LEU A 1130 -6.14 -50.15 12.22
C LEU A 1130 -6.05 -51.10 13.43
N ARG A 1131 -7.12 -51.21 14.21
CA ARG A 1131 -7.21 -52.27 15.23
C ARG A 1131 -8.62 -52.82 15.16
N LEU A 1132 -8.85 -53.53 14.06
CA LEU A 1132 -10.11 -54.21 13.79
C LEU A 1132 -10.25 -55.49 14.62
N GLU A 1133 -11.49 -55.83 14.96
CA GLU A 1133 -11.80 -57.16 15.49
C GLU A 1133 -11.25 -58.16 14.46
N GLU A 1134 -10.78 -59.29 14.98
CA GLU A 1134 -9.92 -60.22 14.22
C GLU A 1134 -10.51 -60.76 12.90
N PRO A 1135 -11.81 -61.07 12.84
CA PRO A 1135 -12.35 -61.52 11.55
C PRO A 1135 -12.29 -60.46 10.43
N TYR A 1136 -12.46 -59.19 10.77
CA TYR A 1136 -12.24 -58.13 9.80
C TYR A 1136 -10.77 -57.87 9.51
N ALA A 1137 -9.88 -58.00 10.50
CA ALA A 1137 -8.43 -57.86 10.25
C ALA A 1137 -7.90 -58.92 9.26
N GLN A 1138 -8.41 -60.13 9.37
CA GLN A 1138 -8.05 -61.21 8.44
C GLN A 1138 -8.66 -61.00 7.05
N LEU A 1139 -9.86 -60.41 6.97
CA LEU A 1139 -10.42 -60.01 5.69
C LEU A 1139 -9.47 -59.04 4.98
N VAL A 1140 -9.03 -58.01 5.69
CA VAL A 1140 -8.08 -57.03 5.14
C VAL A 1140 -6.82 -57.75 4.61
N LYS A 1141 -6.27 -58.69 5.36
CA LYS A 1141 -5.07 -59.42 4.96
C LYS A 1141 -5.26 -60.25 3.70
N VAL A 1142 -6.34 -61.04 3.63
CA VAL A 1142 -6.55 -61.89 2.45
C VAL A 1142 -6.85 -61.06 1.20
N VAL A 1143 -7.48 -59.90 1.38
CA VAL A 1143 -7.79 -59.01 0.25
C VAL A 1143 -6.51 -58.38 -0.30
N LYS A 1144 -5.62 -57.97 0.60
CA LYS A 1144 -4.27 -57.55 0.18
C LYS A 1144 -3.56 -58.63 -0.62
N ASP A 1145 -3.63 -59.88 -0.14
CA ASP A 1145 -3.05 -61.02 -0.87
C ASP A 1145 -3.69 -61.23 -2.25
N LEU A 1146 -5.02 -61.15 -2.31
CA LEU A 1146 -5.76 -61.30 -3.58
C LEU A 1146 -5.41 -60.23 -4.62
N CYS A 1147 -5.07 -59.05 -4.13
CA CYS A 1147 -4.77 -57.91 -4.98
C CYS A 1147 -3.33 -57.84 -5.46
N VAL A 1148 -2.46 -58.69 -4.93
CA VAL A 1148 -1.08 -58.78 -5.42
C VAL A 1148 -1.16 -59.07 -6.93
N LYS A 1149 -0.33 -58.41 -7.73
CA LYS A 1149 -0.40 -58.44 -9.18
C LYS A 1149 -0.52 -59.84 -9.76
N SER A 1150 0.36 -60.74 -9.31
CA SER A 1150 0.42 -62.12 -9.80
C SER A 1150 -0.53 -63.11 -9.11
N ALA A 1151 -1.39 -62.67 -8.19
CA ALA A 1151 -2.16 -63.62 -7.39
C ALA A 1151 -3.11 -64.50 -8.21
N GLY A 1152 -3.47 -64.07 -9.42
CA GLY A 1152 -4.33 -64.87 -10.30
C GLY A 1152 -3.61 -65.66 -11.37
N ASP A 1153 -2.28 -65.77 -11.25
CA ASP A 1153 -1.42 -66.40 -12.26
C ASP A 1153 -0.79 -67.75 -11.83
N PHE A 1154 -1.33 -68.42 -10.79
CA PHE A 1154 -0.70 -69.64 -10.23
C PHE A 1154 -0.64 -70.74 -11.28
N GLY A 1155 0.58 -71.12 -11.63
CA GLY A 1155 0.82 -72.15 -12.63
C GLY A 1155 0.39 -71.78 -14.04
N LEU A 1156 0.27 -70.49 -14.32
CA LEU A 1156 -0.16 -69.99 -15.64
C LEU A 1156 0.95 -69.20 -16.27
N GLN A 1157 1.09 -69.34 -17.59
CA GLN A 1157 2.21 -68.69 -18.27
C GLN A 1157 1.99 -67.20 -18.47
N ARG A 1158 0.91 -66.77 -19.13
CA ARG A 1158 0.67 -65.33 -19.32
C ARG A 1158 1.56 -64.87 -20.49
N SER B 138 33.89 3.39 32.35
CA SER B 138 33.54 3.45 30.89
C SER B 138 32.04 3.23 30.70
N VAL B 139 31.56 2.01 30.91
CA VAL B 139 30.10 1.72 30.88
C VAL B 139 29.41 2.43 32.07
N ILE B 140 30.02 2.37 33.26
CA ILE B 140 29.59 3.16 34.43
C ILE B 140 29.50 4.66 34.08
N ASP B 141 30.47 5.17 33.29
CA ASP B 141 30.49 6.60 32.93
C ASP B 141 29.42 6.97 31.92
N ARG B 142 29.18 6.11 30.93
CA ARG B 142 28.17 6.35 29.89
C ARG B 142 26.75 6.37 30.47
N ILE B 143 26.53 5.54 31.49
CA ILE B 143 25.28 5.51 32.25
C ILE B 143 25.19 6.80 33.09
N GLN B 144 26.24 7.09 33.88
CA GLN B 144 26.28 8.36 34.63
C GLN B 144 26.11 9.63 33.76
N GLU B 145 26.67 9.64 32.55
CA GLU B 145 26.55 10.82 31.70
C GLU B 145 25.09 10.95 31.21
N GLN B 146 24.44 9.83 30.87
CA GLN B 146 23.00 9.84 30.52
C GLN B 146 22.05 10.32 31.69
N ARG B 147 22.47 10.10 32.93
CA ARG B 147 21.71 10.54 34.10
C ARG B 147 21.91 12.01 34.35
N ASP B 148 23.16 12.51 34.33
CA ASP B 148 23.46 13.95 34.45
C ASP B 148 22.78 14.74 33.33
N MET B 149 22.87 14.20 32.13
CA MET B 149 22.06 14.67 31.00
C MET B 149 20.55 14.72 31.34
N ASN B 150 19.97 13.62 31.82
CA ASN B 150 18.54 13.60 32.23
C ASN B 150 18.22 14.63 33.33
N GLU B 151 19.15 14.80 34.27
CA GLU B 151 19.01 15.86 35.27
C GLU B 151 19.11 17.29 34.69
N ALA B 152 20.01 17.52 33.74
CA ALA B 152 20.05 18.80 33.00
C ALA B 152 18.75 19.02 32.22
N GLU B 153 18.24 17.96 31.61
CA GLU B 153 16.96 18.03 30.86
C GLU B 153 15.74 18.19 31.76
N ALA B 154 15.83 17.78 33.01
CA ALA B 154 14.73 17.92 33.98
C ALA B 154 14.61 19.32 34.51
N PHE B 155 15.68 20.11 34.41
CA PHE B 155 15.70 21.50 34.85
C PHE B 155 14.47 22.25 34.30
N ASP B 156 13.86 23.08 35.14
CA ASP B 156 12.63 23.80 34.77
C ASP B 156 12.68 25.25 35.26
N VAL B 157 12.74 26.20 34.30
CA VAL B 157 12.93 27.63 34.57
C VAL B 157 11.63 28.43 34.78
N ASN B 158 10.48 27.87 34.45
CA ASN B 158 9.30 28.72 34.33
C ASN B 158 7.99 28.12 34.83
N ALA B 159 8.04 27.20 35.78
CA ALA B 159 6.82 26.64 36.34
C ALA B 159 5.89 27.70 36.94
N ALA B 160 6.44 28.75 37.53
CA ALA B 160 5.62 29.74 38.24
C ALA B 160 4.63 30.49 37.34
N ILE B 161 4.91 30.58 36.05
CA ILE B 161 3.96 31.16 35.10
C ILE B 161 2.98 30.12 34.49
N HIS B 162 3.17 28.84 34.81
CA HIS B 162 2.33 27.77 34.25
C HIS B 162 1.68 26.97 35.35
N GLY B 163 1.09 27.66 36.33
CA GLY B 163 0.36 27.01 37.41
C GLY B 163 1.18 26.14 38.34
N ASN B 164 2.48 26.40 38.42
CA ASN B 164 3.42 25.53 39.14
C ASN B 164 3.51 24.06 38.68
N TRP B 165 3.18 23.84 37.42
CA TRP B 165 3.32 22.55 36.80
C TRP B 165 4.73 22.47 36.24
N THR B 166 5.42 21.42 36.66
CA THR B 166 6.83 21.27 36.45
C THR B 166 7.16 19.82 36.06
N ILE B 167 8.39 19.58 35.65
CA ILE B 167 8.81 18.25 35.22
C ILE B 167 8.51 17.16 36.28
N GLU B 168 8.78 17.42 37.56
CA GLU B 168 8.57 16.48 38.67
C GLU B 168 7.12 16.02 38.84
N ASN B 169 6.18 16.92 38.59
CA ASN B 169 4.79 16.64 38.91
C ASN B 169 3.88 16.44 37.71
N ALA B 170 4.37 16.68 36.49
CA ALA B 170 3.47 16.69 35.34
C ALA B 170 2.96 15.29 34.98
N LYS B 171 3.87 14.33 34.84
CA LYS B 171 3.51 12.94 34.51
C LYS B 171 2.51 12.39 35.49
N GLU B 172 2.75 12.61 36.77
CA GLU B 172 1.81 12.20 37.79
C GLU B 172 0.42 12.81 37.57
N ARG B 173 0.36 14.12 37.35
CA ARG B 173 -0.92 14.77 37.18
C ARG B 173 -1.63 14.25 35.92
N LEU B 174 -0.87 14.04 34.86
CA LEU B 174 -1.38 13.53 33.62
C LEU B 174 -1.89 12.11 33.77
N ASN B 175 -1.17 11.27 34.52
CA ASN B 175 -1.63 9.92 34.84
C ASN B 175 -2.95 9.95 35.57
N ILE B 176 -3.10 10.87 36.53
CA ILE B 176 -4.36 11.06 37.25
C ILE B 176 -5.46 11.49 36.28
N TYR B 177 -5.14 12.41 35.36
CA TYR B 177 -6.10 12.85 34.34
C TYR B 177 -6.52 11.69 33.45
N LYS B 178 -5.55 10.93 32.92
CA LYS B 178 -5.82 9.79 32.04
C LYS B 178 -6.68 8.70 32.71
N GLN B 179 -6.46 8.45 34.00
CA GLN B 179 -7.24 7.44 34.73
C GLN B 179 -8.67 7.92 35.05
N THR B 180 -8.85 9.19 35.34
CA THR B 180 -10.19 9.79 35.58
C THR B 180 -11.05 9.82 34.31
N ASN B 181 -10.43 10.08 33.18
CA ASN B 181 -11.14 10.34 31.93
C ASN B 181 -11.02 9.21 30.91
N ASN B 182 -10.60 8.03 31.40
CA ASN B 182 -10.45 6.84 30.57
C ASN B 182 -9.72 7.07 29.23
N ILE B 183 -8.61 7.83 29.26
CA ILE B 183 -7.79 8.13 28.09
C ILE B 183 -6.76 7.01 27.90
N ARG B 184 -6.86 6.27 26.82
CA ARG B 184 -5.93 5.14 26.55
C ARG B 184 -4.75 5.51 25.67
N ASP B 185 -4.77 6.68 25.06
CA ASP B 185 -3.64 7.12 24.21
C ASP B 185 -2.34 7.12 25.01
N ASP B 186 -1.26 6.68 24.34
CA ASP B 186 0.08 6.67 24.91
C ASP B 186 1.00 7.56 24.06
N TYR B 187 2.23 7.79 24.54
CA TYR B 187 3.22 8.58 23.81
C TYR B 187 3.51 7.91 22.48
N LYS B 188 3.60 8.71 21.43
CA LYS B 188 4.13 8.27 20.15
C LYS B 188 5.58 8.78 20.04
N TYR B 189 6.53 7.84 19.97
CA TYR B 189 7.95 8.15 19.89
C TYR B 189 8.47 8.11 18.46
N THR B 190 9.30 9.08 18.12
CA THR B 190 10.03 9.10 16.85
C THR B 190 11.55 9.14 17.11
N PRO B 191 12.30 8.15 16.59
CA PRO B 191 13.76 8.19 16.65
C PRO B 191 14.30 9.31 15.83
N VAL B 192 15.34 9.93 16.34
CA VAL B 192 15.96 11.07 15.72
C VAL B 192 17.44 10.74 15.66
N GLY B 193 18.09 11.14 14.59
CA GLY B 193 19.53 11.15 14.49
C GLY B 193 20.15 9.85 13.98
N PRO B 194 21.47 9.87 13.72
CA PRO B 194 22.17 8.61 13.45
C PRO B 194 22.22 7.70 14.70
N GLU B 195 22.53 6.42 14.52
CA GLU B 195 22.63 5.46 15.65
C GLU B 195 23.63 5.84 16.75
N HIS B 196 24.69 6.55 16.38
CA HIS B 196 25.70 7.01 17.36
C HIS B 196 25.31 8.33 18.05
N ALA B 197 24.20 8.95 17.66
CA ALA B 197 23.69 10.14 18.33
C ALA B 197 22.16 10.13 18.24
N ARG B 198 21.61 9.08 18.84
CA ARG B 198 20.19 8.81 18.80
C ARG B 198 19.48 9.66 19.84
N SER B 199 18.44 10.39 19.43
CA SER B 199 17.54 11.06 20.42
C SER B 199 16.09 10.76 20.03
N PHE B 200 15.14 11.36 20.72
CA PHE B 200 13.71 11.06 20.50
C PHE B 200 12.81 12.28 20.50
N LEU B 201 11.77 12.24 19.66
CA LEU B 201 10.56 13.05 19.84
C LEU B 201 9.50 12.23 20.58
N ALA B 202 8.72 12.89 21.42
CA ALA B 202 7.56 12.27 22.07
C ALA B 202 6.35 13.17 21.80
N GLU B 203 5.26 12.57 21.36
CA GLU B 203 4.05 13.27 20.99
C GLU B 203 2.89 12.64 21.77
N LEU B 204 1.94 13.45 22.21
CA LEU B 204 0.71 12.95 22.84
C LEU B 204 -0.45 13.90 22.58
N SER B 205 -1.57 13.34 22.15
CA SER B 205 -2.79 14.09 21.88
C SER B 205 -3.92 13.60 22.77
N ILE B 206 -4.67 14.54 23.33
CA ILE B 206 -5.78 14.23 24.19
C ILE B 206 -6.96 15.06 23.73
N TYR B 207 -8.05 14.36 23.41
CA TYR B 207 -9.32 14.99 23.13
C TYR B 207 -9.98 15.34 24.46
N VAL B 208 -10.39 16.60 24.59
CA VAL B 208 -11.06 17.12 25.76
C VAL B 208 -12.53 17.40 25.37
N PRO B 209 -13.49 16.53 25.79
CA PRO B 209 -14.89 16.72 25.46
C PRO B 209 -15.41 18.11 25.87
N ALA B 210 -15.15 18.50 27.11
CA ALA B 210 -15.55 19.80 27.65
C ALA B 210 -15.21 21.02 26.77
N LEU B 211 -14.13 20.95 25.99
CA LEU B 211 -13.72 22.03 25.06
C LEU B 211 -13.98 21.71 23.59
N ASN B 212 -14.43 20.49 23.32
CA ASN B 212 -14.47 19.95 21.96
C ASN B 212 -13.19 20.31 21.21
N ARG B 213 -12.07 19.77 21.70
CA ARG B 213 -10.77 20.16 21.20
C ARG B 213 -9.76 19.11 21.55
N THR B 214 -8.80 18.94 20.65
CA THR B 214 -7.69 18.06 20.89
C THR B 214 -6.52 18.92 21.29
N VAL B 215 -5.92 18.59 22.43
CA VAL B 215 -4.71 19.26 22.91
C VAL B 215 -3.54 18.31 22.66
N THR B 216 -2.52 18.82 22.00
CA THR B 216 -1.37 18.06 21.56
C THR B 216 -0.10 18.68 22.13
N ALA B 217 0.81 17.81 22.54
CA ALA B 217 2.16 18.19 22.91
C ALA B 217 3.15 17.35 22.10
N ARG B 218 4.27 17.98 21.77
CA ARG B 218 5.33 17.42 20.92
C ARG B 218 6.64 18.01 21.47
N GLU B 219 7.51 17.17 22.04
CA GLU B 219 8.76 17.63 22.61
C GLU B 219 9.85 16.59 22.30
N SER B 220 11.10 16.98 22.50
CA SER B 220 12.23 16.10 22.31
C SER B 220 13.04 15.93 23.58
N GLY B 221 13.93 14.95 23.56
CA GLY B 221 14.83 14.72 24.66
C GLY B 221 15.88 13.74 24.19
N SER B 222 16.93 13.58 24.99
CA SER B 222 18.02 12.64 24.69
C SER B 222 17.56 11.19 24.66
N ASN B 223 16.59 10.86 25.50
CA ASN B 223 16.02 9.52 25.58
C ASN B 223 14.50 9.64 25.77
N LYS B 224 13.81 8.50 25.71
CA LYS B 224 12.36 8.47 25.82
C LYS B 224 11.85 9.04 27.14
N LYS B 225 12.61 8.83 28.19
CA LYS B 225 12.25 9.31 29.52
C LYS B 225 12.17 10.86 29.50
N SER B 226 13.23 11.53 29.03
CA SER B 226 13.22 13.00 29.04
C SER B 226 12.21 13.57 28.03
N ALA B 227 12.10 12.94 26.86
CA ALA B 227 11.17 13.41 25.84
C ALA B 227 9.73 13.28 26.34
N SER B 228 9.42 12.18 27.04
CA SER B 228 8.06 11.97 27.53
C SER B 228 7.73 12.88 28.72
N LYS B 229 8.71 13.10 29.62
CA LYS B 229 8.52 14.11 30.70
C LYS B 229 8.23 15.52 30.17
N SER B 230 9.01 15.95 29.17
CA SER B 230 8.78 17.25 28.58
C SER B 230 7.46 17.32 27.84
N CYS B 231 7.12 16.25 27.11
CA CYS B 231 5.84 16.17 26.41
C CYS B 231 4.66 16.26 27.40
N ALA B 232 4.71 15.48 28.47
CA ALA B 232 3.71 15.55 29.52
C ALA B 232 3.62 16.94 30.14
N LEU B 233 4.75 17.59 30.36
CA LEU B 233 4.74 18.91 30.96
C LEU B 233 3.98 19.90 30.08
N SER B 234 4.31 19.92 28.78
CA SER B 234 3.61 20.78 27.83
C SER B 234 2.09 20.53 27.85
N LEU B 235 1.70 19.27 27.86
CA LEU B 235 0.30 18.92 27.78
C LEU B 235 -0.46 19.39 29.05
N VAL B 236 0.12 19.10 30.22
CA VAL B 236 -0.44 19.52 31.49
C VAL B 236 -0.54 21.05 31.57
N ARG B 237 0.49 21.75 31.09
CA ARG B 237 0.49 23.21 31.13
C ARG B 237 -0.58 23.84 30.22
N GLN B 238 -0.75 23.25 29.04
CA GLN B 238 -1.80 23.66 28.14
C GLN B 238 -3.15 23.49 28.79
N LEU B 239 -3.36 22.30 29.36
CA LEU B 239 -4.60 22.02 30.07
C LEU B 239 -4.84 22.97 31.25
N PHE B 240 -3.76 23.34 31.97
CA PHE B 240 -3.88 24.33 33.05
C PHE B 240 -4.37 25.69 32.47
N HIS B 241 -3.75 26.17 31.41
CA HIS B 241 -4.14 27.46 30.81
C HIS B 241 -5.53 27.49 30.19
N LEU B 242 -6.00 26.34 29.70
CA LEU B 242 -7.33 26.20 29.19
C LEU B 242 -8.34 25.91 30.31
N ASN B 243 -7.92 25.99 31.58
CA ASN B 243 -8.77 25.77 32.75
C ASN B 243 -9.42 24.35 32.82
N VAL B 244 -8.78 23.35 32.20
CA VAL B 244 -9.21 21.95 32.35
C VAL B 244 -8.61 21.34 33.62
N ILE B 245 -7.42 21.76 34.01
CA ILE B 245 -6.85 21.31 35.29
C ILE B 245 -6.45 22.50 36.14
N GLU B 246 -6.48 22.24 37.44
CA GLU B 246 -6.20 23.23 38.47
C GLU B 246 -4.71 23.61 38.51
N PRO B 247 -4.41 24.75 39.17
CA PRO B 247 -3.00 25.02 39.50
C PRO B 247 -2.46 23.97 40.46
N PHE B 248 -1.17 23.67 40.39
CA PHE B 248 -0.56 22.83 41.41
C PHE B 248 -0.48 23.65 42.71
N SER B 249 -1.00 23.13 43.79
CA SER B 249 -0.78 23.76 45.08
C SER B 249 -0.35 22.77 46.16
N GLY B 250 0.04 21.54 45.78
CA GLY B 250 0.61 20.58 46.73
C GLY B 250 2.07 20.98 46.96
N THR B 251 2.90 20.07 47.46
CA THR B 251 4.32 20.36 47.78
C THR B 251 5.37 19.55 46.97
N LEU B 252 6.47 20.19 46.60
CA LEU B 252 7.56 19.47 45.95
C LEU B 252 8.56 18.93 47.00
N LYS B 253 9.28 17.86 46.67
CA LYS B 253 10.31 17.34 47.59
C LYS B 253 11.59 18.16 47.39
N LYS B 254 11.85 19.09 48.33
CA LYS B 254 12.85 20.17 48.18
C LYS B 254 14.32 19.70 48.10
N LYS B 255 14.63 18.54 48.68
CA LYS B 255 15.95 17.87 48.58
C LYS B 255 17.17 18.56 49.26
N LYS B 256 16.96 19.72 49.91
CA LYS B 256 18.01 20.46 50.65
C LYS B 256 19.36 20.60 49.92
N ASP B 257 19.32 20.52 48.58
CA ASP B 257 20.49 20.23 47.73
C ASP B 257 21.59 21.28 47.94
N GLU B 258 22.84 20.88 47.72
CA GLU B 258 23.99 21.67 48.18
C GLU B 258 24.21 23.00 47.45
N GLN B 259 24.40 24.08 48.21
CA GLN B 259 24.70 25.43 47.69
C GLN B 259 26.16 25.61 47.30
N LEU B 260 26.41 26.35 46.23
CA LEU B 260 27.79 26.64 45.83
C LEU B 260 28.49 27.59 46.78
N LYS B 261 29.81 27.43 46.90
CA LYS B 261 30.61 28.26 47.79
C LYS B 261 30.45 29.76 47.45
N PRO B 262 30.38 30.64 48.48
CA PRO B 262 30.22 32.06 48.18
C PRO B 262 31.48 32.64 47.51
N TYR B 263 31.31 33.48 46.50
CA TYR B 263 32.43 34.08 45.77
C TYR B 263 32.67 35.49 46.31
N PRO B 264 33.91 35.80 46.75
CA PRO B 264 34.14 37.10 47.40
C PRO B 264 34.14 38.30 46.44
N VAL B 265 33.48 39.37 46.83
CA VAL B 265 33.49 40.60 46.04
C VAL B 265 33.66 41.80 46.97
N LYS B 266 34.62 42.66 46.62
CA LYS B 266 34.92 43.86 47.38
C LYS B 266 35.21 45.04 46.44
N LEU B 267 34.71 46.22 46.79
CA LEU B 267 34.79 47.44 45.99
C LEU B 267 35.58 48.51 46.72
N SER B 268 36.20 49.42 45.99
CA SER B 268 36.93 50.52 46.60
C SER B 268 35.96 51.53 47.22
N PRO B 269 36.38 52.24 48.30
CA PRO B 269 35.52 53.26 48.90
C PRO B 269 35.09 54.30 47.88
N ASN B 270 36.04 54.68 47.04
CA ASN B 270 35.82 55.58 45.94
C ASN B 270 34.65 55.16 45.06
N LEU B 271 34.65 53.89 44.66
CA LEU B 271 33.56 53.34 43.82
C LEU B 271 32.21 53.34 44.55
N ILE B 272 32.22 52.93 45.82
CA ILE B 272 31.01 52.91 46.64
C ILE B 272 30.41 54.31 46.78
N ASN B 273 31.26 55.33 46.97
CA ASN B 273 30.82 56.73 47.01
C ASN B 273 30.10 57.12 45.75
N LYS B 274 30.68 56.77 44.59
CA LYS B 274 30.03 57.06 43.31
C LYS B 274 28.65 56.42 43.24
N ILE B 275 28.51 55.20 43.78
CA ILE B 275 27.20 54.51 43.78
C ILE B 275 26.21 55.33 44.61
N ASP B 276 26.62 55.72 45.81
CA ASP B 276 25.77 56.55 46.68
C ASP B 276 25.31 57.83 46.00
N GLU B 277 26.24 58.54 45.36
CA GLU B 277 25.91 59.76 44.60
C GLU B 277 24.88 59.51 43.51
N VAL B 278 25.00 58.39 42.80
CA VAL B 278 24.04 58.09 41.74
C VAL B 278 22.66 57.76 42.32
N ILE B 279 22.63 56.93 43.36
CA ILE B 279 21.38 56.65 44.07
C ILE B 279 20.68 57.94 44.53
N LYS B 280 21.44 58.85 45.15
CA LYS B 280 20.89 60.14 45.57
C LYS B 280 20.40 60.95 44.37
N GLY B 281 21.26 61.11 43.37
CA GLY B 281 20.95 61.86 42.15
C GLY B 281 19.70 61.43 41.43
N LEU B 282 19.40 60.12 41.43
CA LEU B 282 18.20 59.57 40.80
C LEU B 282 17.07 59.24 41.78
N ASP B 283 17.27 59.54 43.07
CA ASP B 283 16.24 59.35 44.10
C ASP B 283 15.74 57.90 44.09
N LEU B 284 16.69 56.97 44.07
CA LEU B 284 16.35 55.57 43.86
C LEU B 284 15.96 54.90 45.17
N PRO B 285 14.88 54.10 45.16
CA PRO B 285 14.58 53.25 46.31
C PRO B 285 15.60 52.12 46.45
N VAL B 286 16.12 51.95 47.66
CA VAL B 286 17.14 50.95 47.99
C VAL B 286 16.62 50.09 49.15
N VAL B 287 16.70 48.76 49.04
CA VAL B 287 16.34 47.88 50.16
C VAL B 287 17.39 48.03 51.25
N ASN B 288 16.93 48.13 52.50
CA ASN B 288 17.81 48.20 53.65
C ASN B 288 17.84 46.84 54.38
N PRO B 289 18.92 46.04 54.17
CA PRO B 289 18.98 44.71 54.79
C PRO B 289 19.19 44.68 56.33
N ARG B 290 19.46 45.81 56.98
CA ARG B 290 19.32 45.92 58.45
C ARG B 290 17.94 45.43 58.90
N ASN B 291 16.91 45.86 58.16
CA ASN B 291 15.52 45.46 58.39
C ASN B 291 15.12 44.20 57.59
N ILE B 292 16.09 43.31 57.31
CA ILE B 292 15.86 42.07 56.56
C ILE B 292 15.83 40.92 57.57
N LYS B 293 14.68 40.23 57.60
CA LYS B 293 14.28 39.37 58.72
C LYS B 293 14.70 37.89 58.68
N ILE B 294 14.04 37.13 57.80
CA ILE B 294 13.84 35.65 57.91
C ILE B 294 15.14 34.83 58.05
N GLU B 295 15.12 33.82 58.91
CA GLU B 295 16.27 32.90 59.10
C GLU B 295 15.81 31.47 59.54
N LEU B 296 16.54 30.43 59.12
CA LEU B 296 16.21 29.01 59.41
C LEU B 296 14.79 28.64 58.99
N GLY B 298 12.32 29.35 55.85
CA GLY B 298 13.36 30.37 55.85
C GLY B 298 13.86 30.77 54.46
N PRO B 299 13.00 31.33 53.58
CA PRO B 299 13.50 31.70 52.24
C PRO B 299 14.36 32.99 52.21
N PRO B 300 15.24 33.12 51.20
CA PRO B 300 16.00 34.38 51.08
C PRO B 300 15.08 35.60 50.86
N ILE B 301 15.54 36.78 51.25
CA ILE B 301 14.75 38.02 51.16
C ILE B 301 15.23 38.87 49.97
N PRO B 302 14.31 39.37 49.11
CA PRO B 302 14.76 40.22 48.01
C PRO B 302 15.50 41.52 48.42
N LEU B 303 16.54 41.89 47.65
CA LEU B 303 17.28 43.15 47.84
C LEU B 303 17.04 44.12 46.70
N ILE B 304 16.09 43.77 45.82
CA ILE B 304 15.66 44.60 44.70
C ILE B 304 14.20 44.98 44.95
N VAL B 305 13.86 46.25 44.76
CA VAL B 305 12.56 46.77 45.23
C VAL B 305 11.32 46.28 44.45
N SER B 324 -6.83 47.21 14.01
CA SER B 324 -6.34 47.63 12.69
C SER B 324 -5.93 46.46 11.78
N VAL B 325 -5.95 46.68 10.46
CA VAL B 325 -5.44 45.71 9.46
C VAL B 325 -4.43 46.48 8.55
N ILE B 326 -3.64 45.74 7.79
CA ILE B 326 -2.56 46.29 6.98
C ILE B 326 -3.13 47.19 5.85
N PRO B 327 -2.62 48.44 5.69
CA PRO B 327 -3.07 49.27 4.57
C PRO B 327 -2.88 48.64 3.17
N TRP B 328 -3.83 48.90 2.28
CA TRP B 328 -3.77 48.51 0.87
C TRP B 328 -4.52 49.59 0.06
N ALA B 329 -4.18 49.72 -1.21
CA ALA B 329 -4.93 50.56 -2.12
C ALA B 329 -4.65 50.08 -3.56
N PRO B 330 -5.55 50.40 -4.51
CA PRO B 330 -5.20 50.12 -5.90
C PRO B 330 -4.00 50.96 -6.38
N PRO B 331 -3.52 50.73 -7.62
CA PRO B 331 -2.42 51.54 -8.16
C PRO B 331 -2.73 53.04 -8.22
N GLN B 332 -1.73 53.86 -7.99
CA GLN B 332 -1.88 55.33 -7.96
C GLN B 332 -0.72 55.95 -8.72
N ALA B 333 -0.99 57.09 -9.39
CA ALA B 333 0.08 57.89 -10.02
C ALA B 333 1.00 58.44 -8.94
N ASN B 334 2.26 58.65 -9.32
CA ASN B 334 3.28 59.23 -8.43
C ASN B 334 3.53 58.39 -7.13
N TRP B 335 3.37 57.07 -7.22
CA TRP B 335 3.60 56.16 -6.09
C TRP B 335 4.50 54.98 -6.51
N ASN B 336 5.58 54.73 -5.76
CA ASN B 336 6.40 53.54 -5.97
C ASN B 336 5.93 52.49 -4.96
N THR B 337 5.30 51.44 -5.48
CA THR B 337 4.77 50.32 -4.68
C THR B 337 5.85 49.62 -3.85
N TRP B 338 6.98 49.35 -4.49
CA TRP B 338 8.05 48.55 -3.89
C TRP B 338 8.72 49.25 -2.70
N HIS B 339 8.84 50.57 -2.79
CA HIS B 339 9.41 51.40 -1.70
C HIS B 339 8.36 52.09 -0.81
N ALA B 340 7.08 52.05 -1.20
CA ALA B 340 5.99 52.68 -0.45
C ALA B 340 6.25 54.18 -0.17
N CYS B 341 6.52 54.95 -1.24
CA CYS B 341 6.76 56.41 -1.15
C CYS B 341 6.28 57.09 -2.41
N SER B 352 0.46 59.68 -16.01
CA SER B 352 -0.82 58.97 -16.10
C SER B 352 -0.55 57.49 -16.29
N ILE B 353 -1.24 56.68 -15.51
CA ILE B 353 -1.04 55.24 -15.54
C ILE B 353 -1.55 54.66 -16.87
N ASP B 354 -2.61 55.23 -17.43
CA ASP B 354 -3.10 54.82 -18.73
C ASP B 354 -2.07 55.04 -19.84
N ASP B 355 -1.37 56.16 -19.79
CA ASP B 355 -0.38 56.47 -20.84
C ASP B 355 0.78 55.48 -20.75
N LEU B 356 1.24 55.21 -19.54
CA LEU B 356 2.26 54.18 -19.33
C LEU B 356 1.79 52.85 -19.89
N SER B 357 0.54 52.47 -19.61
CA SER B 357 -0.01 51.19 -20.07
C SER B 357 0.06 51.09 -21.58
N MET B 358 -0.30 52.16 -22.28
CA MET B 358 -0.24 52.21 -23.76
CA MET B 358 -0.25 52.09 -23.74
C MET B 358 1.20 52.01 -24.25
N ASP B 359 2.17 52.64 -23.57
CA ASP B 359 3.59 52.47 -23.93
C ASP B 359 4.05 50.99 -23.76
N TYR B 360 3.66 50.35 -22.66
CA TYR B 360 4.04 48.96 -22.43
C TYR B 360 3.41 48.03 -23.45
N GLU B 361 2.16 48.28 -23.79
CA GLU B 361 1.50 47.43 -24.72
C GLU B 361 2.16 47.53 -26.13
N ARG B 362 2.44 48.75 -26.58
CA ARG B 362 3.09 48.97 -27.85
C ARG B 362 4.42 48.30 -27.89
N SER B 363 5.18 48.44 -26.82
CA SER B 363 6.50 47.88 -26.76
C SER B 363 6.42 46.33 -26.77
N LEU B 364 5.50 45.74 -26.02
CA LEU B 364 5.43 44.28 -25.93
C LEU B 364 4.96 43.67 -27.25
N ARG B 365 3.91 44.26 -27.83
CA ARG B 365 3.37 43.79 -29.12
C ARG B 365 4.43 43.95 -30.25
N ASP B 366 5.22 45.01 -30.20
CA ASP B 366 6.32 45.23 -31.14
C ASP B 366 7.35 44.09 -30.98
N ARG B 367 7.80 43.85 -29.76
CA ARG B 367 8.77 42.79 -29.52
C ARG B 367 8.29 41.40 -29.91
N ARG B 368 7.01 41.10 -29.66
CA ARG B 368 6.45 39.78 -30.03
C ARG B 368 6.61 39.53 -31.54
N GLN B 369 6.55 40.57 -32.36
CA GLN B 369 6.79 40.42 -33.81
C GLN B 369 8.25 40.46 -34.23
N ASN B 370 9.03 41.35 -33.61
CA ASN B 370 10.29 41.85 -34.18
C ASN B 370 11.54 41.37 -33.48
N ASP B 371 11.40 40.85 -32.27
CA ASP B 371 12.55 40.42 -31.48
C ASP B 371 12.64 38.88 -31.58
N ASN B 372 13.64 38.39 -32.31
CA ASN B 372 13.75 36.94 -32.61
C ASN B 372 14.03 36.12 -31.36
N GLU B 373 14.86 36.64 -30.48
CA GLU B 373 15.15 35.94 -29.26
C GLU B 373 13.87 35.80 -28.38
N TYR B 374 13.11 36.88 -28.29
CA TYR B 374 11.88 36.88 -27.55
C TYR B 374 10.88 35.94 -28.19
N ARG B 375 10.78 35.97 -29.51
CA ARG B 375 9.92 35.04 -30.28
C ARG B 375 10.24 33.58 -29.99
N GLN B 376 11.52 33.26 -29.97
CA GLN B 376 11.94 31.93 -29.58
C GLN B 376 11.49 31.55 -28.18
N PHE B 377 11.64 32.48 -27.23
CA PHE B 377 11.27 32.20 -25.87
C PHE B 377 9.77 31.97 -25.74
N LEU B 378 8.97 32.76 -26.48
CA LEU B 378 7.53 32.53 -26.53
C LEU B 378 7.21 31.14 -27.06
N GLU B 379 7.89 30.73 -28.14
CA GLU B 379 7.73 29.37 -28.68
C GLU B 379 8.06 28.30 -27.67
N PHE B 380 9.13 28.48 -26.93
CA PHE B 380 9.49 27.56 -25.86
C PHE B 380 8.38 27.53 -24.77
N ARG B 381 7.95 28.71 -24.34
CA ARG B 381 7.03 28.85 -23.21
C ARG B 381 5.67 28.20 -23.48
N GLU B 382 5.22 28.31 -24.72
CA GLU B 382 3.97 27.71 -25.19
C GLU B 382 3.91 26.21 -25.06
N LYS B 383 5.07 25.58 -25.02
CA LYS B 383 5.18 24.12 -24.87
C LYS B 383 5.20 23.61 -23.43
N LEU B 384 5.29 24.50 -22.44
CA LEU B 384 5.23 24.06 -21.04
C LEU B 384 3.83 23.49 -20.69
N PRO B 385 3.76 22.51 -19.76
CA PRO B 385 2.46 21.91 -19.41
C PRO B 385 1.43 22.92 -18.96
N ILE B 386 1.85 23.96 -18.24
CA ILE B 386 0.87 24.91 -17.70
C ILE B 386 0.20 25.78 -18.78
N ALA B 387 0.82 25.88 -19.97
CA ALA B 387 0.31 26.77 -21.02
C ALA B 387 -1.09 26.33 -21.49
N ALA B 388 -1.38 25.05 -21.38
CA ALA B 388 -2.69 24.51 -21.69
C ALA B 388 -3.76 25.07 -20.78
N MET B 389 -3.39 25.61 -19.61
CA MET B 389 -4.38 26.18 -18.68
C MET B 389 -4.29 27.68 -18.42
N ARG B 390 -3.60 28.39 -19.31
CA ARG B 390 -3.35 29.81 -19.12
C ARG B 390 -4.65 30.57 -18.92
N SER B 391 -5.59 30.37 -19.86
CA SER B 391 -6.89 31.06 -19.85
C SER B 391 -7.68 30.76 -18.61
N GLU B 392 -7.77 29.48 -18.32
CA GLU B 392 -8.53 29.06 -17.16
C GLU B 392 -7.93 29.60 -15.85
N ILE B 393 -6.60 29.55 -15.73
CA ILE B 393 -5.92 30.13 -14.58
C ILE B 393 -6.15 31.64 -14.45
N LEU B 394 -5.99 32.37 -15.55
CA LEU B 394 -6.22 33.81 -15.54
C LEU B 394 -7.65 34.19 -15.18
N THR B 395 -8.60 33.46 -15.72
CA THR B 395 -10.00 33.71 -15.39
C THR B 395 -10.27 33.48 -13.91
N ALA B 396 -9.78 32.37 -13.37
CA ALA B 396 -9.94 32.11 -11.94
C ALA B 396 -9.29 33.20 -11.06
N ILE B 397 -8.05 33.60 -11.40
CA ILE B 397 -7.37 34.65 -10.63
C ILE B 397 -8.13 35.97 -10.71
N ASN B 398 -8.53 36.35 -11.91
CA ASN B 398 -9.25 37.62 -12.12
C ASN B 398 -10.55 37.70 -11.36
N ASP B 399 -11.28 36.58 -11.26
CA ASP B 399 -12.63 36.58 -10.66
C ASP B 399 -12.69 36.19 -9.19
N ASN B 400 -11.58 35.80 -8.60
CA ASN B 400 -11.60 35.43 -7.18
C ASN B 400 -10.49 36.12 -6.40
N PRO B 401 -10.78 36.52 -5.16
CA PRO B 401 -9.68 37.11 -4.36
C PRO B 401 -8.55 36.10 -4.01
N VAL B 402 -8.90 34.82 -3.87
CA VAL B 402 -7.92 33.79 -3.51
C VAL B 402 -8.08 32.59 -4.41
N VAL B 403 -6.98 32.11 -4.97
CA VAL B 403 -6.97 30.92 -5.80
C VAL B 403 -5.82 29.99 -5.37
N ILE B 404 -6.01 28.69 -5.52
CA ILE B 404 -4.94 27.71 -5.33
C ILE B 404 -4.59 27.05 -6.66
N ILE B 405 -3.29 27.01 -6.98
CA ILE B 405 -2.78 26.31 -8.17
C ILE B 405 -1.97 25.10 -7.70
N ARG B 406 -2.43 23.92 -8.09
CA ARG B 406 -1.74 22.66 -7.78
C ARG B 406 -1.27 22.11 -9.12
N GLY B 407 0.05 22.04 -9.28
CA GLY B 407 0.64 21.55 -10.53
C GLY B 407 1.97 20.90 -10.27
N ASN B 408 2.34 19.93 -11.10
CA ASN B 408 3.49 19.11 -10.82
C ASN B 408 4.77 19.92 -10.88
N THR B 409 5.82 19.35 -10.28
CA THR B 409 7.11 19.95 -10.26
C THR B 409 7.55 20.17 -11.70
N GLY B 410 7.98 21.37 -11.95
CA GLY B 410 8.42 21.75 -13.25
C GLY B 410 7.42 22.11 -14.30
N CYS B 411 6.15 22.13 -13.93
CA CYS B 411 5.11 22.35 -14.93
C CYS B 411 5.05 23.78 -15.41
N GLY B 412 5.60 24.72 -14.63
CA GLY B 412 5.63 26.14 -15.00
C GLY B 412 4.95 27.16 -14.08
N LYS B 413 4.69 26.80 -12.82
CA LYS B 413 3.90 27.64 -11.94
C LYS B 413 4.55 29.00 -11.70
N THR B 414 5.83 28.96 -11.31
CA THR B 414 6.53 30.16 -10.85
C THR B 414 7.02 31.04 -11.97
N THR B 415 7.60 30.42 -13.00
CA THR B 415 8.09 31.16 -14.16
C THR B 415 6.95 31.74 -14.97
N GLN B 416 5.83 31.04 -15.05
CA GLN B 416 4.76 31.42 -15.98
C GLN B 416 3.62 32.24 -15.44
N ILE B 417 3.08 31.90 -14.25
CA ILE B 417 1.82 32.53 -13.83
C ILE B 417 1.96 34.05 -13.65
N ALA B 418 3.05 34.49 -13.04
CA ALA B 418 3.27 35.92 -12.87
C ALA B 418 3.31 36.60 -14.24
N GLN B 419 3.99 35.97 -15.20
CA GLN B 419 4.04 36.54 -16.56
C GLN B 419 2.65 36.56 -17.22
N TYR B 420 1.90 35.48 -17.08
CA TYR B 420 0.53 35.44 -17.63
C TYR B 420 -0.29 36.61 -17.12
N ILE B 421 -0.19 36.89 -15.82
CA ILE B 421 -0.99 37.95 -15.20
C ILE B 421 -0.54 39.30 -15.77
N LEU B 422 0.77 39.56 -15.70
CA LEU B 422 1.31 40.80 -16.15
C LEU B 422 1.02 41.02 -17.63
N ASP B 423 1.21 39.99 -18.44
CA ASP B 423 1.02 40.12 -19.89
C ASP B 423 -0.42 40.30 -20.26
N ASP B 424 -1.30 39.73 -19.46
CA ASP B 424 -2.73 39.93 -19.67
C ASP B 424 -3.15 41.41 -19.41
N TYR B 425 -2.61 42.02 -18.36
CA TYR B 425 -2.81 43.45 -18.11
C TYR B 425 -2.18 44.26 -19.25
N ILE B 426 -0.93 43.96 -19.61
CA ILE B 426 -0.24 44.72 -20.66
C ILE B 426 -1.06 44.70 -21.99
N CYS B 427 -1.46 43.50 -22.42
CA CYS B 427 -2.16 43.33 -23.69
C CYS B 427 -3.65 43.72 -23.66
N SER B 428 -4.16 44.10 -22.50
CA SER B 428 -5.46 44.79 -22.39
C SER B 428 -5.34 46.31 -22.27
N GLY B 429 -4.17 46.89 -22.46
CA GLY B 429 -3.98 48.32 -22.26
C GLY B 429 -4.05 48.75 -20.79
N GLN B 430 -3.69 47.85 -19.87
CA GLN B 430 -3.75 48.15 -18.44
C GLN B 430 -2.48 47.74 -17.68
N GLY B 431 -1.36 47.66 -18.40
CA GLY B 431 -0.10 47.16 -17.86
C GLY B 431 0.37 47.88 -16.60
N GLY B 432 0.11 49.18 -16.54
CA GLY B 432 0.50 49.99 -15.40
C GLY B 432 -0.29 49.74 -14.12
N TYR B 433 -1.40 49.02 -14.21
CA TYR B 433 -2.22 48.68 -13.05
C TYR B 433 -1.86 47.33 -12.40
N ALA B 434 -0.78 46.70 -12.85
CA ALA B 434 -0.34 45.40 -12.32
C ALA B 434 0.98 45.54 -11.56
N ASN B 435 1.03 44.91 -10.39
CA ASN B 435 2.26 44.82 -9.63
C ASN B 435 2.14 43.55 -8.82
N ILE B 436 3.07 42.63 -9.07
CA ILE B 436 2.98 41.29 -8.56
C ILE B 436 4.17 40.99 -7.65
N TYR B 437 3.89 40.63 -6.40
CA TYR B 437 4.85 40.00 -5.49
C TYR B 437 4.78 38.48 -5.66
N VAL B 438 5.92 37.83 -5.64
CA VAL B 438 5.98 36.37 -5.63
C VAL B 438 6.95 35.97 -4.50
N THR B 439 6.42 35.35 -3.44
CA THR B 439 7.26 34.94 -2.31
C THR B 439 7.79 33.54 -2.58
N GLN B 440 9.03 33.30 -2.14
CA GLN B 440 9.62 31.95 -2.13
C GLN B 440 10.16 31.73 -0.68
N PRO B 441 10.22 30.49 -0.23
CA PRO B 441 10.77 30.27 1.12
C PRO B 441 12.30 30.53 1.20
N ARG B 442 13.04 30.30 0.11
CA ARG B 442 14.50 30.46 0.12
C ARG B 442 15.06 31.54 -0.77
N ARG B 443 16.20 32.08 -0.32
CA ARG B 443 16.86 33.22 -0.98
C ARG B 443 17.28 32.84 -2.40
N ILE B 444 17.88 31.65 -2.49
CA ILE B 444 18.36 31.11 -3.77
C ILE B 444 17.25 30.93 -4.79
N SER B 445 16.05 30.55 -4.33
CA SER B 445 14.86 30.46 -5.19
C SER B 445 14.42 31.81 -5.73
N ALA B 446 14.28 32.79 -4.84
CA ALA B 446 13.86 34.12 -5.25
C ALA B 446 14.80 34.72 -6.31
N ILE B 447 16.10 34.59 -6.08
CA ILE B 447 17.11 35.14 -6.98
C ILE B 447 17.14 34.39 -8.34
N SER B 448 17.32 33.08 -8.25
CA SER B 448 17.41 32.19 -9.40
C SER B 448 16.19 32.25 -10.32
N VAL B 449 15.00 32.18 -9.75
CA VAL B 449 13.79 32.20 -10.61
C VAL B 449 13.58 33.59 -11.19
N ALA B 450 13.85 34.64 -10.40
CA ALA B 450 13.80 36.00 -10.95
C ALA B 450 14.73 36.14 -12.16
N GLU B 451 15.95 35.62 -12.05
CA GLU B 451 16.89 35.66 -13.20
C GLU B 451 16.30 34.95 -14.43
N ARG B 452 15.75 33.75 -14.21
CA ARG B 452 15.11 33.01 -15.30
C ARG B 452 13.96 33.84 -15.96
N VAL B 453 13.09 34.43 -15.15
CA VAL B 453 11.92 35.15 -15.70
C VAL B 453 12.36 36.40 -16.51
N ALA B 454 13.36 37.13 -15.99
CA ALA B 454 14.01 38.19 -16.80
C ALA B 454 14.51 37.66 -18.16
N ARG B 455 15.24 36.56 -18.17
CA ARG B 455 15.70 35.96 -19.40
C ARG B 455 14.55 35.54 -20.33
N GLU B 456 13.45 35.00 -19.81
CA GLU B 456 12.28 34.63 -20.66
C GLU B 456 11.66 35.84 -21.34
N ARG B 457 11.79 36.99 -20.70
CA ARG B 457 11.31 38.24 -21.27
C ARG B 457 12.40 38.97 -22.08
N CYS B 458 13.58 38.37 -22.22
CA CYS B 458 14.76 38.98 -22.86
C CYS B 458 15.14 40.33 -22.28
N GLU B 459 15.12 40.40 -20.96
CA GLU B 459 15.47 41.59 -20.20
C GLU B 459 16.55 41.20 -19.19
N GLN B 460 17.23 42.18 -18.63
CA GLN B 460 17.93 41.85 -17.40
C GLN B 460 17.04 42.30 -16.27
N LEU B 461 17.44 41.82 -15.11
CA LEU B 461 16.82 42.22 -13.88
C LEU B 461 16.85 43.71 -13.72
N GLY B 462 15.77 44.27 -13.18
CA GLY B 462 15.65 45.73 -12.99
C GLY B 462 14.61 46.44 -13.83
N ASP B 463 14.14 45.78 -14.88
CA ASP B 463 13.11 46.34 -15.75
C ASP B 463 11.71 45.84 -15.29
N THR B 464 11.13 44.81 -15.93
CA THR B 464 9.84 44.30 -15.47
C THR B 464 10.03 43.36 -14.30
N VAL B 465 11.19 42.70 -14.20
CA VAL B 465 11.42 41.68 -13.17
C VAL B 465 12.52 42.10 -12.17
N GLY B 466 12.24 41.89 -10.89
CA GLY B 466 13.24 42.11 -9.84
C GLY B 466 13.20 41.07 -8.74
N TYR B 467 14.19 41.16 -7.85
CA TYR B 467 14.18 40.39 -6.61
C TYR B 467 14.57 41.23 -5.39
N SER B 468 14.15 40.76 -4.22
CA SER B 468 14.62 41.29 -2.95
C SER B 468 14.75 40.21 -1.89
N VAL B 469 15.98 40.02 -1.41
CA VAL B 469 16.28 39.15 -0.28
C VAL B 469 17.14 39.97 0.70
N ARG B 470 17.34 39.46 1.90
CA ARG B 470 18.16 40.19 2.89
C ARG B 470 19.54 40.49 2.32
N PHE B 471 20.00 41.71 2.45
CA PHE B 471 21.33 42.14 1.97
C PHE B 471 21.46 42.29 0.44
N GLU B 472 20.46 41.92 -0.35
CA GLU B 472 20.61 41.94 -1.82
C GLU B 472 19.26 42.15 -2.53
N SER B 473 19.11 43.27 -3.23
CA SER B 473 17.91 43.54 -4.04
C SER B 473 18.26 44.11 -5.41
N VAL B 474 17.52 43.70 -6.44
CA VAL B 474 17.45 44.44 -7.71
C VAL B 474 15.96 44.74 -7.92
N PHE B 475 15.57 45.99 -7.72
CA PHE B 475 14.18 46.39 -7.81
C PHE B 475 13.77 46.63 -9.26
N PRO B 476 12.54 46.22 -9.64
CA PRO B 476 12.06 46.50 -10.99
C PRO B 476 11.46 47.90 -11.05
N ARG B 477 11.02 48.28 -12.23
CA ARG B 477 10.29 49.51 -12.44
C ARG B 477 9.05 49.58 -11.53
N PRO B 478 8.59 50.81 -11.22
CA PRO B 478 7.50 50.92 -10.25
C PRO B 478 6.10 50.45 -10.69
N TYR B 479 5.81 50.33 -11.98
CA TYR B 479 4.46 49.90 -12.45
C TYR B 479 4.61 48.77 -13.45
N GLY B 480 3.71 47.80 -13.40
CA GLY B 480 3.73 46.70 -14.38
C GLY B 480 4.92 45.78 -14.20
N ALA B 481 5.14 45.34 -12.97
CA ALA B 481 6.35 44.62 -12.64
C ALA B 481 6.11 43.47 -11.70
N ILE B 482 7.11 42.60 -11.61
CA ILE B 482 7.10 41.41 -10.79
C ILE B 482 8.32 41.45 -9.89
N LEU B 483 8.10 41.31 -8.58
CA LEU B 483 9.16 41.27 -7.56
C LEU B 483 9.15 39.94 -6.82
N PHE B 484 10.18 39.15 -7.02
CA PHE B 484 10.43 37.90 -6.29
C PHE B 484 11.12 38.21 -4.96
N CYS B 485 10.65 37.64 -3.88
CA CYS B 485 11.28 37.86 -2.58
C CYS B 485 11.08 36.68 -1.66
N THR B 486 11.85 36.66 -0.57
CA THR B 486 11.60 35.74 0.51
C THR B 486 10.40 36.22 1.33
N VAL B 487 9.76 35.27 2.01
CA VAL B 487 8.57 35.56 2.75
C VAL B 487 8.90 36.64 3.79
N GLY B 488 10.03 36.46 4.49
CA GLY B 488 10.50 37.44 5.49
C GLY B 488 10.60 38.88 4.97
N VAL B 489 11.07 39.05 3.75
CA VAL B 489 11.09 40.40 3.14
C VAL B 489 9.68 40.95 3.02
N LEU B 490 8.73 40.13 2.55
CA LEU B 490 7.37 40.66 2.39
C LEU B 490 6.79 41.05 3.73
N LEU B 491 6.99 40.21 4.75
CA LEU B 491 6.54 40.56 6.11
C LEU B 491 7.11 41.88 6.56
N ARG B 492 8.39 42.15 6.31
CA ARG B 492 8.98 43.48 6.65
C ARG B 492 8.40 44.63 5.88
N LYS B 493 7.99 44.42 4.63
CA LYS B 493 7.34 45.47 3.82
C LYS B 493 5.94 45.81 4.33
N LEU B 494 5.31 44.88 5.03
CA LEU B 494 3.96 45.09 5.57
C LEU B 494 3.84 46.31 6.48
N GLU B 495 4.95 46.68 7.10
CA GLU B 495 5.04 47.82 8.02
C GLU B 495 4.61 49.10 7.29
N ALA B 496 5.05 49.25 6.04
CA ALA B 496 4.69 50.43 5.23
C ALA B 496 3.36 50.27 4.45
N GLY B 497 2.62 49.17 4.63
CA GLY B 497 1.42 48.89 3.82
C GLY B 497 1.77 48.28 2.49
N LEU B 498 0.75 47.81 1.77
CA LEU B 498 0.92 47.23 0.43
C LEU B 498 0.13 48.00 -0.64
N ARG B 499 0.12 49.32 -0.52
CA ARG B 499 -0.55 50.17 -1.53
C ARG B 499 0.08 49.91 -2.89
N GLY B 500 -0.75 49.70 -3.92
CA GLY B 500 -0.29 49.49 -5.28
C GLY B 500 0.13 48.08 -5.69
N VAL B 501 0.03 47.11 -4.80
CA VAL B 501 0.22 45.73 -5.16
C VAL B 501 -1.10 45.21 -5.69
N SER B 502 -1.11 44.60 -6.87
CA SER B 502 -2.36 43.99 -7.38
C SER B 502 -2.48 42.52 -7.08
N HIS B 503 -1.35 41.81 -7.08
CA HIS B 503 -1.34 40.37 -6.88
C HIS B 503 -0.19 39.94 -5.96
N ILE B 504 -0.49 38.99 -5.07
CA ILE B 504 0.52 38.35 -4.23
C ILE B 504 0.42 36.86 -4.49
N ILE B 505 1.51 36.29 -4.98
CA ILE B 505 1.64 34.87 -5.23
C ILE B 505 2.49 34.35 -4.07
N VAL B 506 1.91 33.46 -3.30
CA VAL B 506 2.63 32.78 -2.22
C VAL B 506 3.00 31.39 -2.67
N ASP B 507 4.26 31.22 -3.00
CA ASP B 507 4.73 30.05 -3.70
C ASP B 507 5.32 29.05 -2.67
N GLU B 508 5.27 27.77 -3.03
CA GLU B 508 5.72 26.70 -2.14
C GLU B 508 5.05 26.81 -0.79
N ILE B 509 3.73 27.03 -0.84
CA ILE B 509 2.93 27.28 0.36
C ILE B 509 2.82 26.07 1.33
N HIS B 510 3.18 24.89 0.86
CA HIS B 510 3.26 23.70 1.74
C HIS B 510 4.39 23.76 2.79
N GLU B 511 5.31 24.71 2.70
CA GLU B 511 6.50 24.63 3.59
C GLU B 511 6.21 24.58 5.09
N ARG B 512 5.25 25.36 5.56
CA ARG B 512 4.88 25.43 6.98
C ARG B 512 5.98 25.97 7.93
N ASP B 513 6.92 26.75 7.41
CA ASP B 513 7.77 27.53 8.29
C ASP B 513 6.91 28.64 8.92
N VAL B 514 7.41 29.22 10.00
CA VAL B 514 6.59 30.15 10.76
C VAL B 514 6.23 31.38 9.97
N ASN B 515 7.17 31.89 9.17
CA ASN B 515 6.94 33.08 8.36
C ASN B 515 5.81 32.90 7.36
N SER B 516 5.80 31.77 6.66
CA SER B 516 4.73 31.45 5.72
C SER B 516 3.36 31.37 6.41
N ASP B 517 3.26 30.61 7.50
CA ASP B 517 1.98 30.49 8.23
C ASP B 517 1.55 31.85 8.76
N PHE B 518 2.51 32.67 9.18
CA PHE B 518 2.20 34.02 9.68
C PHE B 518 1.65 34.90 8.55
N LEU B 519 2.31 34.85 7.40
CA LEU B 519 1.81 35.55 6.20
C LEU B 519 0.39 35.12 5.82
N LEU B 520 0.09 33.83 5.87
CA LEU B 520 -1.26 33.35 5.52
C LEU B 520 -2.34 33.96 6.40
N VAL B 521 -2.09 34.07 7.70
CA VAL B 521 -3.05 34.75 8.60
C VAL B 521 -3.33 36.17 8.13
N ILE B 522 -2.25 36.89 7.84
CA ILE B 522 -2.34 38.30 7.43
C ILE B 522 -3.13 38.44 6.12
N LEU B 523 -2.79 37.59 5.14
CA LEU B 523 -3.37 37.71 3.79
C LEU B 523 -4.84 37.35 3.78
N ARG B 524 -5.21 36.33 4.55
CA ARG B 524 -6.63 36.01 4.67
C ARG B 524 -7.44 37.18 5.23
N ASP B 525 -6.91 37.87 6.24
CA ASP B 525 -7.57 39.10 6.76
C ASP B 525 -7.57 40.21 5.73
N MET B 526 -6.47 40.37 4.99
CA MET B 526 -6.42 41.39 3.95
C MET B 526 -7.46 41.23 2.83
N VAL B 527 -7.67 40.02 2.31
CA VAL B 527 -8.66 39.86 1.23
C VAL B 527 -10.10 40.06 1.73
N ASP B 528 -10.35 39.72 2.99
CA ASP B 528 -11.62 39.98 3.66
C ASP B 528 -11.89 41.49 3.70
N THR B 529 -10.86 42.28 4.02
CA THR B 529 -10.95 43.75 4.02
C THR B 529 -10.88 44.38 2.63
N TYR B 530 -10.06 43.84 1.75
CA TYR B 530 -9.80 44.41 0.42
C TYR B 530 -10.14 43.40 -0.66
N PRO B 531 -11.41 43.34 -1.07
CA PRO B 531 -11.79 42.25 -1.96
C PRO B 531 -11.29 42.43 -3.41
N ASP B 532 -10.72 43.59 -3.76
CA ASP B 532 -9.99 43.74 -5.04
C ASP B 532 -8.55 43.21 -5.06
N LEU B 533 -7.97 42.90 -3.92
CA LEU B 533 -6.65 42.28 -3.88
C LEU B 533 -6.76 40.85 -4.41
N HIS B 534 -5.73 40.37 -5.10
CA HIS B 534 -5.65 38.96 -5.49
C HIS B 534 -4.49 38.24 -4.79
N VAL B 535 -4.79 37.07 -4.24
CA VAL B 535 -3.80 36.17 -3.64
C VAL B 535 -3.83 34.84 -4.37
N ILE B 536 -2.66 34.36 -4.79
CA ILE B 536 -2.53 33.08 -5.49
C ILE B 536 -1.58 32.18 -4.69
N LEU B 537 -2.06 31.01 -4.27
CA LEU B 537 -1.27 30.05 -3.51
C LEU B 537 -0.88 28.92 -4.41
N MET B 538 0.40 28.53 -4.42
CA MET B 538 0.91 27.55 -5.40
C MET B 538 1.81 26.52 -4.75
N SER B 539 1.65 25.27 -5.17
CA SER B 539 2.57 24.19 -4.83
C SER B 539 2.26 22.94 -5.66
N ALA B 540 3.29 22.12 -5.86
CA ALA B 540 3.10 20.75 -6.40
C ALA B 540 2.62 19.74 -5.36
N THR B 541 2.73 20.06 -4.07
CA THR B 541 2.67 19.04 -3.01
C THR B 541 1.89 19.64 -1.82
N ILE B 542 0.58 19.70 -1.94
CA ILE B 542 -0.28 20.33 -0.91
C ILE B 542 -1.59 19.62 -0.75
N ASP B 543 -2.13 19.73 0.45
CA ASP B 543 -3.47 19.27 0.74
C ASP B 543 -4.38 20.45 0.36
N THR B 544 -4.91 20.40 -0.84
CA THR B 544 -5.73 21.50 -1.37
C THR B 544 -7.00 21.77 -0.55
N THR B 545 -7.59 20.72 -0.02
CA THR B 545 -8.79 20.87 0.80
C THR B 545 -8.53 21.68 2.05
N LYS B 546 -7.42 21.43 2.72
CA LYS B 546 -7.10 22.12 3.96
C LYS B 546 -6.87 23.60 3.69
N PHE B 547 -6.13 23.92 2.63
CA PHE B 547 -5.85 25.31 2.31
C PHE B 547 -7.14 26.00 1.82
N SER B 548 -7.92 25.31 0.99
CA SER B 548 -9.18 25.85 0.48
C SER B 548 -10.12 26.20 1.64
N LYS B 549 -10.30 25.26 2.56
CA LYS B 549 -11.10 25.47 3.78
C LYS B 549 -10.60 26.63 4.60
N TYR B 550 -9.30 26.70 4.86
CA TYR B 550 -8.76 27.83 5.62
C TYR B 550 -9.21 29.20 5.02
N PHE B 551 -9.20 29.29 3.69
CA PHE B 551 -9.55 30.52 2.97
C PHE B 551 -11.05 30.66 2.62
N GLY B 552 -11.88 29.84 3.22
CA GLY B 552 -13.30 29.93 2.97
C GLY B 552 -13.64 29.44 1.60
N ILE B 553 -13.06 28.31 1.25
CA ILE B 553 -13.40 27.56 0.04
C ILE B 553 -13.14 28.38 -1.23
N CYS B 554 -11.94 28.28 -1.75
CA CYS B 554 -11.59 29.04 -2.93
C CYS B 554 -11.36 28.05 -4.06
N PRO B 555 -11.31 28.54 -5.30
CA PRO B 555 -10.98 27.67 -6.43
C PRO B 555 -9.63 26.95 -6.27
N VAL B 556 -9.61 25.70 -6.69
CA VAL B 556 -8.41 24.92 -6.79
C VAL B 556 -8.22 24.54 -8.26
N LEU B 557 -7.13 24.99 -8.89
CA LEU B 557 -6.83 24.62 -10.28
C LEU B 557 -5.74 23.57 -10.39
N GLU B 558 -6.11 22.45 -10.98
CA GLU B 558 -5.25 21.31 -11.12
C GLU B 558 -4.59 21.38 -12.46
N VAL B 559 -3.26 21.53 -12.49
CA VAL B 559 -2.54 21.52 -13.75
C VAL B 559 -2.03 20.14 -14.04
N PRO B 560 -2.51 19.50 -15.14
CA PRO B 560 -1.95 18.17 -15.43
C PRO B 560 -0.62 18.26 -16.21
N GLY B 561 0.19 17.21 -16.10
CA GLY B 561 1.35 17.03 -16.95
C GLY B 561 2.66 17.42 -16.31
N ARG B 562 3.75 17.01 -16.95
CA ARG B 562 5.06 17.50 -16.56
C ARG B 562 5.90 17.73 -17.77
N ALA B 563 7.02 18.45 -17.59
CA ALA B 563 7.91 18.73 -18.71
C ALA B 563 8.54 17.45 -19.29
N PHE B 564 9.08 16.61 -18.41
CA PHE B 564 9.74 15.37 -18.83
C PHE B 564 9.57 14.30 -17.74
N PRO B 565 9.62 13.02 -18.10
CA PRO B 565 9.45 12.01 -17.06
C PRO B 565 10.71 11.85 -16.18
N VAL B 566 10.49 11.44 -14.94
CA VAL B 566 11.57 11.09 -14.02
C VAL B 566 11.33 9.65 -13.59
N GLN B 567 12.28 8.77 -13.86
CA GLN B 567 12.13 7.41 -13.42
C GLN B 567 12.57 7.29 -11.96
N GLN B 568 11.74 6.67 -11.12
CA GLN B 568 11.99 6.60 -9.70
C GLN B 568 12.42 5.21 -9.30
N PHE B 569 13.41 5.14 -8.44
CA PHE B 569 13.93 3.90 -7.88
C PHE B 569 14.05 4.04 -6.37
N PHE B 570 13.72 2.96 -5.67
CA PHE B 570 13.84 2.92 -4.21
C PHE B 570 15.05 2.07 -3.82
N LEU B 571 15.31 1.97 -2.51
CA LEU B 571 16.50 1.32 -2.04
C LEU B 571 16.66 -0.12 -2.58
N GLU B 572 15.57 -0.88 -2.62
CA GLU B 572 15.58 -2.29 -3.14
C GLU B 572 16.06 -2.31 -4.55
N ASP B 573 15.53 -1.38 -5.36
CA ASP B 573 15.85 -1.33 -6.77
C ASP B 573 17.31 -0.97 -6.90
N ILE B 574 17.79 -0.06 -6.03
CA ILE B 574 19.15 0.41 -6.11
C ILE B 574 20.13 -0.71 -5.73
N ILE B 575 19.83 -1.44 -4.66
CA ILE B 575 20.64 -2.59 -4.25
C ILE B 575 20.68 -3.64 -5.35
N GLN B 576 19.54 -3.96 -5.92
CA GLN B 576 19.46 -4.99 -6.94
C GLN B 576 20.19 -4.62 -8.24
N MET B 577 20.01 -3.39 -8.74
CA MET B 577 20.72 -2.98 -9.97
C MET B 577 22.25 -2.91 -9.79
N THR B 578 22.71 -2.55 -8.59
CA THR B 578 24.16 -2.44 -8.30
C THR B 578 24.77 -3.72 -7.74
N ASP B 579 23.96 -4.70 -7.37
CA ASP B 579 24.40 -5.92 -6.68
C ASP B 579 25.16 -5.56 -5.41
N PHE B 580 24.65 -4.56 -4.70
CA PHE B 580 25.35 -4.00 -3.55
C PHE B 580 25.26 -4.95 -2.38
N VAL B 581 26.37 -5.10 -1.67
CA VAL B 581 26.41 -5.75 -0.35
C VAL B 581 27.31 -4.90 0.53
N PRO B 582 26.83 -4.47 1.71
CA PRO B 582 27.68 -3.63 2.56
C PRO B 582 28.89 -4.39 3.10
N SER B 583 30.01 -3.70 3.32
CA SER B 583 31.24 -4.39 3.63
C SER B 583 31.22 -4.99 5.05
N ALA B 584 32.02 -6.04 5.22
CA ALA B 584 32.27 -6.65 6.53
C ALA B 584 32.54 -5.58 7.56
N GLU B 585 33.46 -4.67 7.23
CA GLU B 585 33.83 -3.60 8.14
C GLU B 585 32.66 -2.71 8.56
N SER B 586 31.78 -2.32 7.63
CA SER B 586 30.63 -1.47 7.96
C SER B 586 29.59 -2.20 8.84
N ARG B 587 29.37 -3.49 8.59
CA ARG B 587 28.46 -4.27 9.43
C ARG B 587 29.01 -4.35 10.86
N ARG B 588 30.30 -4.65 10.98
CA ARG B 588 30.98 -4.78 12.26
C ARG B 588 30.92 -3.46 13.05
N LYS B 589 31.19 -2.34 12.37
CA LYS B 589 31.10 -1.00 12.95
C LYS B 589 29.74 -0.69 13.58
N ARG B 590 28.68 -1.12 12.90
CA ARG B 590 27.31 -0.85 13.37
C ARG B 590 26.92 -1.70 14.61
N LYS B 591 27.34 -2.96 14.64
CA LYS B 591 27.15 -3.80 15.84
C LYS B 591 27.97 -3.27 17.05
N GLU B 592 29.19 -2.83 16.77
CA GLU B 592 30.07 -2.16 17.76
C GLU B 592 29.43 -0.92 18.45
N VAL B 593 28.79 -0.04 17.65
CA VAL B 593 28.03 1.10 18.20
C VAL B 593 26.75 0.61 18.93
N GLU B 594 26.10 -0.42 18.40
CA GLU B 594 24.90 -1.04 19.02
C GLU B 594 25.20 -1.73 20.38
N ASP B 595 26.31 -2.48 20.47
CA ASP B 595 26.65 -3.24 21.69
C ASP B 595 27.05 -2.38 22.92
N GLU B 596 27.39 -1.11 22.70
CA GLU B 596 27.60 -0.14 23.78
C GLU B 596 26.25 0.47 24.20
N GLU B 597 25.37 0.61 23.20
CA GLU B 597 24.01 1.09 23.41
C GLU B 597 23.10 -0.02 23.99
N GLN B 598 23.51 -1.30 23.90
CA GLN B 598 22.72 -2.46 24.44
C GLN B 598 22.37 -2.33 25.90
N LEU B 599 23.28 -1.74 26.68
CA LEU B 599 23.06 -1.48 28.10
C LEU B 599 22.23 -0.22 28.34
N LEU B 600 22.46 0.83 27.55
CA LEU B 600 21.68 2.08 27.67
C LEU B 600 20.43 2.13 26.78
N SER B 601 20.17 1.06 26.02
CA SER B 601 19.01 1.00 25.09
C SER B 601 17.66 1.11 25.81
N GLU B 602 16.71 1.79 25.19
CA GLU B 602 15.35 1.82 25.68
C GLU B 602 14.52 0.82 24.93
N ASP B 603 13.27 0.66 25.35
CA ASP B 603 12.35 -0.27 24.73
C ASP B 603 12.15 0.09 23.25
N LYS B 604 12.27 -0.91 22.40
CA LYS B 604 11.93 -0.81 21.00
C LYS B 604 10.43 -1.04 20.89
N ASP B 605 9.67 0.00 20.55
CA ASP B 605 8.24 -0.15 20.28
C ASP B 605 8.00 -0.30 18.78
N GLU B 606 6.79 -0.71 18.42
CA GLU B 606 6.31 -0.71 17.01
C GLU B 606 6.59 0.58 16.21
N ALA B 607 6.77 1.70 16.92
CA ALA B 607 7.29 2.94 16.32
C ALA B 607 8.77 2.90 15.86
N GLU B 608 9.51 1.84 16.19
CA GLU B 608 10.88 1.62 15.67
C GLU B 608 11.00 0.32 14.86
N ILE B 609 9.99 0.03 14.05
CA ILE B 609 10.10 -1.02 13.03
C ILE B 609 11.30 -0.73 12.13
N ASN B 610 11.99 -1.78 11.72
CA ASN B 610 13.05 -1.66 10.76
C ASN B 610 12.47 -1.93 9.37
N TYR B 611 12.22 -0.85 8.62
CA TYR B 611 11.58 -1.00 7.31
C TYR B 611 12.54 -1.47 6.22
N ASN B 612 13.84 -1.56 6.53
CA ASN B 612 14.77 -2.26 5.65
C ASN B 612 14.67 -3.77 5.70
N LYS B 613 13.93 -4.31 6.67
CA LYS B 613 13.65 -5.72 6.69
C LYS B 613 12.26 -6.03 6.15
N VAL B 614 11.59 -5.08 5.50
CA VAL B 614 10.33 -5.29 4.84
C VAL B 614 10.56 -5.06 3.35
N CYS B 615 10.25 -6.06 2.54
CA CYS B 615 10.48 -6.01 1.12
C CYS B 615 9.62 -7.02 0.41
N GLU B 616 9.09 -6.67 -0.75
CA GLU B 616 8.26 -7.58 -1.54
C GLU B 616 9.13 -8.65 -2.17
N ASP B 617 8.55 -9.84 -2.31
CA ASP B 617 9.30 -11.01 -2.77
C ASP B 617 9.58 -11.02 -4.27
N LYS B 618 9.07 -10.04 -4.99
CA LYS B 618 9.52 -9.85 -6.37
C LYS B 618 11.01 -9.44 -6.46
N TYR B 619 11.61 -8.96 -5.38
CA TYR B 619 13.05 -8.68 -5.38
C TYR B 619 13.73 -9.97 -4.99
N SER B 620 14.95 -10.17 -5.46
CA SER B 620 15.73 -11.35 -5.09
C SER B 620 16.00 -11.44 -3.60
N GLN B 621 16.21 -12.66 -3.16
CA GLN B 621 16.54 -12.97 -1.80
C GLN B 621 17.81 -12.22 -1.40
N LYS B 622 18.76 -12.11 -2.33
CA LYS B 622 20.02 -11.41 -2.08
C LYS B 622 19.80 -9.92 -1.84
N THR B 623 18.99 -9.30 -2.70
CA THR B 623 18.59 -7.91 -2.49
C THR B 623 17.96 -7.72 -1.12
N ARG B 624 17.03 -8.60 -0.72
CA ARG B 624 16.37 -8.46 0.58
C ARG B 624 17.34 -8.60 1.77
N ASN B 625 18.26 -9.56 1.69
CA ASN B 625 19.29 -9.77 2.73
C ASN B 625 20.20 -8.55 2.91
N ALA B 626 20.68 -8.05 1.78
CA ALA B 626 21.56 -6.89 1.74
C ALA B 626 20.86 -5.64 2.32
N MET B 627 19.61 -5.42 1.90
CA MET B 627 18.84 -4.31 2.44
C MET B 627 18.67 -4.43 3.95
N ALA B 628 18.40 -5.65 4.41
CA ALA B 628 18.25 -5.95 5.85
C ALA B 628 19.53 -5.68 6.65
N MET B 629 20.70 -5.70 6.01
CA MET B 629 21.97 -5.36 6.70
C MET B 629 22.22 -3.87 6.87
N LEU B 630 21.51 -3.03 6.13
CA LEU B 630 21.75 -1.58 6.16
C LEU B 630 20.97 -0.86 7.22
N SER B 631 21.65 0.03 7.89
CA SER B 631 21.01 0.95 8.81
C SER B 631 20.09 1.91 8.06
N GLU B 632 18.91 2.11 8.61
CA GLU B 632 18.04 3.17 8.15
C GLU B 632 18.47 4.56 8.61
N SER B 633 19.25 4.65 9.66
CA SER B 633 19.67 5.93 10.25
C SER B 633 20.94 6.50 9.61
N ASP B 634 21.91 5.64 9.32
CA ASP B 634 23.21 6.10 8.84
C ASP B 634 23.25 6.08 7.32
N VAL B 635 24.04 6.98 6.76
CA VAL B 635 24.26 7.06 5.32
C VAL B 635 25.41 6.14 4.96
N SER B 636 25.19 5.19 4.08
CA SER B 636 26.29 4.33 3.62
C SER B 636 27.05 5.01 2.45
N PHE B 637 28.24 5.56 2.70
CA PHE B 637 29.06 6.12 1.61
C PHE B 637 29.46 5.07 0.59
N GLU B 638 29.59 3.83 1.02
CA GLU B 638 29.81 2.70 0.11
C GLU B 638 28.67 2.58 -0.89
N LEU B 639 27.43 2.65 -0.40
CA LEU B 639 26.27 2.50 -1.30
C LEU B 639 26.26 3.67 -2.30
N LEU B 640 26.54 4.88 -1.80
CA LEU B 640 26.64 6.05 -2.63
C LEU B 640 27.67 5.90 -3.74
N GLU B 641 28.86 5.38 -3.39
CA GLU B 641 29.90 5.16 -4.36
C GLU B 641 29.43 4.16 -5.40
N ALA B 642 28.87 3.04 -4.95
CA ALA B 642 28.35 2.05 -5.88
C ALA B 642 27.27 2.64 -6.80
N LEU B 643 26.39 3.48 -6.27
CA LEU B 643 25.36 4.09 -7.10
C LEU B 643 25.99 5.05 -8.14
N LEU B 644 26.97 5.83 -7.70
CA LEU B 644 27.65 6.77 -8.60
C LEU B 644 28.38 6.05 -9.74
N MET B 645 28.98 4.90 -9.42
CA MET B 645 29.64 4.06 -10.42
C MET B 645 28.62 3.46 -11.39
N HIS B 646 27.47 3.04 -10.86
CA HIS B 646 26.45 2.47 -11.73
C HIS B 646 25.94 3.54 -12.71
N ILE B 647 25.75 4.76 -12.22
CA ILE B 647 25.35 5.88 -13.06
C ILE B 647 26.40 6.08 -14.16
N LYS B 648 27.66 6.15 -13.75
CA LYS B 648 28.78 6.29 -14.69
C LYS B 648 28.73 5.24 -15.80
N SER B 649 28.54 3.96 -15.42
CA SER B 649 28.50 2.85 -16.38
C SER B 649 27.41 3.00 -17.48
N LYS B 650 26.32 3.72 -17.22
CA LYS B 650 25.24 3.89 -18.21
C LYS B 650 25.62 4.81 -19.39
N ASN B 651 26.69 5.60 -19.20
CA ASN B 651 27.18 6.56 -20.18
C ASN B 651 26.12 7.60 -20.62
N ILE B 652 25.39 8.13 -19.64
CA ILE B 652 24.38 9.14 -19.87
C ILE B 652 24.92 10.43 -19.29
N PRO B 653 25.18 11.45 -20.12
CA PRO B 653 25.71 12.69 -19.53
C PRO B 653 24.65 13.39 -18.68
N GLY B 654 25.12 14.17 -17.72
CA GLY B 654 24.23 14.94 -16.87
C GLY B 654 24.71 15.04 -15.46
N ALA B 655 24.27 16.12 -14.81
CA ALA B 655 24.69 16.43 -13.46
C ALA B 655 23.93 15.57 -12.47
N ILE B 656 24.56 15.36 -11.31
CA ILE B 656 24.04 14.53 -10.22
C ILE B 656 23.86 15.40 -9.00
N LEU B 657 22.65 15.39 -8.43
CA LEU B 657 22.28 16.21 -7.26
C LEU B 657 21.93 15.30 -6.09
N VAL B 658 22.73 15.38 -5.03
CA VAL B 658 22.61 14.53 -3.84
C VAL B 658 22.07 15.36 -2.66
N PHE B 659 20.93 14.97 -2.10
CA PHE B 659 20.32 15.67 -0.96
C PHE B 659 20.77 15.06 0.37
N LEU B 660 21.45 15.88 1.16
CA LEU B 660 21.97 15.50 2.46
C LEU B 660 21.45 16.47 3.52
N PRO B 661 21.35 16.02 4.78
CA PRO B 661 20.71 16.90 5.78
C PRO B 661 21.53 18.11 6.26
N GLY B 662 22.85 18.09 6.17
CA GLY B 662 23.66 19.18 6.67
C GLY B 662 25.15 19.18 6.28
N TRP B 663 25.84 20.18 6.80
CA TRP B 663 27.23 20.50 6.47
C TRP B 663 28.15 19.31 6.67
N ASN B 664 28.03 18.68 7.82
CA ASN B 664 28.94 17.64 8.21
C ASN B 664 28.94 16.48 7.20
N LEU B 665 27.75 16.01 6.83
CA LEU B 665 27.63 14.95 5.84
C LEU B 665 28.08 15.41 4.44
N ILE B 666 27.80 16.66 4.09
CA ILE B 666 28.19 17.20 2.80
C ILE B 666 29.71 17.14 2.66
N PHE B 667 30.41 17.71 3.64
CA PHE B 667 31.86 17.78 3.57
C PHE B 667 32.51 16.45 3.80
N ALA B 668 31.92 15.56 4.62
CA ALA B 668 32.48 14.20 4.76
C ALA B 668 32.38 13.41 3.48
N LEU B 669 31.21 13.49 2.84
CA LEU B 669 31.05 12.79 1.56
C LEU B 669 31.95 13.36 0.46
N MET B 670 32.09 14.68 0.45
CA MET B 670 32.99 15.36 -0.51
C MET B 670 34.40 14.81 -0.39
N LYS B 671 34.91 14.83 0.84
CA LYS B 671 36.24 14.26 1.14
C LYS B 671 36.34 12.82 0.72
N PHE B 672 35.37 12.00 1.13
CA PHE B 672 35.33 10.59 0.74
C PHE B 672 35.46 10.42 -0.80
N LEU B 673 34.65 11.16 -1.55
CA LEU B 673 34.66 11.04 -3.00
C LEU B 673 35.99 11.56 -3.60
N GLN B 674 36.50 12.66 -3.07
CA GLN B 674 37.70 13.26 -3.60
C GLN B 674 38.91 12.37 -3.41
N ASN B 675 38.86 11.52 -2.37
CA ASN B 675 39.88 10.52 -2.13
C ASN B 675 39.85 9.32 -3.07
N THR B 676 38.80 9.14 -3.85
CA THR B 676 38.77 8.04 -4.83
C THR B 676 39.48 8.40 -6.13
N ASN B 677 39.96 7.39 -6.82
CA ASN B 677 40.60 7.56 -8.13
C ASN B 677 39.63 8.10 -9.17
N ILE B 678 38.40 7.62 -9.15
CA ILE B 678 37.41 8.02 -10.16
C ILE B 678 36.87 9.41 -9.88
N PHE B 679 36.30 9.60 -8.69
CA PHE B 679 35.54 10.81 -8.38
C PHE B 679 36.43 11.92 -7.90
N GLY B 680 37.67 11.61 -7.56
CA GLY B 680 38.64 12.64 -7.23
C GLY B 680 39.35 13.25 -8.41
N ASP B 681 39.10 12.74 -9.60
CA ASP B 681 39.77 13.21 -10.81
C ASP B 681 38.97 14.41 -11.37
N THR B 682 39.49 15.62 -11.22
CA THR B 682 38.82 16.85 -11.66
C THR B 682 38.63 17.01 -13.19
N SER B 683 39.30 16.17 -13.97
CA SER B 683 39.03 16.10 -15.40
C SER B 683 37.76 15.31 -15.71
N GLN B 684 37.29 14.54 -14.73
CA GLN B 684 36.08 13.72 -14.88
C GLN B 684 34.91 14.24 -14.04
N TYR B 685 35.17 14.75 -12.84
CA TYR B 685 34.13 15.14 -11.90
C TYR B 685 34.51 16.40 -11.18
N GLN B 686 33.51 17.23 -10.96
CA GLN B 686 33.63 18.36 -10.08
C GLN B 686 32.52 18.26 -9.02
N ILE B 687 32.93 18.23 -7.75
CA ILE B 687 32.02 18.01 -6.65
C ILE B 687 31.78 19.36 -6.01
N LEU B 688 30.53 19.82 -5.96
CA LEU B 688 30.22 21.16 -5.48
C LEU B 688 29.28 21.08 -4.28
N PRO B 689 29.68 21.69 -3.15
CA PRO B 689 28.74 21.76 -2.04
C PRO B 689 27.68 22.83 -2.27
N CYS B 690 26.55 22.69 -1.62
CA CYS B 690 25.46 23.64 -1.73
C CYS B 690 24.73 23.69 -0.39
N HIS B 691 24.91 24.82 0.27
CA HIS B 691 24.53 25.02 1.68
C HIS B 691 24.41 26.52 1.85
N SER B 692 23.58 26.99 2.80
CA SER B 692 23.37 28.42 3.00
C SER B 692 24.61 29.21 3.44
N GLN B 693 25.60 28.52 3.99
CA GLN B 693 26.72 29.14 4.66
C GLN B 693 28.02 28.91 3.92
N ILE B 694 27.94 28.58 2.62
CA ILE B 694 29.10 28.69 1.77
C ILE B 694 29.03 30.06 1.06
N PRO B 695 30.17 30.59 0.60
CA PRO B 695 30.16 31.92 -0.05
C PRO B 695 29.14 31.99 -1.20
N ARG B 696 28.50 33.13 -1.37
CA ARG B 696 27.52 33.35 -2.46
C ARG B 696 27.97 32.89 -3.84
N ASP B 697 29.23 33.18 -4.15
CA ASP B 697 29.92 32.76 -5.39
C ASP B 697 29.86 31.28 -5.62
N GLU B 698 30.14 30.54 -4.56
CA GLU B 698 30.20 29.08 -4.63
C GLU B 698 28.80 28.46 -4.81
N GLN B 699 27.76 29.13 -4.30
CA GLN B 699 26.38 28.70 -4.50
C GLN B 699 25.97 28.85 -5.95
N ARG B 700 26.42 29.94 -6.57
CA ARG B 700 26.12 30.23 -7.98
C ARG B 700 26.74 29.20 -8.90
N LYS B 701 27.93 28.72 -8.55
CA LYS B 701 28.58 27.64 -9.29
C LYS B 701 27.72 26.38 -9.55
N VAL B 702 26.75 26.08 -8.67
CA VAL B 702 25.93 24.88 -8.87
C VAL B 702 25.08 25.00 -10.15
N PHE B 703 24.71 26.23 -10.50
CA PHE B 703 23.91 26.50 -11.70
C PHE B 703 24.70 26.53 -13.00
N GLU B 704 26.00 26.76 -12.91
CA GLU B 704 26.87 27.01 -14.05
C GLU B 704 27.42 25.73 -14.68
N PRO B 705 27.82 25.81 -15.96
CA PRO B 705 28.38 24.60 -16.57
C PRO B 705 29.78 24.26 -16.07
N VAL B 706 30.18 23.03 -16.36
CA VAL B 706 31.52 22.55 -16.03
C VAL B 706 32.18 22.27 -17.37
N PRO B 707 33.52 22.11 -17.39
CA PRO B 707 34.17 21.83 -18.69
C PRO B 707 33.65 20.56 -19.39
N GLU B 708 34.00 20.42 -20.67
CA GLU B 708 33.53 19.30 -21.49
C GLU B 708 34.00 17.97 -20.93
N GLY B 709 33.10 16.99 -20.92
CA GLY B 709 33.38 15.69 -20.33
C GLY B 709 33.52 15.64 -18.81
N VAL B 710 33.24 16.73 -18.10
CA VAL B 710 33.26 16.73 -16.65
C VAL B 710 31.81 16.58 -16.20
N THR B 711 31.59 15.74 -15.20
CA THR B 711 30.28 15.57 -14.60
C THR B 711 30.24 16.31 -13.26
N LYS B 712 29.21 17.13 -13.11
CA LYS B 712 28.97 17.89 -11.91
C LYS B 712 28.23 17.03 -10.88
N ILE B 713 28.79 16.90 -9.68
CA ILE B 713 28.09 16.27 -8.55
C ILE B 713 27.84 17.36 -7.53
N ILE B 714 26.58 17.64 -7.21
CA ILE B 714 26.23 18.67 -6.24
C ILE B 714 25.77 17.97 -4.95
N LEU B 715 26.37 18.34 -3.82
CA LEU B 715 26.05 17.76 -2.51
C LEU B 715 25.39 18.87 -1.72
N SER B 716 24.06 18.75 -1.53
CA SER B 716 23.22 19.88 -1.17
C SER B 716 22.31 19.61 0.01
N THR B 717 22.04 20.66 0.76
CA THR B 717 20.93 20.65 1.70
C THR B 717 19.62 20.95 0.93
N ASN B 718 18.56 21.07 1.69
CA ASN B 718 17.27 21.44 1.16
C ASN B 718 17.19 22.88 0.64
N ILE B 719 18.27 23.67 0.66
CA ILE B 719 18.20 24.92 -0.09
C ILE B 719 17.95 24.71 -1.58
N ALA B 720 18.30 23.53 -2.12
CA ALA B 720 18.02 23.18 -3.51
C ALA B 720 16.80 22.29 -3.68
N GLU B 721 15.97 22.17 -2.65
CA GLU B 721 14.87 21.21 -2.68
C GLU B 721 13.69 21.62 -3.56
N THR B 722 13.33 22.90 -3.54
CA THR B 722 12.16 23.36 -4.31
C THR B 722 12.61 24.43 -5.28
N SER B 723 11.72 24.79 -6.21
CA SER B 723 11.78 26.07 -6.94
C SER B 723 12.81 26.17 -8.08
N ILE B 724 14.02 25.64 -7.87
CA ILE B 724 15.12 25.93 -8.78
C ILE B 724 15.25 24.92 -9.92
N THR B 725 15.71 25.46 -11.05
CA THR B 725 16.11 24.67 -12.21
C THR B 725 17.62 24.76 -12.36
N ILE B 726 18.31 23.68 -12.02
CA ILE B 726 19.70 23.55 -12.35
C ILE B 726 19.67 22.78 -13.68
N ASP B 727 20.06 23.46 -14.76
CA ASP B 727 19.63 23.02 -16.08
C ASP B 727 20.24 21.71 -16.57
N ASP B 728 21.33 21.29 -15.97
CA ASP B 728 21.98 20.05 -16.40
C ASP B 728 21.68 18.80 -15.53
N ILE B 729 20.77 18.90 -14.55
CA ILE B 729 20.48 17.77 -13.67
C ILE B 729 19.81 16.67 -14.46
N VAL B 730 20.36 15.47 -14.38
CA VAL B 730 19.71 14.29 -14.88
C VAL B 730 19.42 13.30 -13.75
N PHE B 731 20.24 13.30 -12.69
CA PHE B 731 20.11 12.28 -11.64
C PHE B 731 20.02 12.92 -10.27
N VAL B 732 19.00 12.54 -9.51
CA VAL B 732 18.84 12.97 -8.14
C VAL B 732 19.08 11.77 -7.27
N ILE B 733 19.84 11.98 -6.20
CA ILE B 733 20.06 10.96 -5.16
C ILE B 733 19.56 11.54 -3.83
N ASP B 734 18.59 10.89 -3.22
CA ASP B 734 17.95 11.45 -2.06
C ASP B 734 18.19 10.56 -0.87
N ILE B 735 18.89 11.10 0.13
CA ILE B 735 19.15 10.39 1.39
C ILE B 735 17.89 10.35 2.27
N CYS B 736 16.88 11.14 1.96
CA CYS B 736 15.57 11.08 2.63
C CYS B 736 15.58 11.60 4.06
N LYS B 737 16.51 12.52 4.37
CA LYS B 737 16.53 13.13 5.70
C LYS B 737 16.40 14.61 5.61
N ALA B 738 16.13 15.21 6.76
CA ALA B 738 16.12 16.65 6.89
C ALA B 738 16.59 16.97 8.29
N ARG B 739 17.01 18.21 8.48
CA ARG B 739 17.47 18.67 9.77
C ARG B 739 16.62 19.78 10.31
N MET B 740 16.32 19.71 11.60
CA MET B 740 15.62 20.78 12.31
C MET B 740 16.47 21.26 13.49
N LYS B 741 16.29 22.51 13.86
CA LYS B 741 16.85 23.05 15.09
C LYS B 741 15.73 23.12 16.10
N LEU B 742 15.85 22.39 17.19
CA LEU B 742 14.85 22.34 18.27
C LEU B 742 15.28 23.17 19.49
N PHE B 743 14.28 23.61 20.25
CA PHE B 743 14.45 24.38 21.46
C PHE B 743 13.37 23.91 22.42
N THR B 744 13.76 23.46 23.60
CA THR B 744 12.82 23.19 24.69
C THR B 744 12.87 24.37 25.67
N SER B 745 11.76 25.08 25.81
CA SER B 745 11.67 26.28 26.65
C SER B 745 11.94 26.05 28.13
N HIS B 746 11.41 24.99 28.71
CA HIS B 746 11.51 24.82 30.17
C HIS B 746 12.93 24.62 30.68
N ASN B 747 13.80 24.06 29.85
CA ASN B 747 15.20 23.84 30.24
C ASN B 747 16.22 24.67 29.46
N ASN B 748 15.76 25.51 28.53
CA ASN B 748 16.61 26.31 27.65
C ASN B 748 17.62 25.54 26.78
N LEU B 749 17.32 24.28 26.47
CA LEU B 749 18.21 23.46 25.64
C LEU B 749 17.87 23.55 24.17
N THR B 750 18.89 23.75 23.33
CA THR B 750 18.76 23.64 21.88
C THR B 750 19.46 22.38 21.43
N SER B 751 19.02 21.86 20.30
CA SER B 751 19.66 20.73 19.65
C SER B 751 19.32 20.73 18.19
N TYR B 752 20.14 20.04 17.43
CA TYR B 752 19.85 19.74 16.04
C TYR B 752 19.33 18.31 15.96
N ALA B 753 18.32 18.12 15.12
CA ALA B 753 17.70 16.82 14.96
C ALA B 753 17.73 16.44 13.48
N THR B 754 18.33 15.30 13.15
CA THR B 754 18.22 14.74 11.84
C THR B 754 17.03 13.76 11.85
N VAL B 755 16.01 14.13 11.09
CA VAL B 755 14.76 13.38 11.05
C VAL B 755 14.53 12.85 9.63
N TRP B 756 13.64 11.85 9.52
CA TRP B 756 13.06 11.47 8.23
C TRP B 756 12.42 12.66 7.54
N ALA B 757 12.79 12.84 6.28
CA ALA B 757 12.08 13.74 5.41
C ALA B 757 10.64 13.22 5.18
N SER B 758 9.77 14.12 4.75
CA SER B 758 8.38 13.78 4.46
C SER B 758 8.24 13.37 3.01
N LYS B 759 7.08 12.80 2.67
CA LYS B 759 6.76 12.52 1.27
C LYS B 759 6.82 13.77 0.40
N THR B 760 6.32 14.88 0.94
CA THR B 760 6.45 16.18 0.31
C THR B 760 7.90 16.57 -0.04
N ASN B 761 8.79 16.44 0.93
CA ASN B 761 10.18 16.70 0.66
C ASN B 761 10.73 15.84 -0.50
N LEU B 762 10.47 14.53 -0.46
CA LEU B 762 10.97 13.58 -1.46
C LEU B 762 10.47 13.89 -2.88
N GLU B 763 9.21 14.28 -2.96
CA GLU B 763 8.59 14.66 -4.25
C GLU B 763 9.21 15.97 -4.79
N GLN B 764 9.46 16.97 -3.93
CA GLN B 764 10.13 18.17 -4.38
C GLN B 764 11.57 17.91 -4.86
N ARG B 765 12.29 17.12 -4.08
CA ARG B 765 13.70 16.77 -4.43
C ARG B 765 13.76 16.06 -5.78
N LYS B 766 12.87 15.09 -5.96
CA LYS B 766 12.72 14.36 -7.21
C LYS B 766 12.50 15.29 -8.38
N GLY B 767 11.64 16.27 -8.17
CA GLY B 767 11.35 17.25 -9.17
C GLY B 767 12.45 18.21 -9.52
N ARG B 768 13.66 18.09 -8.96
CA ARG B 768 14.79 18.84 -9.50
C ARG B 768 15.27 18.29 -10.84
N ALA B 769 14.92 17.07 -11.16
CA ALA B 769 15.16 16.47 -12.48
C ALA B 769 13.86 16.47 -13.25
N GLY B 770 13.91 16.11 -14.53
CA GLY B 770 12.69 16.03 -15.34
C GLY B 770 12.12 17.41 -15.68
N ARG B 771 13.02 18.40 -15.73
CA ARG B 771 12.64 19.78 -16.00
CA ARG B 771 12.66 19.79 -15.99
C ARG B 771 13.00 20.19 -17.42
N VAL B 772 14.25 19.94 -17.80
CA VAL B 772 14.81 20.30 -19.08
C VAL B 772 14.98 19.07 -19.96
N ARG B 773 15.13 17.91 -19.41
CA ARG B 773 15.15 16.64 -20.15
C ARG B 773 14.71 15.51 -19.20
N PRO B 774 14.50 14.29 -19.73
CA PRO B 774 14.23 13.17 -18.80
C PRO B 774 15.32 12.95 -17.72
N GLY B 775 14.90 12.42 -16.57
CA GLY B 775 15.80 12.21 -15.46
C GLY B 775 15.51 10.95 -14.68
N PHE B 776 16.22 10.81 -13.57
CA PHE B 776 16.19 9.62 -12.72
C PHE B 776 16.28 10.11 -11.30
N CYS B 777 15.56 9.45 -10.41
CA CYS B 777 15.57 9.78 -9.01
C CYS B 777 15.82 8.48 -8.25
N PHE B 778 16.92 8.47 -7.50
CA PHE B 778 17.30 7.34 -6.66
C PHE B 778 17.00 7.73 -5.21
N THR B 779 15.85 7.25 -4.74
CA THR B 779 15.35 7.55 -3.39
C THR B 779 15.83 6.46 -2.45
N LEU B 780 16.73 6.81 -1.54
CA LEU B 780 17.45 5.83 -0.74
C LEU B 780 16.73 5.42 0.56
N CYS B 781 15.47 5.01 0.45
CA CYS B 781 14.74 4.39 1.54
C CYS B 781 13.97 3.24 0.94
N SER B 782 13.61 2.25 1.75
CA SER B 782 12.85 1.11 1.24
C SER B 782 11.45 1.57 0.82
N ARG B 783 10.80 0.81 -0.06
CA ARG B 783 9.40 1.12 -0.41
C ARG B 783 8.50 1.12 0.83
N ALA B 784 8.75 0.21 1.76
CA ALA B 784 7.96 0.16 2.99
C ALA B 784 8.24 1.37 3.87
N ARG B 785 9.51 1.81 3.93
CA ARG B 785 9.82 3.06 4.66
C ARG B 785 9.08 4.24 4.05
N PHE B 786 9.08 4.32 2.73
CA PHE B 786 8.40 5.40 2.04
C PHE B 786 6.94 5.51 2.45
N GLN B 787 6.23 4.37 2.45
CA GLN B 787 4.80 4.35 2.85
C GLN B 787 4.57 4.79 4.30
N ALA B 788 5.55 4.59 5.16
CA ALA B 788 5.50 5.03 6.55
C ALA B 788 5.95 6.47 6.82
N LEU B 789 6.47 7.16 5.81
CA LEU B 789 6.86 8.54 6.01
C LEU B 789 5.62 9.40 6.23
N GLU B 790 5.78 10.46 7.00
CA GLU B 790 4.75 11.50 7.10
C GLU B 790 4.51 12.16 5.74
N ASP B 791 3.28 12.56 5.47
CA ASP B 791 2.98 13.36 4.27
C ASP B 791 3.72 14.68 4.31
N ASN B 792 3.77 15.30 5.49
CA ASN B 792 4.50 16.55 5.72
C ASN B 792 5.20 16.57 7.05
N LEU B 793 6.24 17.39 7.18
CA LEU B 793 6.89 17.61 8.51
C LEU B 793 5.99 18.51 9.34
N THR B 794 6.14 18.42 10.65
CA THR B 794 5.26 19.16 11.54
C THR B 794 5.55 20.70 11.33
N PRO B 795 4.50 21.51 11.31
CA PRO B 795 4.71 22.95 11.15
C PRO B 795 5.66 23.56 12.18
N GLU B 796 6.47 24.50 11.72
CA GLU B 796 7.43 25.16 12.59
C GLU B 796 6.77 25.91 13.76
N MET B 797 5.60 26.46 13.50
CA MET B 797 4.78 27.11 14.52
C MET B 797 4.60 26.33 15.86
N PHE B 798 4.59 25.00 15.81
CA PHE B 798 4.34 24.19 17.00
C PHE B 798 5.54 24.08 17.93
N ARG B 799 6.73 24.36 17.42
CA ARG B 799 7.95 24.02 18.11
C ARG B 799 8.95 25.17 18.05
N THR B 800 8.47 26.39 18.11
CA THR B 800 9.37 27.53 18.09
C THR B 800 8.88 28.61 19.05
N PRO B 801 9.79 29.26 19.78
CA PRO B 801 9.34 30.38 20.64
C PRO B 801 8.67 31.49 19.82
N LEU B 802 7.69 32.15 20.40
CA LEU B 802 6.77 32.98 19.67
C LEU B 802 6.93 34.48 19.90
N HIS B 803 7.92 34.86 20.69
CA HIS B 803 8.03 36.25 21.12
C HIS B 803 8.40 37.22 19.99
N GLU B 804 9.21 36.79 19.01
CA GLU B 804 9.51 37.63 17.82
C GLU B 804 8.27 37.84 16.98
N MET B 805 7.51 36.79 16.77
CA MET B 805 6.23 36.92 16.06
C MET B 805 5.21 37.80 16.80
N ALA B 806 5.14 37.67 18.14
CA ALA B 806 4.25 38.49 18.96
C ALA B 806 4.56 39.99 18.83
N LEU B 807 5.85 40.32 18.76
CA LEU B 807 6.29 41.68 18.55
C LEU B 807 5.81 42.18 17.22
N THR B 808 5.91 41.34 16.20
CA THR B 808 5.46 41.72 14.85
C THR B 808 3.96 41.97 14.86
N ILE B 809 3.21 41.12 15.54
CA ILE B 809 1.77 41.28 15.63
C ILE B 809 1.46 42.66 16.18
N LYS B 810 2.15 43.03 17.25
CA LYS B 810 1.97 44.34 17.88
C LYS B 810 2.49 45.52 17.02
N LEU B 811 3.65 45.37 16.39
CA LEU B 811 4.17 46.39 15.51
C LEU B 811 3.18 46.72 14.40
N LEU B 812 2.63 45.69 13.76
CA LEU B 812 1.69 45.83 12.67
C LEU B 812 0.26 46.14 13.13
N ARG B 813 0.09 46.31 14.44
CA ARG B 813 -1.18 46.69 15.03
C ARG B 813 -2.31 45.75 14.61
N LEU B 814 -2.05 44.45 14.63
CA LEU B 814 -3.06 43.44 14.28
C LEU B 814 -3.84 42.92 15.48
N GLY B 815 -3.67 43.56 16.63
CA GLY B 815 -4.50 43.33 17.79
C GLY B 815 -3.87 42.38 18.79
N SER B 816 -4.70 41.53 19.36
CA SER B 816 -4.31 40.68 20.45
C SER B 816 -3.43 39.51 19.96
N ILE B 817 -2.41 39.21 20.75
CA ILE B 817 -1.49 38.12 20.41
C ILE B 817 -2.18 36.76 20.37
N HIS B 818 -3.01 36.49 21.39
CA HIS B 818 -3.77 35.24 21.45
C HIS B 818 -4.72 35.13 20.26
N HIS B 819 -5.47 36.20 20.02
CA HIS B 819 -6.50 36.18 19.00
C HIS B 819 -5.88 35.95 17.62
N PHE B 820 -4.82 36.70 17.31
CA PHE B 820 -4.12 36.53 16.03
C PHE B 820 -3.61 35.12 15.85
N LEU B 821 -2.95 34.57 16.87
CA LEU B 821 -2.37 33.23 16.74
C LEU B 821 -3.42 32.13 16.70
N SER B 822 -4.58 32.39 17.29
CA SER B 822 -5.71 31.44 17.21
C SER B 822 -6.26 31.29 15.79
N LYS B 823 -5.96 32.27 14.92
CA LYS B 823 -6.35 32.26 13.50
C LYS B 823 -5.35 31.61 12.56
N ALA B 824 -4.22 31.14 13.10
CA ALA B 824 -3.21 30.46 12.31
C ALA B 824 -3.76 29.17 11.76
N LEU B 825 -3.19 28.73 10.63
CA LEU B 825 -3.59 27.49 9.99
C LEU B 825 -3.49 26.35 11.00
N GLU B 826 -2.43 26.32 11.81
CA GLU B 826 -2.38 25.48 13.00
C GLU B 826 -1.99 26.29 14.22
N PRO B 827 -2.97 26.67 15.04
CA PRO B 827 -2.59 27.49 16.21
C PRO B 827 -1.49 26.84 17.09
N PRO B 828 -0.52 27.64 17.55
CA PRO B 828 0.48 27.09 18.46
C PRO B 828 -0.06 26.75 19.84
N PRO B 829 0.64 25.89 20.58
CA PRO B 829 0.16 25.54 21.92
C PRO B 829 0.15 26.77 22.85
N VAL B 830 -0.88 26.89 23.69
CA VAL B 830 -1.13 28.08 24.47
C VAL B 830 -0.05 28.40 25.53
N ASP B 831 0.65 27.38 26.05
CA ASP B 831 1.78 27.64 26.95
C ASP B 831 2.91 28.43 26.28
N ALA B 832 3.19 28.14 25.02
CA ALA B 832 4.18 28.94 24.26
C ALA B 832 3.71 30.39 24.04
N VAL B 833 2.40 30.57 23.90
CA VAL B 833 1.86 31.92 23.71
C VAL B 833 2.06 32.73 24.99
N ILE B 834 1.74 32.09 26.11
CA ILE B 834 1.87 32.70 27.43
C ILE B 834 3.32 33.08 27.70
N GLU B 835 4.23 32.17 27.45
CA GLU B 835 5.67 32.40 27.61
C GLU B 835 6.10 33.66 26.86
N ALA B 836 5.67 33.75 25.61
CA ALA B 836 6.00 34.90 24.77
C ALA B 836 5.49 36.21 25.36
N GLU B 837 4.25 36.22 25.84
CA GLU B 837 3.67 37.44 26.41
C GLU B 837 4.41 37.85 27.68
N VAL B 838 4.64 36.88 28.57
CA VAL B 838 5.35 37.13 29.81
C VAL B 838 6.77 37.64 29.52
N LEU B 839 7.47 37.03 28.58
CA LEU B 839 8.80 37.46 28.22
C LEU B 839 8.84 38.94 27.80
N LEU B 840 7.93 39.30 26.90
CA LEU B 840 7.85 40.67 26.39
C LEU B 840 7.43 41.69 27.46
N ARG B 841 6.52 41.28 28.37
CA ARG B 841 6.15 42.13 29.50
C ARG B 841 7.34 42.36 30.41
N GLU B 842 8.05 41.29 30.73
CA GLU B 842 9.18 41.41 31.65
C GLU B 842 10.34 42.19 31.05
N MET B 843 10.51 42.05 29.74
CA MET B 843 11.52 42.78 29.02
C MET B 843 11.13 44.28 28.79
N ARG B 844 9.87 44.63 29.09
CA ARG B 844 9.31 45.98 28.97
C ARG B 844 9.04 46.40 27.51
N CYS B 845 8.87 45.41 26.63
CA CYS B 845 8.41 45.63 25.26
C CYS B 845 6.92 45.90 25.19
N LEU B 846 6.20 45.39 26.18
CA LEU B 846 4.79 45.62 26.35
C LEU B 846 4.59 46.29 27.69
N ASP B 847 3.64 47.22 27.74
CA ASP B 847 3.33 47.92 28.99
C ASP B 847 2.29 47.11 29.81
N ALA B 848 1.70 47.74 30.83
CA ALA B 848 0.61 47.13 31.62
C ALA B 848 -0.67 46.77 30.83
N ASN B 849 -0.93 47.44 29.70
CA ASN B 849 -2.09 47.14 28.83
C ASN B 849 -1.77 46.22 27.64
N ASP B 850 -0.63 45.53 27.68
CA ASP B 850 -0.14 44.75 26.54
C ASP B 850 -0.02 45.53 25.22
N GLU B 851 0.25 46.83 25.34
CA GLU B 851 0.55 47.66 24.18
C GLU B 851 2.06 47.86 24.06
N LEU B 852 2.48 48.12 22.84
CA LEU B 852 3.87 48.20 22.49
C LEU B 852 4.48 49.46 23.11
N THR B 853 5.61 49.33 23.77
CA THR B 853 6.36 50.48 24.27
C THR B 853 7.29 50.94 23.15
N PRO B 854 7.88 52.13 23.29
CA PRO B 854 8.89 52.52 22.29
C PRO B 854 10.08 51.53 22.19
N LEU B 855 10.50 50.96 23.32
CA LEU B 855 11.52 49.90 23.26
C LEU B 855 11.04 48.76 22.39
N GLY B 856 9.83 48.29 22.67
CA GLY B 856 9.26 47.15 21.93
C GLY B 856 9.16 47.41 20.44
N ARG B 857 8.80 48.66 20.08
CA ARG B 857 8.64 49.05 18.68
C ARG B 857 9.98 49.00 17.94
N LEU B 858 11.02 49.53 18.58
CA LEU B 858 12.38 49.49 18.06
C LEU B 858 12.88 48.04 17.91
N LEU B 859 12.67 47.22 18.95
CA LEU B 859 13.11 45.82 18.91
C LEU B 859 12.38 45.00 17.87
N ALA B 860 11.07 45.28 17.69
CA ALA B 860 10.29 44.62 16.60
C ALA B 860 10.90 44.89 15.22
N ARG B 861 11.61 46.01 15.07
CA ARG B 861 12.21 46.38 13.79
C ARG B 861 13.63 45.84 13.58
N LEU B 862 14.28 45.28 14.60
CA LEU B 862 15.65 44.78 14.40
C LEU B 862 15.60 43.30 14.11
N PRO B 863 16.43 42.82 13.16
CA PRO B 863 16.38 41.41 12.82
C PRO B 863 17.26 40.57 13.75
N ILE B 864 17.05 40.68 15.06
CA ILE B 864 17.76 39.89 16.06
C ILE B 864 16.79 39.63 17.20
N GLU B 865 17.11 38.64 18.02
CA GLU B 865 16.41 38.43 19.27
C GLU B 865 16.20 39.75 20.01
N PRO B 866 14.97 39.97 20.52
CA PRO B 866 14.69 41.21 21.29
C PRO B 866 15.68 41.47 22.43
N ARG B 867 16.09 40.43 23.13
CA ARG B 867 17.03 40.56 24.23
C ARG B 867 18.39 41.09 23.74
N LEU B 868 18.84 40.63 22.58
CA LEU B 868 20.02 41.21 21.94
C LEU B 868 19.78 42.65 21.45
N GLY B 869 18.57 42.94 20.98
CA GLY B 869 18.18 44.32 20.62
C GLY B 869 18.24 45.27 21.79
N LYS B 870 17.74 44.81 22.93
CA LYS B 870 17.75 45.60 24.14
C LYS B 870 19.19 45.89 24.60
N MET B 871 20.04 44.87 24.46
CA MET B 871 21.47 45.01 24.75
C MET B 871 22.10 46.08 23.85
N MET B 872 21.70 46.10 22.58
CA MET B 872 22.15 47.11 21.61
C MET B 872 21.83 48.52 22.01
N VAL B 873 20.61 48.73 22.52
CA VAL B 873 20.18 50.03 22.98
C VAL B 873 21.13 50.51 24.07
N LEU B 874 21.42 49.66 25.06
CA LEU B 874 22.36 50.07 26.08
C LEU B 874 23.73 50.26 25.48
N GLY B 875 24.12 49.41 24.56
CA GLY B 875 25.37 49.61 23.84
C GLY B 875 25.50 51.02 23.27
N ALA B 876 24.46 51.48 22.59
CA ALA B 876 24.43 52.82 22.02
C ALA B 876 24.65 53.85 23.12
N VAL B 877 23.92 53.73 24.23
CA VAL B 877 24.01 54.63 25.34
C VAL B 877 25.41 54.69 25.94
N PHE B 878 26.06 53.54 26.00
CA PHE B 878 27.39 53.43 26.56
C PHE B 878 28.51 53.71 25.53
N GLY B 879 28.17 54.07 24.29
CA GLY B 879 29.18 54.42 23.28
C GLY B 879 29.90 53.24 22.63
N CYS B 880 29.35 52.04 22.79
CA CYS B 880 30.01 50.83 22.30
C CYS B 880 29.09 50.00 21.40
N ALA B 881 28.20 50.69 20.68
CA ALA B 881 27.25 50.00 19.81
C ALA B 881 27.94 49.17 18.72
N ASP B 882 29.11 49.59 18.25
CA ASP B 882 29.82 48.87 17.19
C ASP B 882 30.21 47.47 17.69
N LEU B 883 30.85 47.42 18.84
CA LEU B 883 31.20 46.16 19.47
C LEU B 883 29.95 45.33 19.78
N MET B 884 28.88 45.97 20.29
CA MET B 884 27.66 45.23 20.63
C MET B 884 26.99 44.65 19.38
N ALA B 885 27.00 45.41 18.29
CA ALA B 885 26.38 44.95 17.03
C ALA B 885 27.09 43.68 16.50
N ILE B 886 28.42 43.71 16.49
CA ILE B 886 29.16 42.59 15.98
C ILE B 886 28.96 41.35 16.88
N MET B 887 28.87 41.54 18.19
CA MET B 887 28.59 40.45 19.10
C MET B 887 27.16 39.94 19.00
N ALA B 888 26.20 40.84 18.80
CA ALA B 888 24.80 40.44 18.53
C ALA B 888 24.69 39.64 17.23
N SER B 889 25.41 40.09 16.21
CA SER B 889 25.41 39.45 14.92
C SER B 889 26.00 38.04 15.01
N TYR B 890 27.17 37.91 15.65
CA TYR B 890 27.78 36.60 15.92
C TYR B 890 26.83 35.68 16.71
N SER B 891 26.11 36.25 17.68
CA SER B 891 25.08 35.53 18.43
C SER B 891 23.82 35.14 17.64
N SER B 892 23.65 35.66 16.43
CA SER B 892 22.42 35.48 15.63
C SER B 892 22.63 34.66 14.37
N THR B 893 23.76 33.96 14.27
CA THR B 893 24.02 33.13 13.11
C THR B 893 24.57 31.80 13.59
N PHE B 894 24.21 30.75 12.88
CA PHE B 894 24.75 29.42 13.15
C PHE B 894 26.02 29.19 12.38
N SER B 895 26.37 30.12 11.48
CA SER B 895 27.57 30.01 10.68
C SER B 895 28.79 30.11 11.63
N GLU B 896 29.74 29.21 11.49
CA GLU B 896 30.85 29.09 12.48
C GLU B 896 32.06 29.93 12.12
N VAL B 897 32.74 30.49 13.13
CA VAL B 897 33.89 31.39 12.91
C VAL B 897 35.16 30.66 12.54
N PHE B 898 35.46 29.61 13.28
CA PHE B 898 36.69 28.86 13.06
C PHE B 898 36.41 27.57 12.30
N SER B 899 37.30 27.21 11.38
CA SER B 899 37.22 25.92 10.74
C SER B 899 38.09 24.91 11.51
N LEU B 900 37.60 23.68 11.56
CA LEU B 900 38.38 22.52 12.03
C LEU B 900 38.82 21.67 10.82
N ASP B 901 40.15 21.52 10.65
CA ASP B 901 40.77 20.51 9.74
C ASP B 901 40.26 19.11 10.08
N ILE B 902 40.52 18.14 9.21
CA ILE B 902 40.10 16.75 9.48
C ILE B 902 40.83 16.18 10.71
N GLY B 903 40.05 15.60 11.62
CA GLY B 903 40.55 15.07 12.87
C GLY B 903 41.24 16.07 13.77
N GLN B 904 40.72 17.30 13.86
CA GLN B 904 41.09 18.17 14.98
C GLN B 904 39.98 18.29 16.05
N ARG B 905 40.31 17.92 17.29
CA ARG B 905 39.36 17.88 18.41
C ARG B 905 39.16 19.23 19.10
N ARG B 906 40.12 20.15 18.95
CA ARG B 906 40.14 21.44 19.65
C ARG B 906 40.54 22.53 18.68
N LEU B 907 40.40 23.80 19.07
CA LEU B 907 41.01 24.89 18.30
C LEU B 907 42.52 24.80 18.40
N ALA B 908 43.21 25.16 17.33
CA ALA B 908 44.66 25.29 17.34
C ALA B 908 45.06 26.52 18.13
N ASN B 909 46.34 26.61 18.46
CA ASN B 909 46.83 27.71 19.29
C ASN B 909 46.69 29.08 18.64
N HIS B 910 46.90 29.14 17.31
CA HIS B 910 46.80 30.43 16.57
C HIS B 910 45.37 30.93 16.53
N GLN B 911 44.39 30.04 16.64
CA GLN B 911 43.00 30.42 16.76
C GLN B 911 42.68 30.92 18.16
N LYS B 912 43.10 30.18 19.18
CA LYS B 912 42.93 30.57 20.60
C LYS B 912 43.58 31.88 20.93
N ALA B 913 44.72 32.15 20.30
CA ALA B 913 45.49 33.36 20.53
C ALA B 913 44.72 34.60 20.19
N LEU B 914 43.70 34.52 19.32
CA LEU B 914 42.86 35.69 19.02
C LEU B 914 42.08 36.21 20.25
N SER B 915 41.89 35.35 21.27
CA SER B 915 41.30 35.74 22.56
C SER B 915 42.29 36.53 23.45
N GLY B 916 43.59 36.41 23.17
CA GLY B 916 44.63 37.08 23.95
C GLY B 916 44.58 36.67 25.42
N THR B 917 44.42 37.65 26.30
CA THR B 917 44.30 37.42 27.74
C THR B 917 42.85 37.28 28.22
N LYS B 918 41.86 37.34 27.31
CA LYS B 918 40.46 37.63 27.72
C LYS B 918 39.57 36.43 28.02
N CYS B 919 40.02 35.24 27.64
CA CYS B 919 39.26 34.02 27.83
C CYS B 919 37.85 34.19 27.24
N SER B 920 37.81 34.58 25.97
CA SER B 920 36.59 35.04 25.37
C SER B 920 36.51 34.69 23.90
N ASP B 921 35.51 33.89 23.56
CA ASP B 921 35.16 33.61 22.17
C ASP B 921 34.73 34.87 21.42
N HIS B 922 34.04 35.74 22.12
CA HIS B 922 33.53 36.97 21.52
C HIS B 922 34.68 37.87 21.11
N VAL B 923 35.67 37.99 21.98
CA VAL B 923 36.88 38.75 21.68
C VAL B 923 37.65 38.14 20.51
N ALA B 924 37.81 36.81 20.53
CA ALA B 924 38.44 36.13 19.39
C ALA B 924 37.74 36.49 18.08
N MET B 925 36.41 36.44 18.09
CA MET B 925 35.62 36.77 16.90
C MET B 925 35.80 38.23 16.50
N ILE B 926 35.82 39.12 17.48
CA ILE B 926 36.06 40.55 17.23
C ILE B 926 37.44 40.79 16.59
N VAL B 927 38.47 40.18 17.17
CA VAL B 927 39.82 40.33 16.70
C VAL B 927 39.96 39.75 15.32
N ALA B 928 39.36 38.57 15.10
CA ALA B 928 39.35 37.94 13.78
C ALA B 928 38.72 38.89 12.73
N SER B 929 37.61 39.49 13.11
CA SER B 929 36.90 40.44 12.26
C SER B 929 37.70 41.69 11.92
N GLN B 930 38.35 42.27 12.91
CA GLN B 930 39.20 43.45 12.73
C GLN B 930 40.32 43.17 11.73
N MET B 931 40.96 42.01 11.85
CA MET B 931 42.02 41.66 10.92
C MET B 931 41.47 41.33 9.55
N TRP B 932 40.42 40.51 9.49
CA TRP B 932 39.80 40.09 8.25
C TRP B 932 39.37 41.30 7.42
N ARG B 933 38.76 42.27 8.10
CA ARG B 933 38.20 43.48 7.47
C ARG B 933 39.27 44.20 6.62
N ARG B 934 40.46 44.35 7.16
CA ARG B 934 41.56 45.00 6.44
C ARG B 934 42.02 44.14 5.26
N GLU B 935 42.03 42.82 5.43
CA GLU B 935 42.47 41.94 4.33
C GLU B 935 41.43 41.92 3.18
N LYS B 936 40.14 41.94 3.52
CA LYS B 936 39.08 42.04 2.53
C LYS B 936 39.26 43.26 1.61
N GLN B 937 39.70 44.38 2.17
CA GLN B 937 39.89 45.60 1.38
C GLN B 937 41.04 45.50 0.37
N ARG B 938 42.02 44.62 0.64
CA ARG B 938 43.17 44.41 -0.24
C ARG B 938 42.87 43.45 -1.39
N GLY B 939 41.70 42.81 -1.39
CA GLY B 939 41.32 41.97 -2.51
C GLY B 939 41.11 40.52 -2.15
N GLU B 940 40.54 39.77 -3.09
CA GLU B 940 40.20 38.36 -2.93
C GLU B 940 41.37 37.46 -2.46
N HIS B 941 42.51 37.54 -3.15
CA HIS B 941 43.66 36.69 -2.81
C HIS B 941 44.01 36.97 -1.36
N MET B 942 44.13 38.25 -1.00
CA MET B 942 44.50 38.59 0.36
C MET B 942 43.47 38.11 1.40
N GLU B 943 42.17 38.20 1.09
CA GLU B 943 41.12 37.80 2.03
C GLU B 943 41.20 36.30 2.29
N ALA B 944 41.28 35.55 1.19
CA ALA B 944 41.33 34.08 1.20
C ALA B 944 42.57 33.55 1.88
N ARG B 945 43.70 34.11 1.54
CA ARG B 945 44.95 33.75 2.18
C ARG B 945 44.86 33.96 3.69
N PHE B 946 44.26 35.07 4.12
CA PHE B 946 44.14 35.36 5.53
C PHE B 946 43.24 34.33 6.23
N CYS B 947 42.07 34.05 5.67
CA CYS B 947 41.17 33.09 6.27
C CYS B 947 41.78 31.66 6.35
N ASP B 948 42.49 31.24 5.30
CA ASP B 948 43.23 29.97 5.35
C ASP B 948 44.30 29.95 6.39
N TRP B 949 45.03 31.06 6.51
CA TRP B 949 46.13 31.14 7.45
C TRP B 949 45.67 31.03 8.91
N LYS B 950 44.56 31.70 9.23
CA LYS B 950 44.07 31.78 10.60
C LYS B 950 43.06 30.69 10.90
N GLY B 951 42.59 29.98 9.90
CA GLY B 951 41.56 28.99 10.07
C GLY B 951 40.21 29.61 10.37
N LEU B 952 39.86 30.65 9.60
CA LEU B 952 38.55 31.30 9.69
C LEU B 952 37.67 30.89 8.54
N GLN B 953 36.39 30.79 8.81
CA GLN B 953 35.41 30.48 7.79
C GLN B 953 35.02 31.81 7.12
N MET B 954 35.49 31.99 5.88
CA MET B 954 35.29 33.25 5.14
C MET B 954 33.84 33.70 5.08
N SER B 955 32.93 32.79 4.77
CA SER B 955 31.50 33.17 4.67
C SER B 955 30.93 33.67 6.01
N THR B 956 31.37 33.09 7.14
CA THR B 956 30.97 33.55 8.48
C THR B 956 31.44 34.97 8.75
N MET B 957 32.70 35.28 8.44
CA MET B 957 33.22 36.65 8.60
C MET B 957 32.32 37.64 7.82
N ASN B 958 31.95 37.28 6.59
CA ASN B 958 31.10 38.14 5.76
C ASN B 958 29.69 38.30 6.32
N VAL B 959 29.04 37.21 6.73
CA VAL B 959 27.66 37.29 7.25
C VAL B 959 27.63 38.03 8.60
N ILE B 960 28.62 37.82 9.46
CA ILE B 960 28.70 38.61 10.72
C ILE B 960 28.80 40.10 10.39
N TRP B 961 29.69 40.44 9.48
CA TRP B 961 29.92 41.82 9.10
C TRP B 961 28.66 42.48 8.51
N ASP B 962 28.06 41.81 7.53
CA ASP B 962 26.86 42.35 6.86
C ASP B 962 25.72 42.57 7.85
N ALA B 963 25.47 41.59 8.72
CA ALA B 963 24.42 41.74 9.72
C ALA B 963 24.73 42.85 10.72
N LYS B 964 25.99 42.97 11.07
CA LYS B 964 26.42 43.99 12.03
C LYS B 964 26.18 45.39 11.42
N GLN B 965 26.55 45.55 10.16
CA GLN B 965 26.39 46.84 9.49
C GLN B 965 24.92 47.19 9.35
N GLN B 966 24.11 46.19 9.03
CA GLN B 966 22.69 46.37 8.95
C GLN B 966 22.11 46.85 10.28
N LEU B 967 22.54 46.24 11.39
CA LEU B 967 22.04 46.63 12.70
C LEU B 967 22.36 48.08 13.01
N LEU B 968 23.60 48.50 12.71
CA LEU B 968 24.01 49.87 12.93
C LEU B 968 23.23 50.86 12.06
N ASP B 969 23.05 50.53 10.79
CA ASP B 969 22.22 51.36 9.88
C ASP B 969 20.80 51.53 10.43
N LEU B 970 20.19 50.43 10.89
CA LEU B 970 18.85 50.48 11.46
C LEU B 970 18.80 51.36 12.70
N LEU B 971 19.82 51.27 13.55
CA LEU B 971 19.89 52.14 14.73
C LEU B 971 20.01 53.62 14.32
N GLN B 972 20.82 53.90 13.29
CA GLN B 972 20.93 55.27 12.75
C GLN B 972 19.57 55.73 12.22
N GLN B 973 18.87 54.89 11.46
CA GLN B 973 17.53 55.23 11.01
C GLN B 973 16.55 55.50 12.14
N ALA B 974 16.65 54.79 13.27
CA ALA B 974 15.81 55.06 14.44
C ALA B 974 16.18 56.34 15.18
N GLY B 975 17.29 56.98 14.80
CA GLY B 975 17.69 58.29 15.33
C GLY B 975 18.91 58.30 16.20
N PHE B 976 19.50 57.13 16.50
CA PHE B 976 20.71 57.07 17.35
C PHE B 976 21.90 57.71 16.60
N PRO B 977 22.73 58.51 17.28
CA PRO B 977 23.77 59.26 16.60
C PRO B 977 24.96 58.40 16.19
N GLU B 978 25.60 58.76 15.07
CA GLU B 978 26.83 58.11 14.55
C GLU B 978 27.93 57.97 15.61
N GLU B 979 28.01 58.98 16.48
CA GLU B 979 29.01 59.04 17.54
C GLU B 979 28.94 57.88 18.54
N CYS B 980 27.77 57.24 18.70
CA CYS B 980 27.66 56.13 19.67
C CYS B 980 28.13 54.80 19.10
N MET B 981 28.50 54.78 17.82
CA MET B 981 28.84 53.56 17.09
C MET B 981 30.15 53.70 16.29
N ILE B 982 31.05 54.51 16.83
CA ILE B 982 32.44 54.65 16.38
C ILE B 982 33.19 53.32 16.65
N SER B 983 33.97 52.89 15.66
CA SER B 983 34.82 51.71 15.80
C SER B 983 35.84 51.93 16.90
N HIS B 984 35.97 50.93 17.76
CA HIS B 984 36.97 50.88 18.81
C HIS B 984 37.74 49.60 18.52
N GLU B 985 39.01 49.71 18.14
CA GLU B 985 39.84 48.52 17.84
C GLU B 985 40.21 47.87 19.17
N VAL B 986 39.87 46.59 19.33
CA VAL B 986 40.18 45.87 20.57
C VAL B 986 41.62 45.36 20.49
N ASP B 987 42.40 45.63 21.54
CA ASP B 987 43.72 45.02 21.70
C ASP B 987 43.63 43.86 22.71
N GLU B 988 43.46 42.64 22.18
CA GLU B 988 43.36 41.41 23.00
C GLU B 988 44.57 41.12 23.88
N ARG B 989 45.73 41.66 23.51
CA ARG B 989 46.99 41.42 24.25
C ARG B 989 47.12 42.17 25.57
N ILE B 990 46.28 43.18 25.80
CA ILE B 990 46.25 43.91 27.09
C ILE B 990 45.85 42.97 28.22
N ASP B 991 46.72 42.86 29.23
CA ASP B 991 46.48 42.02 30.39
C ASP B 991 45.98 42.90 31.52
N GLY B 992 44.69 43.02 31.68
CA GLY B 992 44.12 43.82 32.75
C GLY B 992 42.90 44.55 32.26
N ASP B 993 42.60 45.68 32.90
CA ASP B 993 41.39 46.45 32.63
C ASP B 993 41.42 47.10 31.26
N ASP B 994 40.25 47.20 30.63
CA ASP B 994 40.09 47.85 29.32
C ASP B 994 38.64 48.36 29.27
N PRO B 995 38.41 49.64 29.66
CA PRO B 995 37.05 50.10 29.96
C PRO B 995 35.98 49.85 28.89
N VAL B 996 36.31 50.09 27.63
CA VAL B 996 35.33 49.93 26.55
C VAL B 996 35.01 48.45 26.32
N LEU B 997 36.03 47.63 26.22
CA LEU B 997 35.80 46.19 26.12
C LEU B 997 35.04 45.64 27.34
N ASP B 998 35.43 46.05 28.55
CA ASP B 998 34.86 45.50 29.80
C ASP B 998 33.35 45.73 29.92
N VAL B 999 32.89 46.95 29.61
CA VAL B 999 31.47 47.22 29.62
C VAL B 999 30.73 46.48 28.49
N SER B 1000 31.39 46.34 27.35
CA SER B 1000 30.87 45.59 26.21
C SER B 1000 30.61 44.11 26.56
N LEU B 1001 31.58 43.45 27.18
CA LEU B 1001 31.39 42.09 27.64
C LEU B 1001 30.38 42.01 28.78
N ALA B 1002 30.37 42.99 29.68
CA ALA B 1002 29.33 43.05 30.74
C ALA B 1002 27.91 43.06 30.15
N LEU B 1003 27.72 43.87 29.10
CA LEU B 1003 26.41 43.98 28.49
C LEU B 1003 25.94 42.66 27.86
N LEU B 1004 26.89 41.78 27.49
CA LEU B 1004 26.54 40.43 27.02
C LEU B 1004 25.74 39.67 28.05
N CYS B 1005 26.00 39.93 29.33
CA CYS B 1005 25.24 39.24 30.36
C CYS B 1005 23.75 39.57 30.30
N LEU B 1006 23.42 40.77 29.84
CA LEU B 1006 22.03 41.17 29.58
C LEU B 1006 21.53 40.51 28.30
N GLY B 1007 22.27 40.64 27.21
CA GLY B 1007 21.80 40.14 25.92
C GLY B 1007 21.65 38.63 25.83
N LEU B 1008 22.48 37.90 26.57
CA LEU B 1008 22.48 36.44 26.58
C LEU B 1008 21.88 35.82 27.83
N TYR B 1009 21.35 36.65 28.74
CA TYR B 1009 20.67 36.14 29.92
C TYR B 1009 19.61 35.12 29.47
N PRO B 1010 19.46 33.94 30.11
CA PRO B 1010 20.02 33.57 31.41
C PRO B 1010 21.26 32.65 31.33
N ASN B 1011 22.01 32.74 30.24
CA ASN B 1011 23.17 31.88 30.06
C ASN B 1011 24.45 32.34 30.78
N ILE B 1012 24.50 32.08 32.08
CA ILE B 1012 25.71 32.27 32.90
C ILE B 1012 26.07 30.90 33.47
N CYS B 1013 27.32 30.51 33.33
CA CYS B 1013 27.79 29.29 33.97
C CYS B 1013 28.98 29.58 34.84
N VAL B 1014 29.34 28.58 35.65
CA VAL B 1014 30.45 28.67 36.59
C VAL B 1014 31.38 27.51 36.30
N HIS B 1015 32.66 27.82 36.12
CA HIS B 1015 33.65 26.81 35.82
C HIS B 1015 33.87 25.95 37.06
N LYS B 1016 33.90 24.62 36.88
CA LYS B 1016 34.15 23.69 37.99
C LYS B 1016 35.58 23.16 37.91
N GLU B 1017 35.92 22.50 36.80
CA GLU B 1017 37.29 22.03 36.54
C GLU B 1017 37.36 21.54 35.10
N LYS B 1018 38.52 21.72 34.48
CA LYS B 1018 38.80 21.26 33.13
C LYS B 1018 37.69 21.80 32.17
N ARG B 1019 36.98 20.94 31.44
CA ARG B 1019 35.86 21.35 30.61
C ARG B 1019 34.53 21.45 31.36
N LYS B 1020 34.46 20.98 32.62
CA LYS B 1020 33.20 20.94 33.33
C LYS B 1020 32.80 22.29 33.91
N VAL B 1021 31.53 22.63 33.73
CA VAL B 1021 30.96 23.85 34.28
C VAL B 1021 29.62 23.46 34.87
N LEU B 1022 29.01 24.41 35.58
CA LEU B 1022 27.67 24.27 36.11
C LEU B 1022 26.81 25.40 35.54
N THR B 1023 25.62 25.04 35.06
CA THR B 1023 24.61 25.99 34.67
C THR B 1023 23.57 26.12 35.78
N THR B 1024 22.55 26.95 35.55
CA THR B 1024 21.51 27.29 36.55
C THR B 1024 21.11 26.11 37.44
N GLU B 1025 21.16 26.32 38.76
CA GLU B 1025 20.87 25.33 39.81
C GLU B 1025 21.81 24.13 39.77
N SER B 1026 23.07 24.39 39.43
CA SER B 1026 24.14 23.39 39.43
C SER B 1026 23.90 22.14 38.57
N LYS B 1027 23.37 22.32 37.36
CA LYS B 1027 23.29 21.23 36.37
C LYS B 1027 24.60 21.18 35.59
N ALA B 1028 25.06 19.98 35.29
CA ALA B 1028 26.38 19.78 34.68
C ALA B 1028 26.34 20.15 33.20
N ALA B 1029 27.46 20.68 32.72
CA ALA B 1029 27.65 20.92 31.28
C ALA B 1029 29.12 21.01 30.98
N LEU B 1030 29.43 21.04 29.68
CA LEU B 1030 30.80 21.11 29.20
C LEU B 1030 31.06 22.36 28.39
N LEU B 1031 32.28 22.86 28.42
CA LEU B 1031 32.68 23.90 27.48
C LEU B 1031 32.74 23.24 26.09
N HIS B 1032 32.09 23.87 25.12
CA HIS B 1032 32.06 23.33 23.78
C HIS B 1032 33.50 23.20 23.25
N LYS B 1033 33.74 22.15 22.47
CA LYS B 1033 35.09 21.85 21.92
C LYS B 1033 35.69 22.95 21.03
N THR B 1034 34.82 23.82 20.56
CA THR B 1034 35.12 24.83 19.63
C THR B 1034 35.47 26.16 20.38
N SER B 1035 35.31 26.20 21.71
CA SER B 1035 35.61 27.41 22.48
C SER B 1035 37.11 27.62 22.64
N VAL B 1036 37.53 28.87 22.62
CA VAL B 1036 38.90 29.23 23.01
C VAL B 1036 39.16 28.84 24.47
N ASN B 1037 38.12 28.66 25.27
CA ASN B 1037 38.29 28.30 26.68
C ASN B 1037 38.34 26.80 26.97
N CYS B 1038 38.18 25.97 25.95
CA CYS B 1038 38.11 24.53 26.10
C CYS B 1038 39.49 23.96 26.17
N SER B 1039 39.76 23.24 27.24
CA SER B 1039 41.01 22.51 27.40
C SER B 1039 40.75 21.23 28.23
N ASN B 1040 41.45 20.15 27.88
CA ASN B 1040 41.42 18.95 28.71
C ASN B 1040 42.37 19.05 29.89
N LEU B 1041 43.32 19.98 29.83
CA LEU B 1041 44.24 20.26 30.93
C LEU B 1041 43.53 21.02 32.06
N ALA B 1042 44.14 21.02 33.25
CA ALA B 1042 43.51 21.50 34.48
C ALA B 1042 43.63 23.02 34.66
N VAL B 1043 43.03 23.73 33.72
CA VAL B 1043 43.06 25.19 33.69
C VAL B 1043 42.29 25.84 34.87
N THR B 1044 42.77 27.00 35.32
CA THR B 1044 42.02 27.88 36.23
C THR B 1044 41.90 29.23 35.57
N PHE B 1045 40.73 29.85 35.69
CA PHE B 1045 40.47 31.13 35.04
C PHE B 1045 40.50 32.25 36.06
N PRO B 1046 40.90 33.46 35.64
CA PRO B 1046 40.91 34.59 36.58
C PRO B 1046 39.57 34.80 37.31
N TYR B 1047 38.45 34.65 36.59
CA TYR B 1047 37.11 34.57 37.22
C TYR B 1047 36.41 33.29 36.71
N PRO B 1048 35.55 32.68 37.54
CA PRO B 1048 34.93 31.43 37.11
C PRO B 1048 33.63 31.59 36.30
N PHE B 1049 33.16 32.83 36.12
CA PHE B 1049 31.86 33.05 35.53
C PHE B 1049 32.04 33.21 34.04
N PHE B 1050 31.16 32.54 33.27
CA PHE B 1050 31.11 32.70 31.83
C PHE B 1050 29.70 33.02 31.35
N VAL B 1051 29.58 34.04 30.51
CA VAL B 1051 28.36 34.25 29.74
C VAL B 1051 28.45 33.45 28.43
N PHE B 1052 27.33 32.92 27.95
CA PHE B 1052 27.41 32.08 26.76
C PHE B 1052 26.19 32.19 25.86
N GLY B 1053 26.41 31.94 24.58
CA GLY B 1053 25.39 32.13 23.59
C GLY B 1053 24.35 31.04 23.58
N GLU B 1054 24.76 29.80 23.76
CA GLU B 1054 23.88 28.68 23.44
C GLU B 1054 24.18 27.51 24.37
N LYS B 1055 23.12 26.91 24.90
CA LYS B 1055 23.21 25.68 25.70
C LYS B 1055 22.70 24.54 24.80
N ILE B 1056 23.62 23.71 24.32
CA ILE B 1056 23.33 22.73 23.27
C ILE B 1056 23.30 21.34 23.86
N ARG B 1057 22.30 20.56 23.46
CA ARG B 1057 22.20 19.16 23.89
C ARG B 1057 22.75 18.22 22.85
N THR B 1058 23.79 17.49 23.23
CA THR B 1058 24.53 16.49 22.43
C THR B 1058 24.43 15.18 23.26
N ARG B 1059 25.43 14.30 23.25
CA ARG B 1059 25.64 13.31 24.33
C ARG B 1059 25.85 13.98 25.69
N ALA B 1060 26.40 15.19 25.70
CA ALA B 1060 26.41 16.03 26.91
C ALA B 1060 25.74 17.36 26.63
N VAL B 1061 25.49 18.12 27.68
CA VAL B 1061 25.06 19.51 27.53
C VAL B 1061 26.33 20.33 27.37
N SER B 1062 26.35 21.18 26.35
CA SER B 1062 27.51 22.03 26.04
C SER B 1062 27.13 23.48 26.07
N CYS B 1063 28.01 24.30 26.62
CA CYS B 1063 27.88 25.77 26.51
C CYS B 1063 28.78 26.29 25.40
N LYS B 1064 28.21 27.10 24.52
CA LYS B 1064 28.90 27.52 23.32
C LYS B 1064 28.83 29.04 23.15
N GLN B 1065 29.92 29.61 22.63
CA GLN B 1065 30.17 31.04 22.54
C GLN B 1065 30.32 31.68 23.93
N LEU B 1066 31.51 31.54 24.50
CA LEU B 1066 31.71 31.86 25.91
C LEU B 1066 32.62 33.07 26.11
N SER B 1067 32.24 33.95 27.01
CA SER B 1067 33.16 34.99 27.54
C SER B 1067 33.24 34.94 29.07
N MET B 1068 34.46 34.92 29.58
CA MET B 1068 34.69 35.12 31.00
C MET B 1068 34.19 36.51 31.42
N VAL B 1069 33.44 36.55 32.51
CA VAL B 1069 32.91 37.81 33.05
C VAL B 1069 33.21 37.94 34.54
N SER B 1070 33.32 39.19 35.00
CA SER B 1070 33.68 39.49 36.42
C SER B 1070 32.39 39.46 37.29
N PRO B 1071 32.54 39.26 38.63
CA PRO B 1071 31.33 39.06 39.46
C PRO B 1071 30.32 40.19 39.40
N LEU B 1072 30.80 41.43 39.38
CA LEU B 1072 29.88 42.56 39.31
C LEU B 1072 29.13 42.66 37.99
N GLN B 1073 29.78 42.22 36.91
CA GLN B 1073 29.13 42.21 35.59
C GLN B 1073 27.91 41.27 35.67
N VAL B 1074 28.08 40.12 36.34
CA VAL B 1074 26.99 39.15 36.57
C VAL B 1074 25.91 39.71 37.48
N ILE B 1075 26.31 40.28 38.60
CA ILE B 1075 25.32 40.82 39.57
C ILE B 1075 24.47 41.96 38.98
N LEU B 1076 25.10 42.84 38.21
CA LEU B 1076 24.40 43.96 37.64
C LEU B 1076 23.58 43.57 36.40
N PHE B 1077 24.23 42.96 35.42
CA PHE B 1077 23.60 42.72 34.12
C PHE B 1077 23.15 41.30 33.88
N GLY B 1078 23.64 40.35 34.68
CA GLY B 1078 23.34 38.92 34.49
C GLY B 1078 22.42 38.28 35.53
N SER B 1079 21.47 39.06 36.06
CA SER B 1079 20.63 38.64 37.19
C SER B 1079 19.23 39.21 37.09
N ARG B 1080 18.25 38.47 37.59
CA ARG B 1080 16.91 39.00 37.84
C ARG B 1080 16.65 39.23 39.31
N LYS B 1081 17.10 38.31 40.16
CA LYS B 1081 16.98 38.42 41.62
C LYS B 1081 18.34 38.56 42.31
N ILE B 1082 18.39 39.47 43.27
CA ILE B 1082 19.53 39.60 44.15
C ILE B 1082 18.94 39.54 45.54
N ASP B 1083 19.09 38.38 46.21
CA ASP B 1083 18.48 38.11 47.51
C ASP B 1083 19.52 37.94 48.62
N LEU B 1084 19.11 38.20 49.86
CA LEU B 1084 19.92 37.94 51.03
C LEU B 1084 19.50 36.58 51.57
N ALA B 1085 20.45 35.66 51.63
CA ALA B 1085 20.25 34.33 52.17
C ALA B 1085 20.78 34.32 53.59
N ALA B 1086 20.64 33.18 54.25
CA ALA B 1086 21.24 32.92 55.56
C ALA B 1086 22.73 33.25 55.61
N ASN B 1087 23.19 33.61 56.80
CA ASN B 1087 24.59 33.95 57.09
C ASN B 1087 25.17 35.08 56.24
N ASN B 1088 24.34 36.07 55.94
CA ASN B 1088 24.73 37.24 55.14
C ASN B 1088 25.29 36.94 53.72
N ILE B 1089 24.94 35.78 53.18
CA ILE B 1089 25.35 35.42 51.81
C ILE B 1089 24.29 36.00 50.88
N VAL B 1090 24.75 36.67 49.84
CA VAL B 1090 23.82 37.25 48.87
C VAL B 1090 23.77 36.26 47.70
N ARG B 1091 22.56 35.88 47.33
CA ARG B 1091 22.32 34.87 46.34
C ARG B 1091 21.63 35.48 45.12
N VAL B 1092 22.19 35.19 43.95
CA VAL B 1092 21.70 35.69 42.68
C VAL B 1092 20.99 34.55 41.97
N ASP B 1093 19.76 34.84 41.53
CA ASP B 1093 18.91 33.89 40.78
C ASP B 1093 18.83 32.51 41.42
N ASN B 1094 18.81 32.48 42.76
CA ASN B 1094 18.71 31.25 43.54
C ASN B 1094 19.81 30.19 43.37
N TRP B 1095 20.99 30.58 42.88
CA TRP B 1095 22.13 29.65 42.83
C TRP B 1095 23.56 30.21 42.86
N LEU B 1096 23.80 31.47 42.50
CA LEU B 1096 25.15 32.02 42.57
C LEU B 1096 25.28 32.75 43.89
N ASN B 1097 26.21 32.28 44.72
CA ASN B 1097 26.39 32.85 46.04
C ASN B 1097 27.62 33.75 46.07
N PHE B 1098 27.45 34.91 46.72
CA PHE B 1098 28.48 35.93 46.78
C PHE B 1098 28.68 36.36 48.23
N ASP B 1099 29.95 36.47 48.61
CA ASP B 1099 30.35 37.09 49.85
C ASP B 1099 30.66 38.54 49.54
N ILE B 1100 29.64 39.37 49.70
CA ILE B 1100 29.71 40.79 49.43
C ILE B 1100 28.79 41.43 50.49
N GLU B 1101 29.08 42.67 50.87
CA GLU B 1101 28.30 43.35 51.91
C GLU B 1101 26.85 43.42 51.45
N PRO B 1102 25.88 42.87 52.23
CA PRO B 1102 24.48 42.88 51.72
C PRO B 1102 23.91 44.27 51.38
N GLU B 1103 24.26 45.27 52.18
CA GLU B 1103 23.89 46.66 51.90
C GLU B 1103 24.41 47.11 50.53
N LEU B 1104 25.64 46.73 50.21
CA LEU B 1104 26.27 47.12 48.96
C LEU B 1104 25.57 46.42 47.78
N ALA B 1105 25.25 45.13 47.95
CA ALA B 1105 24.46 44.40 46.97
C ALA B 1105 23.10 45.03 46.71
N ALA B 1106 22.46 45.51 47.77
CA ALA B 1106 21.19 46.25 47.62
C ALA B 1106 21.36 47.54 46.80
N LYS B 1107 22.45 48.26 47.05
CA LYS B 1107 22.75 49.50 46.32
C LYS B 1107 23.00 49.23 44.83
N ILE B 1108 23.78 48.20 44.55
CA ILE B 1108 24.05 47.81 43.17
C ILE B 1108 22.75 47.34 42.53
N GLY B 1109 21.97 46.55 43.27
CA GLY B 1109 20.67 46.09 42.80
C GLY B 1109 19.72 47.24 42.47
N ALA B 1110 19.76 48.32 43.26
CA ALA B 1110 18.91 49.50 42.99
C ALA B 1110 19.22 50.18 41.65
N LEU B 1111 20.41 49.95 41.10
CA LEU B 1111 20.75 50.47 39.78
C LEU B 1111 20.03 49.79 38.63
N LYS B 1112 19.52 48.57 38.84
CA LYS B 1112 18.91 47.78 37.76
C LYS B 1112 17.60 48.37 37.23
N PRO B 1113 16.69 48.78 38.14
CA PRO B 1113 15.52 49.55 37.66
C PRO B 1113 15.89 50.89 37.02
N ALA B 1114 16.96 51.52 37.49
CA ALA B 1114 17.44 52.78 36.89
C ALA B 1114 17.88 52.57 35.45
N LEU B 1115 18.62 51.48 35.23
CA LEU B 1115 19.04 51.09 33.90
C LEU B 1115 17.88 50.84 32.96
N GLU B 1116 16.78 50.25 33.46
CA GLU B 1116 15.55 50.11 32.66
C GLU B 1116 14.94 51.47 32.30
N ASP B 1117 14.90 52.36 33.28
CA ASP B 1117 14.43 53.73 33.03
C ASP B 1117 15.33 54.44 32.01
N LEU B 1118 16.64 54.19 32.09
CA LEU B 1118 17.58 54.71 31.10
C LEU B 1118 17.22 54.26 29.68
N ILE B 1119 16.88 52.98 29.55
CA ILE B 1119 16.50 52.43 28.24
C ILE B 1119 15.23 53.16 27.74
N THR B 1120 14.27 53.35 28.63
CA THR B 1120 13.06 54.12 28.27
C THR B 1120 13.44 55.54 27.81
N VAL B 1121 14.32 56.20 28.55
CA VAL B 1121 14.79 57.54 28.19
C VAL B 1121 15.44 57.53 26.81
N ALA B 1122 16.26 56.52 26.54
CA ALA B 1122 16.95 56.39 25.24
C ALA B 1122 16.01 56.16 24.10
N CYS B 1123 15.03 55.28 24.31
CA CYS B 1123 14.10 54.95 23.24
C CYS B 1123 13.10 56.10 22.99
N ASP B 1124 12.78 56.89 24.00
CA ASP B 1124 11.94 58.10 23.82
C ASP B 1124 12.61 59.14 22.94
N ASN B 1125 13.93 59.24 23.02
CA ASN B 1125 14.72 60.24 22.32
C ASN B 1125 16.09 59.71 21.88
N PRO B 1126 16.12 58.88 20.83
CA PRO B 1126 17.41 58.28 20.42
C PRO B 1126 18.50 59.31 20.10
N SER B 1127 18.12 60.47 19.56
CA SER B 1127 19.10 61.51 19.18
C SER B 1127 19.87 62.10 20.34
N ASP B 1128 19.34 62.01 21.55
CA ASP B 1128 19.93 62.67 22.71
C ASP B 1128 20.69 61.78 23.67
N ILE B 1129 20.95 60.53 23.30
CA ILE B 1129 21.52 59.56 24.25
C ILE B 1129 22.94 59.89 24.73
N LEU B 1130 23.69 60.67 23.96
CA LEU B 1130 25.02 61.12 24.38
C LEU B 1130 25.02 62.52 25.04
N ARG B 1131 23.86 63.10 25.27
CA ARG B 1131 23.76 64.29 26.12
C ARG B 1131 22.55 64.11 27.05
N LEU B 1132 22.74 63.22 28.00
CA LEU B 1132 21.73 62.88 29.00
C LEU B 1132 21.64 63.94 30.09
N GLU B 1133 20.44 64.09 30.65
CA GLU B 1133 20.29 64.83 31.90
C GLU B 1133 21.23 64.22 32.93
N GLU B 1134 21.75 65.07 33.80
CA GLU B 1134 22.91 64.76 34.65
C GLU B 1134 22.78 63.50 35.53
N PRO B 1135 21.60 63.24 36.12
CA PRO B 1135 21.49 62.04 36.96
C PRO B 1135 21.64 60.74 36.17
N TYR B 1136 21.16 60.74 34.93
CA TYR B 1136 21.37 59.60 34.04
C TYR B 1136 22.80 59.54 33.49
N ALA B 1137 23.42 60.69 33.20
CA ALA B 1137 24.83 60.68 32.76
C ALA B 1137 25.77 60.09 33.83
N GLN B 1138 25.47 60.37 35.10
CA GLN B 1138 26.25 59.81 36.22
C GLN B 1138 25.97 58.33 36.42
N LEU B 1139 24.74 57.90 36.17
CA LEU B 1139 24.44 56.45 36.16
C LEU B 1139 25.31 55.71 35.12
N VAL B 1140 25.36 56.25 33.91
CA VAL B 1140 26.21 55.69 32.85
C VAL B 1140 27.68 55.60 33.29
N LYS B 1141 28.19 56.65 33.92
CA LYS B 1141 29.58 56.66 34.42
C LYS B 1141 29.86 55.62 35.49
N VAL B 1142 29.01 55.51 36.51
CA VAL B 1142 29.26 54.56 37.60
C VAL B 1142 29.12 53.11 37.12
N VAL B 1143 28.25 52.89 36.13
CA VAL B 1143 28.05 51.55 35.58
C VAL B 1143 29.27 51.14 34.76
N LYS B 1144 29.83 52.07 33.99
CA LYS B 1144 31.13 51.85 33.34
C LYS B 1144 32.22 51.49 34.36
N ASP B 1145 32.28 52.23 35.46
CA ASP B 1145 33.23 51.90 36.56
C ASP B 1145 33.00 50.51 37.15
N LEU B 1146 31.73 50.19 37.41
CA LEU B 1146 31.36 48.88 37.97
C LEU B 1146 31.73 47.70 37.07
N CYS B 1147 31.69 47.94 35.77
CA CYS B 1147 31.97 46.92 34.76
C CYS B 1147 33.44 46.75 34.43
N VAL B 1148 34.31 47.64 34.91
CA VAL B 1148 35.76 47.48 34.75
C VAL B 1148 36.12 46.10 35.31
N LYS B 1149 36.98 45.37 34.61
CA LYS B 1149 37.30 43.95 34.94
C LYS B 1149 37.61 43.71 36.42
N SER B 1150 38.49 44.54 36.98
CA SER B 1150 38.94 44.39 38.38
C SER B 1150 38.06 45.09 39.43
N ALA B 1151 36.93 45.67 39.05
CA ALA B 1151 36.19 46.52 40.00
C ALA B 1151 35.69 45.78 41.24
N GLY B 1152 35.56 44.46 41.17
CA GLY B 1152 35.11 43.66 42.31
C GLY B 1152 36.22 42.98 43.09
N ASP B 1153 37.46 43.39 42.84
CA ASP B 1153 38.64 42.75 43.41
C ASP B 1153 39.39 43.62 44.45
N PHE B 1154 38.76 44.65 45.01
CA PHE B 1154 39.44 45.58 45.91
C PHE B 1154 39.99 44.86 47.15
N GLY B 1155 41.32 44.88 47.27
CA GLY B 1155 42.02 44.22 48.39
C GLY B 1155 41.91 42.72 48.40
N LEU B 1156 41.60 42.12 47.24
CA LEU B 1156 41.42 40.67 47.13
C LEU B 1156 42.44 40.08 46.19
N GLN B 1157 42.89 38.87 46.52
CA GLN B 1157 43.75 38.08 45.65
C GLN B 1157 42.93 36.98 44.97
N ARG B 1158 43.05 36.94 43.65
CA ARG B 1158 42.32 35.97 42.82
C ARG B 1158 43.25 34.82 42.50
#